data_3R9L
# 
_entry.id   3R9L 
# 
_audit_conform.dict_name       mmcif_pdbx.dic 
_audit_conform.dict_version    5.379 
_audit_conform.dict_location   http://mmcif.pdb.org/dictionaries/ascii/mmcif_pdbx.dic 
# 
loop_
_database_2.database_id 
_database_2.database_code 
_database_2.pdbx_database_accession 
_database_2.pdbx_DOI 
PDB   3R9L         pdb_00003r9l 10.2210/pdb3r9l/pdb 
RCSB  RCSB064661   ?            ?                   
WWPDB D_1000064661 ?            ?                   
# 
_pdbx_database_related.db_name        TargetDB 
_pdbx_database_related.db_id          GilaA.00438.a 
_pdbx_database_related.details        . 
_pdbx_database_related.content_type   unspecified 
# 
_pdbx_database_status.entry_id                        3R9L 
_pdbx_database_status.deposit_site                    RCSB 
_pdbx_database_status.process_site                    RCSB 
_pdbx_database_status.recvd_initial_deposition_date   2011-03-25 
_pdbx_database_status.status_code                     REL 
_pdbx_database_status.status_code_sf                  REL 
_pdbx_database_status.status_code_mr                  ? 
_pdbx_database_status.SG_entry                        Y 
_pdbx_database_status.status_code_cs                  ? 
_pdbx_database_status.pdb_format_compatible           Y 
_pdbx_database_status.status_code_nmr_data            ? 
_pdbx_database_status.methods_development_category    ? 
# 
_audit_author.name           'Seattle Structural Genomics Center for Infectious Disease (SSGCID)' 
_audit_author.pdbx_ordinal   1 
# 
_citation.id                        primary 
_citation.title                     
'Crystal structure of nucleoside diphosphate kinase from Giardia lamblia featuring a disordered dinucleotide binding site' 
_citation.journal_abbrev            'To be Published' 
_citation.journal_volume            ? 
_citation.page_first                ? 
_citation.page_last                 ? 
_citation.year                      ? 
_citation.journal_id_ASTM           ? 
_citation.country                   ? 
_citation.journal_id_ISSN           ? 
_citation.journal_id_CSD            0353 
_citation.book_publisher            ? 
_citation.pdbx_database_id_PubMed   ? 
_citation.pdbx_database_id_DOI      ? 
# 
loop_
_citation_author.citation_id 
_citation_author.name 
_citation_author.ordinal 
_citation_author.identifier_ORCID 
primary 'Edwards, T.E.'                                                      1 ? 
primary 'Gardberg, A.S.'                                                     2 ? 
primary 'Sankaran, B.'                                                       3 ? 
primary 'Seattle Structural Genomics Center for Infectious Disease (SSGCID)' 4 ? 
# 
_cell.length_a           116.960 
_cell.length_b           116.960 
_cell.length_c           62.690 
_cell.angle_alpha        90.000 
_cell.angle_beta         90.000 
_cell.angle_gamma        120.000 
_cell.entry_id           3R9L 
_cell.pdbx_unique_axis   ? 
_cell.Z_PDB              12 
_cell.length_a_esd       ? 
_cell.length_b_esd       ? 
_cell.length_c_esd       ? 
_cell.angle_alpha_esd    ? 
_cell.angle_beta_esd     ? 
_cell.angle_gamma_esd    ? 
# 
_symmetry.space_group_name_H-M             'P 63 2 2' 
_symmetry.entry_id                         3R9L 
_symmetry.Int_Tables_number                182 
_symmetry.pdbx_full_space_group_name_H-M   ? 
_symmetry.cell_setting                     ? 
_symmetry.space_group_name_Hall            ? 
# 
loop_
_entity.id 
_entity.type 
_entity.src_method 
_entity.pdbx_description 
_entity.formula_weight 
_entity.pdbx_number_of_molecules 
_entity.pdbx_ec 
_entity.pdbx_mutation 
_entity.pdbx_fragment 
_entity.details 
1 polymer     man 'Nucleoside diphosphate kinase' 17114.713 1  2.7.4.6 ? ? ? 
2 non-polymer syn 'CHLORIDE ION'                  35.453    1  ?       ? ? ? 
3 water       nat water                           18.015    13 ?       ? ? ? 
# 
_entity_poly.entity_id                      1 
_entity_poly.type                           'polypeptide(L)' 
_entity_poly.nstd_linkage                   no 
_entity_poly.nstd_monomer                   no 
_entity_poly.pdbx_seq_one_letter_code       
;GPGSMARERTFLMVKPDGVQRGLVGEIISRFERRGFKLVAMKFFVPSKNLVEEHYKEHAARPFFAGLCKFLSSGPVCAMV
WEGANVVSISRTMMGVTKPAESAPGTIRGDFGIDVGRNIIHGSANLDDAAREIALWFKPEEVASWSCSLESHIYE
;
_entity_poly.pdbx_seq_one_letter_code_can   
;GPGSMARERTFLMVKPDGVQRGLVGEIISRFERRGFKLVAMKFFVPSKNLVEEHYKEHAARPFFAGLCKFLSSGPVCAMV
WEGANVVSISRTMMGVTKPAESAPGTIRGDFGIDVGRNIIHGSANLDDAAREIALWFKPEEVASWSCSLESHIYE
;
_entity_poly.pdbx_strand_id                 A 
_entity_poly.pdbx_target_identifier         GilaA.00438.a 
# 
loop_
_entity_poly_seq.entity_id 
_entity_poly_seq.num 
_entity_poly_seq.mon_id 
_entity_poly_seq.hetero 
1 1   GLY n 
1 2   PRO n 
1 3   GLY n 
1 4   SER n 
1 5   MET n 
1 6   ALA n 
1 7   ARG n 
1 8   GLU n 
1 9   ARG n 
1 10  THR n 
1 11  PHE n 
1 12  LEU n 
1 13  MET n 
1 14  VAL n 
1 15  LYS n 
1 16  PRO n 
1 17  ASP n 
1 18  GLY n 
1 19  VAL n 
1 20  GLN n 
1 21  ARG n 
1 22  GLY n 
1 23  LEU n 
1 24  VAL n 
1 25  GLY n 
1 26  GLU n 
1 27  ILE n 
1 28  ILE n 
1 29  SER n 
1 30  ARG n 
1 31  PHE n 
1 32  GLU n 
1 33  ARG n 
1 34  ARG n 
1 35  GLY n 
1 36  PHE n 
1 37  LYS n 
1 38  LEU n 
1 39  VAL n 
1 40  ALA n 
1 41  MET n 
1 42  LYS n 
1 43  PHE n 
1 44  PHE n 
1 45  VAL n 
1 46  PRO n 
1 47  SER n 
1 48  LYS n 
1 49  ASN n 
1 50  LEU n 
1 51  VAL n 
1 52  GLU n 
1 53  GLU n 
1 54  HIS n 
1 55  TYR n 
1 56  LYS n 
1 57  GLU n 
1 58  HIS n 
1 59  ALA n 
1 60  ALA n 
1 61  ARG n 
1 62  PRO n 
1 63  PHE n 
1 64  PHE n 
1 65  ALA n 
1 66  GLY n 
1 67  LEU n 
1 68  CYS n 
1 69  LYS n 
1 70  PHE n 
1 71  LEU n 
1 72  SER n 
1 73  SER n 
1 74  GLY n 
1 75  PRO n 
1 76  VAL n 
1 77  CYS n 
1 78  ALA n 
1 79  MET n 
1 80  VAL n 
1 81  TRP n 
1 82  GLU n 
1 83  GLY n 
1 84  ALA n 
1 85  ASN n 
1 86  VAL n 
1 87  VAL n 
1 88  SER n 
1 89  ILE n 
1 90  SER n 
1 91  ARG n 
1 92  THR n 
1 93  MET n 
1 94  MET n 
1 95  GLY n 
1 96  VAL n 
1 97  THR n 
1 98  LYS n 
1 99  PRO n 
1 100 ALA n 
1 101 GLU n 
1 102 SER n 
1 103 ALA n 
1 104 PRO n 
1 105 GLY n 
1 106 THR n 
1 107 ILE n 
1 108 ARG n 
1 109 GLY n 
1 110 ASP n 
1 111 PHE n 
1 112 GLY n 
1 113 ILE n 
1 114 ASP n 
1 115 VAL n 
1 116 GLY n 
1 117 ARG n 
1 118 ASN n 
1 119 ILE n 
1 120 ILE n 
1 121 HIS n 
1 122 GLY n 
1 123 SER n 
1 124 ALA n 
1 125 ASN n 
1 126 LEU n 
1 127 ASP n 
1 128 ASP n 
1 129 ALA n 
1 130 ALA n 
1 131 ARG n 
1 132 GLU n 
1 133 ILE n 
1 134 ALA n 
1 135 LEU n 
1 136 TRP n 
1 137 PHE n 
1 138 LYS n 
1 139 PRO n 
1 140 GLU n 
1 141 GLU n 
1 142 VAL n 
1 143 ALA n 
1 144 SER n 
1 145 TRP n 
1 146 SER n 
1 147 CYS n 
1 148 SER n 
1 149 LEU n 
1 150 GLU n 
1 151 SER n 
1 152 HIS n 
1 153 ILE n 
1 154 TYR n 
1 155 GLU n 
# 
_entity_src_gen.entity_id                          1 
_entity_src_gen.pdbx_src_id                        1 
_entity_src_gen.pdbx_alt_source_flag               sample 
_entity_src_gen.pdbx_seq_type                      ? 
_entity_src_gen.pdbx_beg_seq_num                   ? 
_entity_src_gen.pdbx_end_seq_num                   ? 
_entity_src_gen.gene_src_common_name               ? 
_entity_src_gen.gene_src_genus                     ? 
_entity_src_gen.pdbx_gene_src_gene                 GL50803_11301 
_entity_src_gen.gene_src_species                   ? 
_entity_src_gen.gene_src_strain                    'ATCC 50803 / WB clone C6' 
_entity_src_gen.gene_src_tissue                    ? 
_entity_src_gen.gene_src_tissue_fraction           ? 
_entity_src_gen.gene_src_details                   ? 
_entity_src_gen.pdbx_gene_src_fragment             ? 
_entity_src_gen.pdbx_gene_src_scientific_name      'Giardia lamblia' 
_entity_src_gen.pdbx_gene_src_ncbi_taxonomy_id     184922 
_entity_src_gen.pdbx_gene_src_variant              ? 
_entity_src_gen.pdbx_gene_src_cell_line            ? 
_entity_src_gen.pdbx_gene_src_atcc                 ? 
_entity_src_gen.pdbx_gene_src_organ                ? 
_entity_src_gen.pdbx_gene_src_organelle            ? 
_entity_src_gen.pdbx_gene_src_cell                 ? 
_entity_src_gen.pdbx_gene_src_cellular_location    ? 
_entity_src_gen.host_org_common_name               ? 
_entity_src_gen.pdbx_host_org_scientific_name      'Escherichia coli' 
_entity_src_gen.pdbx_host_org_ncbi_taxonomy_id     562 
_entity_src_gen.host_org_genus                     ? 
_entity_src_gen.pdbx_host_org_gene                 ? 
_entity_src_gen.pdbx_host_org_organ                ? 
_entity_src_gen.host_org_species                   ? 
_entity_src_gen.pdbx_host_org_tissue               ? 
_entity_src_gen.pdbx_host_org_tissue_fraction      ? 
_entity_src_gen.pdbx_host_org_strain               ? 
_entity_src_gen.pdbx_host_org_variant              ? 
_entity_src_gen.pdbx_host_org_cell_line            ? 
_entity_src_gen.pdbx_host_org_atcc                 ? 
_entity_src_gen.pdbx_host_org_culture_collection   ? 
_entity_src_gen.pdbx_host_org_cell                 ? 
_entity_src_gen.pdbx_host_org_organelle            ? 
_entity_src_gen.pdbx_host_org_cellular_location    ? 
_entity_src_gen.pdbx_host_org_vector_type          pAVA0421 
_entity_src_gen.pdbx_host_org_vector               ? 
_entity_src_gen.host_org_details                   ? 
_entity_src_gen.expression_system_id               ? 
_entity_src_gen.plasmid_name                       ? 
_entity_src_gen.plasmid_details                    ? 
_entity_src_gen.pdbx_description                   ? 
# 
_struct_ref.id                         1 
_struct_ref.db_name                    UNP 
_struct_ref.db_code                    A8BMG9_GIAIC 
_struct_ref.pdbx_db_accession          A8BMG9 
_struct_ref.entity_id                  1 
_struct_ref.pdbx_seq_one_letter_code   
;MARERTFLMVKPDGVQRGLVGEIISRFERRGFKLVAMKFFVPSKNLVEEHYKEHAARPFFAGLCKFLSSGPVCAMVWEGA
NVVSISRTMMGVTKPAESAPGTIRGDFGIDVGRNIIHGSANLDDAAREIALWFKPEEVASWSCSLESHIYE
;
_struct_ref.pdbx_align_begin           1 
_struct_ref.pdbx_db_isoform            ? 
# 
_struct_ref_seq.align_id                      1 
_struct_ref_seq.ref_id                        1 
_struct_ref_seq.pdbx_PDB_id_code              3R9L 
_struct_ref_seq.pdbx_strand_id                A 
_struct_ref_seq.seq_align_beg                 5 
_struct_ref_seq.pdbx_seq_align_beg_ins_code   ? 
_struct_ref_seq.seq_align_end                 155 
_struct_ref_seq.pdbx_seq_align_end_ins_code   ? 
_struct_ref_seq.pdbx_db_accession             A8BMG9 
_struct_ref_seq.db_align_beg                  1 
_struct_ref_seq.pdbx_db_align_beg_ins_code    ? 
_struct_ref_seq.db_align_end                  151 
_struct_ref_seq.pdbx_db_align_end_ins_code    ? 
_struct_ref_seq.pdbx_auth_seq_align_beg       1 
_struct_ref_seq.pdbx_auth_seq_align_end       151 
# 
loop_
_struct_ref_seq_dif.align_id 
_struct_ref_seq_dif.pdbx_pdb_id_code 
_struct_ref_seq_dif.mon_id 
_struct_ref_seq_dif.pdbx_pdb_strand_id 
_struct_ref_seq_dif.seq_num 
_struct_ref_seq_dif.pdbx_pdb_ins_code 
_struct_ref_seq_dif.pdbx_seq_db_name 
_struct_ref_seq_dif.pdbx_seq_db_accession_code 
_struct_ref_seq_dif.db_mon_id 
_struct_ref_seq_dif.pdbx_seq_db_seq_num 
_struct_ref_seq_dif.details 
_struct_ref_seq_dif.pdbx_auth_seq_num 
_struct_ref_seq_dif.pdbx_ordinal 
1 3R9L GLY A 1 ? UNP A8BMG9 ? ? 'expression tag' -3 1 
1 3R9L PRO A 2 ? UNP A8BMG9 ? ? 'expression tag' -2 2 
1 3R9L GLY A 3 ? UNP A8BMG9 ? ? 'expression tag' -1 3 
1 3R9L SER A 4 ? UNP A8BMG9 ? ? 'expression tag' 0  4 
# 
loop_
_chem_comp.id 
_chem_comp.type 
_chem_comp.mon_nstd_flag 
_chem_comp.name 
_chem_comp.pdbx_synonyms 
_chem_comp.formula 
_chem_comp.formula_weight 
ALA 'L-peptide linking' y ALANINE         ? 'C3 H7 N O2'     89.093  
ARG 'L-peptide linking' y ARGININE        ? 'C6 H15 N4 O2 1' 175.209 
ASN 'L-peptide linking' y ASPARAGINE      ? 'C4 H8 N2 O3'    132.118 
ASP 'L-peptide linking' y 'ASPARTIC ACID' ? 'C4 H7 N O4'     133.103 
CL  non-polymer         . 'CHLORIDE ION'  ? 'Cl -1'          35.453  
CYS 'L-peptide linking' y CYSTEINE        ? 'C3 H7 N O2 S'   121.158 
GLN 'L-peptide linking' y GLUTAMINE       ? 'C5 H10 N2 O3'   146.144 
GLU 'L-peptide linking' y 'GLUTAMIC ACID' ? 'C5 H9 N O4'     147.129 
GLY 'peptide linking'   y GLYCINE         ? 'C2 H5 N O2'     75.067  
HIS 'L-peptide linking' y HISTIDINE       ? 'C6 H10 N3 O2 1' 156.162 
HOH non-polymer         . WATER           ? 'H2 O'           18.015  
ILE 'L-peptide linking' y ISOLEUCINE      ? 'C6 H13 N O2'    131.173 
LEU 'L-peptide linking' y LEUCINE         ? 'C6 H13 N O2'    131.173 
LYS 'L-peptide linking' y LYSINE          ? 'C6 H15 N2 O2 1' 147.195 
MET 'L-peptide linking' y METHIONINE      ? 'C5 H11 N O2 S'  149.211 
PHE 'L-peptide linking' y PHENYLALANINE   ? 'C9 H11 N O2'    165.189 
PRO 'L-peptide linking' y PROLINE         ? 'C5 H9 N O2'     115.130 
SER 'L-peptide linking' y SERINE          ? 'C3 H7 N O3'     105.093 
THR 'L-peptide linking' y THREONINE       ? 'C4 H9 N O3'     119.119 
TRP 'L-peptide linking' y TRYPTOPHAN      ? 'C11 H12 N2 O2'  204.225 
TYR 'L-peptide linking' y TYROSINE        ? 'C9 H11 N O3'    181.189 
VAL 'L-peptide linking' y VALINE          ? 'C5 H11 N O2'    117.146 
# 
_exptl.crystals_number   1 
_exptl.entry_id          3R9L 
_exptl.method            'X-RAY DIFFRACTION' 
# 
_exptl_crystal.id                    1 
_exptl_crystal.density_Matthews      3.62 
_exptl_crystal.density_meas          ? 
_exptl_crystal.density_percent_sol   65.99 
_exptl_crystal.description           ? 
_exptl_crystal.F_000                 ? 
_exptl_crystal.preparation           ? 
# 
_exptl_crystal_grow.crystal_id      1 
_exptl_crystal_grow.method          'VAPOR DIFFUSION, SITTING DROP' 
_exptl_crystal_grow.pH              7.9 
_exptl_crystal_grow.temp            289 
_exptl_crystal_grow.temp_details    ? 
_exptl_crystal_grow.pdbx_details    
;GilaA.00438.a.A1 PW27083 at 24.97 mg/mL in 25 mM Hepes pH 7.0, 0.5 M NaCl, 5% glycerol, 2 mM DTT, 0.025% azide against CSHT C11 focus screen 0.1 M Hepes pH 7.0, 0.9 M Na phosphate, 0.9 M K phosphate with 25% ethylene glycol as cryo-protectant, crystal tracking ID 216300h9, VAPOR DIFFUSION, SITTING DROP, temperature 289K
;
_exptl_crystal_grow.pdbx_pH_range   ? 
# 
_diffrn.id                     1 
_diffrn.ambient_temp           100 
_diffrn.ambient_temp_details   ? 
_diffrn.crystal_id             1 
# 
_diffrn_detector.diffrn_id              1 
_diffrn_detector.detector               CCD 
_diffrn_detector.type                   'ADSC QUANTUM 315r' 
_diffrn_detector.pdbx_collection_date   2011-03-04 
_diffrn_detector.details                ? 
# 
_diffrn_radiation.diffrn_id                        1 
_diffrn_radiation.wavelength_id                    1 
_diffrn_radiation.pdbx_diffrn_protocol             'SINGLE WAVELENGTH' 
_diffrn_radiation.monochromator                    ? 
_diffrn_radiation.pdbx_monochromatic_or_laue_m_l   M 
_diffrn_radiation.pdbx_scattering_type             x-ray 
# 
_diffrn_radiation_wavelength.id           1 
_diffrn_radiation_wavelength.wavelength   0.97946 
_diffrn_radiation_wavelength.wt           1.0 
# 
_diffrn_source.diffrn_id                   1 
_diffrn_source.source                      SYNCHROTRON 
_diffrn_source.type                        'ALS BEAMLINE 5.0.1' 
_diffrn_source.pdbx_wavelength             ? 
_diffrn_source.pdbx_wavelength_list        0.97946 
_diffrn_source.pdbx_synchrotron_site       ALS 
_diffrn_source.pdbx_synchrotron_beamline   5.0.1 
# 
_reflns.entry_id                     3R9L 
_reflns.d_resolution_high            2.650 
_reflns.number_obs                   7665 
_reflns.pdbx_Rmerge_I_obs            0.049 
_reflns.pdbx_netI_over_sigmaI        26.020 
_reflns.percent_possible_obs         98.800 
_reflns.B_iso_Wilson_estimate        60.858 
_reflns.observed_criterion_sigma_I   -3.000 
_reflns.observed_criterion_sigma_F   ? 
_reflns.d_resolution_low             50 
_reflns.number_all                   7760 
_reflns.pdbx_Rsym_value              ? 
_reflns.pdbx_redundancy              5.6 
_reflns.R_free_details               ? 
_reflns.limit_h_max                  ? 
_reflns.limit_h_min                  ? 
_reflns.limit_k_max                  ? 
_reflns.limit_k_min                  ? 
_reflns.limit_l_max                  ? 
_reflns.limit_l_min                  ? 
_reflns.observed_criterion_F_max     ? 
_reflns.observed_criterion_F_min     ? 
_reflns.pdbx_chi_squared             ? 
_reflns.pdbx_scaling_rejects         ? 
_reflns.pdbx_diffrn_id               1 
_reflns.pdbx_ordinal                 1 
# 
loop_
_reflns_shell.d_res_high 
_reflns_shell.d_res_low 
_reflns_shell.number_measured_obs 
_reflns_shell.number_measured_all 
_reflns_shell.number_unique_obs 
_reflns_shell.Rmerge_I_obs 
_reflns_shell.meanI_over_sigI_obs 
_reflns_shell.pdbx_Rsym_value 
_reflns_shell.pdbx_chi_squared 
_reflns_shell.pdbx_redundancy 
_reflns_shell.percent_possible_obs 
_reflns_shell.number_unique_all 
_reflns_shell.percent_possible_all 
_reflns_shell.pdbx_diffrn_id 
_reflns_shell.pdbx_ordinal 
2.650  2.720  3384 ? 567 0.526 3.260  ? ? 6.0 ? 567 100.000 ? 1  
2.720  2.790  3084 ? 520 0.431 3.920  ? ? ?   ? ?   99.800  ? 2  
2.790  2.870  3232 ? 541 0.372 4.630  ? ? ?   ? ?   100.000 ? 3  
2.870  2.960  3005 ? 509 0.275 5.950  ? ? ?   ? ?   100.000 ? 4  
2.960  3.060  2876 ? 494 0.176 9.180  ? ? ?   ? ?   99.800  ? 5  
3.060  3.170  2936 ? 496 0.156 10.000 ? ? ?   ? ?   100.000 ? 6  
3.170  3.290  2739 ? 461 0.133 12.460 ? ? ?   ? ?   99.800  ? 7  
3.290  3.420  2634 ? 452 0.089 18.530 ? ? ?   ? ?   100.000 ? 8  
3.420  3.570  2512 ? 435 0.063 24.510 ? ? ?   ? ?   99.500  ? 9  
3.570  3.750  2446 ? 418 0.052 29.590 ? ? ?   ? ?   99.500  ? 10 
3.750  3.950  2301 ? 395 0.038 36.710 ? ? ?   ? ?   99.000  ? 11 
3.950  4.190  2181 ? 379 0.031 45.050 ? ? ?   ? ?   98.400  ? 12 
4.190  4.480  1960 ? 351 0.029 48.620 ? ? ?   ? ?   99.200  ? 13 
4.480  4.840  1827 ? 333 0.026 54.420 ? ? ?   ? ?   98.200  ? 14 
4.840  5.300  1698 ? 307 0.028 50.250 ? ? ?   ? ?   97.800  ? 15 
5.300  5.930  1496 ? 270 0.028 49.450 ? ? ?   ? ?   95.700  ? 16 
5.930  6.840  1361 ? 252 0.025 53.160 ? ? ?   ? ?   96.900  ? 17 
6.840  8.380  1202 ? 214 0.017 64.970 ? ? ?   ? ?   94.700  ? 18 
8.380  11.850 925  ? 169 0.013 76.090 ? ? ?   ? ?   93.400  ? 19 
11.850 ?      495  ? 102 0.011 75.200 ? ? ?   ? ?   85.000  ? 20 
# 
_refine.entry_id                                 3R9L 
_refine.ls_d_res_high                            2.6500 
_refine.ls_d_res_low                             39.4 
_refine.pdbx_ls_sigma_F                          0.000 
_refine.pdbx_data_cutoff_high_absF               ? 
_refine.pdbx_data_cutoff_low_absF                ? 
_refine.ls_percent_reflns_obs                    98.2600 
_refine.ls_number_reflns_obs                     7619 
_refine.ls_number_reflns_all                     ? 
_refine.pdbx_ls_cross_valid_method               THROUGHOUT 
_refine.pdbx_R_Free_selection_details            RANDOM 
_refine.details                                  'HYDROGENS HAVE BEEN ADDED IN THE RIDING POSITIONS U VALUES      : RESIDUAL ONLY' 
_refine.ls_R_factor_all                          ? 
_refine.ls_R_factor_obs                          0.2359 
_refine.ls_R_factor_R_work                       0.2344 
_refine.ls_wR_factor_R_work                      0.2196 
_refine.ls_R_factor_R_free                       0.2663 
_refine.ls_wR_factor_R_free                      0.2439 
_refine.ls_percent_reflns_R_free                 4.6000 
_refine.ls_number_reflns_R_free                  348 
_refine.ls_R_factor_R_free_error                 ? 
_refine.B_iso_mean                               78.7938 
_refine.solvent_model_param_bsol                 ? 
_refine.solvent_model_param_ksol                 ? 
_refine.pdbx_isotropic_thermal_model             ? 
_refine.aniso_B[1][1]                            1.3300 
_refine.aniso_B[2][2]                            1.3300 
_refine.aniso_B[3][3]                            -2.0000 
_refine.aniso_B[1][2]                            0.6700 
_refine.aniso_B[1][3]                            0.0000 
_refine.aniso_B[2][3]                            0.0000 
_refine.correlation_coeff_Fo_to_Fc               0.9250 
_refine.correlation_coeff_Fo_to_Fc_free          0.9070 
_refine.overall_SU_R_Cruickshank_DPI             0.2899 
_refine.overall_SU_R_free                        0.2432 
_refine.pdbx_overall_ESU_R_Free                  0.2430 
_refine.overall_SU_ML                            0.1720 
_refine.overall_SU_B                             18.0060 
_refine.solvent_model_details                    MASK 
_refine.pdbx_solvent_vdw_probe_radii             1.4000 
_refine.pdbx_solvent_ion_probe_radii             0.8000 
_refine.pdbx_solvent_shrinkage_radii             0.8000 
_refine.ls_number_parameters                     ? 
_refine.ls_number_restraints                     ? 
_refine.pdbx_starting_model                      'PDB ENTRY 1NPK' 
_refine.pdbx_method_to_determine_struct          'MOLECULAR REPLACEMENT' 
_refine.pdbx_stereochemistry_target_values       'MAXIMUM LIKELIHOOD' 
_refine.pdbx_stereochem_target_val_spec_case     ? 
_refine.overall_FOM_work_R_set                   0.8203 
_refine.B_iso_max                                167.800 
_refine.B_iso_min                                9.450 
_refine.occupancy_max                            1.000 
_refine.occupancy_min                            0.500 
_refine.pdbx_ls_sigma_I                          ? 
_refine.ls_redundancy_reflns_obs                 ? 
_refine.ls_R_factor_R_free_error_details         ? 
_refine.pdbx_data_cutoff_high_rms_absF           ? 
_refine.overall_FOM_free_R_set                   ? 
_refine.pdbx_overall_phase_error                 ? 
_refine.pdbx_refine_id                           'X-RAY DIFFRACTION' 
_refine.pdbx_overall_ESU_R                       ? 
_refine.pdbx_diffrn_id                           1 
_refine.pdbx_TLS_residual_ADP_flag               ? 
_refine.pdbx_overall_SU_R_free_Cruickshank_DPI   ? 
_refine.pdbx_overall_SU_R_Blow_DPI               ? 
_refine.pdbx_overall_SU_R_free_Blow_DPI          ? 
# 
_refine_hist.pdbx_refine_id                   'X-RAY DIFFRACTION' 
_refine_hist.cycle_id                         LAST 
_refine_hist.pdbx_number_atoms_protein        813 
_refine_hist.pdbx_number_atoms_nucleic_acid   0 
_refine_hist.pdbx_number_atoms_ligand         1 
_refine_hist.number_atoms_solvent             13 
_refine_hist.number_atoms_total               827 
_refine_hist.d_res_high                       2.6500 
_refine_hist.d_res_low                        39.4 
# 
loop_
_refine_ls_restr.type 
_refine_ls_restr.number 
_refine_ls_restr.dev_ideal 
_refine_ls_restr.dev_ideal_target 
_refine_ls_restr.weight 
_refine_ls_restr.pdbx_restraint_function 
_refine_ls_restr.pdbx_refine_id 
r_bond_refined_d       827  0.012  0.022  ? ? 'X-RAY DIFFRACTION' 
r_angle_refined_deg    1120 1.278  1.948  ? ? 'X-RAY DIFFRACTION' 
r_dihedral_angle_1_deg 110  6.811  5.000  ? ? 'X-RAY DIFFRACTION' 
r_dihedral_angle_2_deg 32   29.361 22.188 ? ? 'X-RAY DIFFRACTION' 
r_dihedral_angle_3_deg 123  14.313 15.000 ? ? 'X-RAY DIFFRACTION' 
r_dihedral_angle_4_deg 8    28.396 15.000 ? ? 'X-RAY DIFFRACTION' 
r_chiral_restr         128  0.083  0.200  ? ? 'X-RAY DIFFRACTION' 
r_gen_planes_refined   628  0.007  0.021  ? ? 'X-RAY DIFFRACTION' 
r_mcbond_it            551  0.854  1.500  ? ? 'X-RAY DIFFRACTION' 
r_mcangle_it           871  1.571  2.000  ? ? 'X-RAY DIFFRACTION' 
r_scbond_it            276  1.539  3.000  ? ? 'X-RAY DIFFRACTION' 
r_scangle_it           249  2.695  4.500  ? ? 'X-RAY DIFFRACTION' 
# 
_refine_ls_shell.d_res_high                       2.6500 
_refine_ls_shell.d_res_low                        2.7190 
_refine_ls_shell.pdbx_total_number_of_bins_used   20 
_refine_ls_shell.percent_reflns_obs               99.4700 
_refine_ls_shell.number_reflns_R_work             540 
_refine_ls_shell.R_factor_all                     ? 
_refine_ls_shell.R_factor_R_work                  0.3240 
_refine_ls_shell.R_factor_R_free                  0.3620 
_refine_ls_shell.percent_reflns_R_free            ? 
_refine_ls_shell.number_reflns_R_free             22 
_refine_ls_shell.R_factor_R_free_error            ? 
_refine_ls_shell.number_reflns_all                562 
_refine_ls_shell.number_reflns_obs                ? 
_refine_ls_shell.redundancy_reflns_obs            ? 
_refine_ls_shell.pdbx_refine_id                   'X-RAY DIFFRACTION' 
# 
_struct.entry_id                  3R9L 
_struct.title                     
'Crystal structure of nucleoside diphosphate kinase from Giardia lamblia featuring a disordered dinucleotide binding site' 
_struct.pdbx_model_details        ? 
_struct.pdbx_CASP_flag            ? 
_struct.pdbx_model_type_details   ? 
# 
_struct_keywords.entry_id        3R9L 
_struct_keywords.pdbx_keywords   TRANSFERASE 
_struct_keywords.text            
;Structural Genomics, Seattle Structural Genomics Center for Infectious Disease, SSGCID, giardiasis, intestinal disease, protozoan parasite, water contaminant, kinase, phosphoryltransfer, ADP, TRANSFERASE
;
# 
loop_
_struct_asym.id 
_struct_asym.pdbx_blank_PDB_chainid_flag 
_struct_asym.pdbx_modified 
_struct_asym.entity_id 
_struct_asym.details 
A N N 1 ? 
B N N 2 ? 
C N N 3 ? 
# 
_struct_biol.id   1 
# 
loop_
_struct_conf.conf_type_id 
_struct_conf.id 
_struct_conf.pdbx_PDB_helix_id 
_struct_conf.beg_label_comp_id 
_struct_conf.beg_label_asym_id 
_struct_conf.beg_label_seq_id 
_struct_conf.pdbx_beg_PDB_ins_code 
_struct_conf.end_label_comp_id 
_struct_conf.end_label_asym_id 
_struct_conf.end_label_seq_id 
_struct_conf.pdbx_end_PDB_ins_code 
_struct_conf.beg_auth_comp_id 
_struct_conf.beg_auth_asym_id 
_struct_conf.beg_auth_seq_id 
_struct_conf.end_auth_comp_id 
_struct_conf.end_auth_asym_id 
_struct_conf.end_auth_seq_id 
_struct_conf.pdbx_PDB_helix_class 
_struct_conf.details 
_struct_conf.pdbx_PDB_helix_length 
HELX_P HELX_P1 1 LYS A 15  ? ARG A 21  ? LYS A 11  ARG A 17  1 ? 7  
HELX_P HELX_P2 2 LEU A 23  ? GLY A 35  ? LEU A 19  GLY A 31  1 ? 13 
HELX_P HELX_P3 3 ASN A 85  ? GLY A 95  ? ASN A 81  GLY A 91  1 ? 11 
HELX_P HELX_P4 4 THR A 106 ? GLY A 112 ? THR A 102 GLY A 108 1 ? 7  
HELX_P HELX_P5 5 ASN A 125 ? PHE A 137 ? ASN A 121 PHE A 133 1 ? 13 
# 
_struct_conf_type.id          HELX_P 
_struct_conf_type.criteria    ? 
_struct_conf_type.reference   ? 
# 
_struct_sheet.id               A 
_struct_sheet.type             ? 
_struct_sheet.number_strands   4 
_struct_sheet.details          ? 
# 
loop_
_struct_sheet_order.sheet_id 
_struct_sheet_order.range_id_1 
_struct_sheet_order.range_id_2 
_struct_sheet_order.offset 
_struct_sheet_order.sense 
A 1 2 ? anti-parallel 
A 2 3 ? anti-parallel 
A 3 4 ? anti-parallel 
# 
loop_
_struct_sheet_range.sheet_id 
_struct_sheet_range.id 
_struct_sheet_range.beg_label_comp_id 
_struct_sheet_range.beg_label_asym_id 
_struct_sheet_range.beg_label_seq_id 
_struct_sheet_range.pdbx_beg_PDB_ins_code 
_struct_sheet_range.end_label_comp_id 
_struct_sheet_range.end_label_asym_id 
_struct_sheet_range.end_label_seq_id 
_struct_sheet_range.pdbx_end_PDB_ins_code 
_struct_sheet_range.beg_auth_comp_id 
_struct_sheet_range.beg_auth_asym_id 
_struct_sheet_range.beg_auth_seq_id 
_struct_sheet_range.end_auth_comp_id 
_struct_sheet_range.end_auth_asym_id 
_struct_sheet_range.end_auth_seq_id 
A 1 LYS A 37  ? LYS A 42  ? LYS A 33  LYS A 38  
A 2 CYS A 77  ? GLU A 82  ? CYS A 73  GLU A 78  
A 3 ARG A 9   ? VAL A 14  ? ARG A 5   VAL A 10  
A 4 ILE A 120 ? GLY A 122 ? ILE A 116 GLY A 118 
# 
loop_
_pdbx_struct_sheet_hbond.sheet_id 
_pdbx_struct_sheet_hbond.range_id_1 
_pdbx_struct_sheet_hbond.range_id_2 
_pdbx_struct_sheet_hbond.range_1_label_atom_id 
_pdbx_struct_sheet_hbond.range_1_label_comp_id 
_pdbx_struct_sheet_hbond.range_1_label_asym_id 
_pdbx_struct_sheet_hbond.range_1_label_seq_id 
_pdbx_struct_sheet_hbond.range_1_PDB_ins_code 
_pdbx_struct_sheet_hbond.range_1_auth_atom_id 
_pdbx_struct_sheet_hbond.range_1_auth_comp_id 
_pdbx_struct_sheet_hbond.range_1_auth_asym_id 
_pdbx_struct_sheet_hbond.range_1_auth_seq_id 
_pdbx_struct_sheet_hbond.range_2_label_atom_id 
_pdbx_struct_sheet_hbond.range_2_label_comp_id 
_pdbx_struct_sheet_hbond.range_2_label_asym_id 
_pdbx_struct_sheet_hbond.range_2_label_seq_id 
_pdbx_struct_sheet_hbond.range_2_PDB_ins_code 
_pdbx_struct_sheet_hbond.range_2_auth_atom_id 
_pdbx_struct_sheet_hbond.range_2_auth_comp_id 
_pdbx_struct_sheet_hbond.range_2_auth_asym_id 
_pdbx_struct_sheet_hbond.range_2_auth_seq_id 
A 1 2 N VAL A 39 ? N VAL A 35 O VAL A 80  ? O VAL A 76  
A 2 3 O MET A 79 ? O MET A 75 N LEU A 12  ? N LEU A 8   
A 3 4 N MET A 13 ? N MET A 9  O HIS A 121 ? O HIS A 117 
# 
_struct_site.id                   AC1 
_struct_site.pdbx_evidence_code   Software 
_struct_site.pdbx_auth_asym_id    A 
_struct_site.pdbx_auth_comp_id    CL 
_struct_site.pdbx_auth_seq_id     152 
_struct_site.pdbx_auth_ins_code   ? 
_struct_site.pdbx_num_residues    2 
_struct_site.details              'BINDING SITE FOR RESIDUE CL A 152' 
# 
loop_
_struct_site_gen.id 
_struct_site_gen.site_id 
_struct_site_gen.pdbx_num_res 
_struct_site_gen.label_comp_id 
_struct_site_gen.label_asym_id 
_struct_site_gen.label_seq_id 
_struct_site_gen.pdbx_auth_ins_code 
_struct_site_gen.auth_comp_id 
_struct_site_gen.auth_asym_id 
_struct_site_gen.auth_seq_id 
_struct_site_gen.label_atom_id 
_struct_site_gen.label_alt_id 
_struct_site_gen.symmetry 
_struct_site_gen.details 
1 AC1 2 LYS A 15  ? LYS A 11  . ? 1_555 ? 
2 AC1 2 HIS A 121 ? HIS A 117 . ? 1_555 ? 
# 
_atom_sites.entry_id                    3R9L 
_atom_sites.fract_transf_matrix[1][1]   -0.00645261 
_atom_sites.fract_transf_matrix[1][2]   -0.00685544 
_atom_sites.fract_transf_matrix[1][3]   -0.00297211 
_atom_sites.fract_transf_matrix[2][1]   0.00313874 
_atom_sites.fract_transf_matrix[2][2]   -0.00908481 
_atom_sites.fract_transf_matrix[2][3]   -0.00225624 
_atom_sites.fract_transf_matrix[3][1]   -0.00217953 
_atom_sites.fract_transf_matrix[3][2]   -0.00451406 
_atom_sites.fract_transf_matrix[3][3]   0.01514395 
_atom_sites.fract_transf_vector[1]      0.161298 
_atom_sites.fract_transf_vector[2]      -0.408442 
_atom_sites.fract_transf_vector[3]      -0.070935 
# 
loop_
_atom_type.symbol 
C  
CL 
N  
O  
S  
# 
loop_
_atom_site.group_PDB 
_atom_site.id 
_atom_site.type_symbol 
_atom_site.label_atom_id 
_atom_site.label_alt_id 
_atom_site.label_comp_id 
_atom_site.label_asym_id 
_atom_site.label_entity_id 
_atom_site.label_seq_id 
_atom_site.pdbx_PDB_ins_code 
_atom_site.Cartn_x 
_atom_site.Cartn_y 
_atom_site.Cartn_z 
_atom_site.occupancy 
_atom_site.B_iso_or_equiv 
_atom_site.pdbx_formal_charge 
_atom_site.auth_seq_id 
_atom_site.auth_comp_id 
_atom_site.auth_asym_id 
_atom_site.auth_atom_id 
_atom_site.pdbx_PDB_model_num 
ATOM   1   N  N   . MET A 1 5   ? -11.783 13.189  9.962   1.00 132.15 ? 1   MET A N   1 
ATOM   2   C  CA  . MET A 1 5   ? -11.983 11.709  10.014  1.00 126.85 ? 1   MET A CA  1 
ATOM   3   C  C   . MET A 1 5   ? -12.072 11.107  8.608   1.00 121.93 ? 1   MET A C   1 
ATOM   4   O  O   . MET A 1 5   ? -12.146 9.880   8.448   1.00 119.03 ? 1   MET A O   1 
ATOM   5   C  CB  . MET A 1 5   ? -13.229 11.360  10.841  1.00 134.83 ? 1   MET A CB  1 
ATOM   6   N  N   . ALA A 1 6   ? -12.064 11.980  7.598   1.00 122.80 ? 2   ALA A N   1 
ATOM   7   C  CA  . ALA A 1 6   ? -11.996 11.584  6.180   1.00 118.47 ? 2   ALA A CA  1 
ATOM   8   C  C   . ALA A 1 6   ? -10.760 12.205  5.479   1.00 113.63 ? 2   ALA A C   1 
ATOM   9   O  O   . ALA A 1 6   ? -10.462 11.898  4.316   1.00 110.74 ? 2   ALA A O   1 
ATOM   10  C  CB  . ALA A 1 6   ? -13.296 11.955  5.457   1.00 127.54 ? 2   ALA A CB  1 
ATOM   11  N  N   . ARG A 1 7   ? -10.062 13.080  6.213   1.00 114.13 ? 3   ARG A N   1 
ATOM   12  C  CA  . ARG A 1 7   ? -8.736  13.610  5.857   1.00 109.99 ? 3   ARG A CA  1 
ATOM   13  C  C   . ARG A 1 7   ? -7.638  12.586  6.206   1.00 100.27 ? 3   ARG A C   1 
ATOM   14  O  O   . ARG A 1 7   ? -6.446  12.877  6.073   1.00 99.27  ? 3   ARG A O   1 
ATOM   15  C  CB  . ARG A 1 7   ? -8.474  14.930  6.613   1.00 117.63 ? 3   ARG A CB  1 
ATOM   16  N  N   . GLU A 1 8   ? -8.053  11.403  6.669   1.00 94.51  ? 4   GLU A N   1 
ATOM   17  C  CA  . GLU A 1 8   ? -7.156  10.332  7.110   1.00 86.71  ? 4   GLU A CA  1 
ATOM   18  C  C   . GLU A 1 8   ? -6.284  9.865   5.940   1.00 79.68  ? 4   GLU A C   1 
ATOM   19  O  O   . GLU A 1 8   ? -6.724  9.895   4.801   1.00 79.36  ? 4   GLU A O   1 
ATOM   20  C  CB  . GLU A 1 8   ? -7.999  9.187   7.689   1.00 87.33  ? 4   GLU A CB  1 
ATOM   21  C  CG  . GLU A 1 8   ? -7.245  8.053   8.383   1.00 84.79  ? 4   GLU A CG  1 
ATOM   22  C  CD  . GLU A 1 8   ? -8.186  6.976   8.932   1.00 88.74  ? 4   GLU A CD  1 
ATOM   23  O  OE1 . GLU A 1 8   ? -9.183  7.332   9.609   1.00 92.31  ? 4   GLU A OE1 1 
ATOM   24  O  OE2 . GLU A 1 8   ? -7.929  5.769   8.676   1.00 87.47  ? 4   GLU A OE2 1 
ATOM   25  N  N   . ARG A 1 9   ? -5.049  9.459   6.224   1.00 74.82  ? 5   ARG A N   1 
ATOM   26  C  CA  . ARG A 1 9   ? -4.068  9.140   5.191   1.00 69.81  ? 5   ARG A CA  1 
ATOM   27  C  C   . ARG A 1 9   ? -3.186  7.965   5.585   1.00 66.42  ? 5   ARG A C   1 
ATOM   28  O  O   . ARG A 1 9   ? -2.768  7.893   6.732   1.00 68.71  ? 5   ARG A O   1 
ATOM   29  C  CB  . ARG A 1 9   ? -3.164  10.345  4.935   1.00 72.67  ? 5   ARG A CB  1 
ATOM   30  C  CG  . ARG A 1 9   ? -3.770  11.410  4.055   1.00 76.98  ? 5   ARG A CG  1 
ATOM   31  C  CD  . ARG A 1 9   ? -2.987  12.695  4.163   1.00 84.17  ? 5   ARG A CD  1 
ATOM   32  N  NE  . ARG A 1 9   ? -3.195  13.560  3.006   1.00 90.38  ? 5   ARG A NE  1 
ATOM   33  C  CZ  . ARG A 1 9   ? -2.699  14.791  2.880   1.00 99.18  ? 5   ARG A CZ  1 
ATOM   34  N  NH1 . ARG A 1 9   ? -1.967  15.324  3.847   1.00 103.88 ? 5   ARG A NH1 1 
ATOM   35  N  NH2 . ARG A 1 9   ? -2.936  15.491  1.776   1.00 105.88 ? 5   ARG A NH2 1 
ATOM   36  N  N   . THR A 1 10  ? -2.893  7.057   4.645   1.00 61.93  ? 6   THR A N   1 
ATOM   37  C  CA  . THR A 1 10  ? -1.905  5.996   4.894   1.00 60.26  ? 6   THR A CA  1 
ATOM   38  C  C   . THR A 1 10  ? -0.776  5.950   3.881   1.00 57.99  ? 6   THR A C   1 
ATOM   39  O  O   . THR A 1 10  ? -0.874  6.510   2.795   1.00 56.70  ? 6   THR A O   1 
ATOM   40  C  CB  . THR A 1 10  ? -2.522  4.572   4.991   1.00 61.35  ? 6   THR A CB  1 
ATOM   41  O  OG1 . THR A 1 10  ? -1.520  3.662   5.462   1.00 64.00  ? 6   THR A OG1 1 
ATOM   42  C  CG2 . THR A 1 10  ? -2.992  4.070   3.622   1.00 59.80  ? 6   THR A CG2 1 
ATOM   43  N  N   . PHE A 1 11  ? 0.294   5.258   4.255   1.00 58.74  ? 7   PHE A N   1 
ATOM   44  C  CA  . PHE A 1 11  ? 1.406   4.991   3.371   1.00 58.25  ? 7   PHE A CA  1 
ATOM   45  C  C   . PHE A 1 11  ? 1.238   3.605   2.783   1.00 59.00  ? 7   PHE A C   1 
ATOM   46  O  O   . PHE A 1 11  ? 0.866   2.651   3.480   1.00 60.94  ? 7   PHE A O   1 
ATOM   47  C  CB  . PHE A 1 11  ? 2.735   5.092   4.122   1.00 62.12  ? 7   PHE A CB  1 
ATOM   48  C  CG  . PHE A 1 11  ? 3.931   4.721   3.297   1.00 61.41  ? 7   PHE A CG  1 
ATOM   49  C  CD1 . PHE A 1 11  ? 4.452   5.608   2.361   1.00 59.31  ? 7   PHE A CD1 1 
ATOM   50  C  CD2 . PHE A 1 11  ? 4.542   3.483   3.453   1.00 62.47  ? 7   PHE A CD2 1 
ATOM   51  C  CE1 . PHE A 1 11  ? 5.561   5.245   1.569   1.00 62.41  ? 7   PHE A CE1 1 
ATOM   52  C  CE2 . PHE A 1 11  ? 5.657   3.121   2.683   1.00 65.52  ? 7   PHE A CE2 1 
ATOM   53  C  CZ  . PHE A 1 11  ? 6.169   4.000   1.736   1.00 64.31  ? 7   PHE A CZ  1 
ATOM   54  N  N   . LEU A 1 12  ? 1.505   3.504   1.489   1.00 59.07  ? 8   LEU A N   1 
ATOM   55  C  CA  . LEU A 1 12  ? 1.466   2.238   0.795   1.00 61.76  ? 8   LEU A CA  1 
ATOM   56  C  C   . LEU A 1 12  ? 2.658   2.150   -0.101  1.00 64.47  ? 8   LEU A C   1 
ATOM   57  O  O   . LEU A 1 12  ? 3.112   3.162   -0.624  1.00 64.31  ? 8   LEU A O   1 
ATOM   58  C  CB  . LEU A 1 12  ? 0.215   2.140   -0.051  1.00 60.51  ? 8   LEU A CB  1 
ATOM   59  C  CG  . LEU A 1 12  ? -0.923  1.371   0.597   1.00 63.72  ? 8   LEU A CG  1 
ATOM   60  C  CD1 . LEU A 1 12  ? -2.206  1.764   -0.079  1.00 65.27  ? 8   LEU A CD1 1 
ATOM   61  C  CD2 . LEU A 1 12  ? -0.672  -0.132  0.467   1.00 69.77  ? 8   LEU A CD2 1 
ATOM   62  N  N   . MET A 1 13  ? 3.169   0.944   -0.283  1.00 69.34  ? 9   MET A N   1 
ATOM   63  C  CA  . MET A 1 13  ? 4.345   0.767   -1.083  1.00 74.21  ? 9   MET A CA  1 
ATOM   64  C  C   . MET A 1 13  ? 4.335   -0.585  -1.726  1.00 79.43  ? 9   MET A C   1 
ATOM   65  O  O   . MET A 1 13  ? 4.147   -1.598  -1.059  1.00 83.44  ? 9   MET A O   1 
ATOM   66  C  CB  . MET A 1 13  ? 5.603   0.918   -0.236  1.00 78.97  ? 9   MET A CB  1 
ATOM   67  C  CG  . MET A 1 13  ? 6.889   0.981   -1.059  1.00 85.50  ? 9   MET A CG  1 
ATOM   68  S  SD  . MET A 1 13  ? 8.350   0.728   -0.042  1.00 97.42  ? 9   MET A SD  1 
ATOM   69  C  CE  . MET A 1 13  ? 8.041   -0.927  0.588   1.00 101.67 ? 9   MET A CE  1 
ATOM   70  N  N   . VAL A 1 14  ? 4.545   -0.586  -3.032  1.00 57.79  ? 10  VAL A N   1 
ATOM   71  C  CA  . VAL A 1 14  ? 4.695   -1.814  -3.782  1.00 58.62  ? 10  VAL A CA  1 
ATOM   72  C  C   . VAL A 1 14  ? 6.159   -2.252  -3.653  1.00 62.24  ? 10  VAL A C   1 
ATOM   73  O  O   . VAL A 1 14  ? 7.075   -1.609  -4.170  1.00 62.95  ? 10  VAL A O   1 
ATOM   74  C  CB  . VAL A 1 14  ? 4.252   -1.651  -5.275  1.00 56.83  ? 10  VAL A CB  1 
ATOM   75  C  CG1 . VAL A 1 14  ? 4.171   -2.996  -5.971  1.00 55.59  ? 10  VAL A CG1 1 
ATOM   76  C  CG2 . VAL A 1 14  ? 2.925   -0.933  -5.371  1.00 55.31  ? 10  VAL A CG2 1 
ATOM   77  N  N   . LYS A 1 15  ? 6.360   -3.345  -2.929  1.00 65.13  ? 11  LYS A N   1 
ATOM   78  C  CA  . LYS A 1 15  ? 7.675   -3.946  -2.758  1.00 69.67  ? 11  LYS A CA  1 
ATOM   79  C  C   . LYS A 1 15  ? 8.283   -4.339  -4.118  1.00 71.38  ? 11  LYS A C   1 
ATOM   80  O  O   . LYS A 1 15  ? 7.556   -4.499  -5.098  1.00 69.84  ? 11  LYS A O   1 
ATOM   81  C  CB  . LYS A 1 15  ? 7.571   -5.152  -1.820  1.00 70.06  ? 11  LYS A CB  1 
ATOM   82  C  CG  . LYS A 1 15  ? 7.213   -4.789  -0.381  1.00 71.90  ? 11  LYS A CG  1 
ATOM   83  C  CD  . LYS A 1 15  ? 7.115   -6.039  0.507   1.00 76.09  ? 11  LYS A CD  1 
ATOM   84  C  CE  . LYS A 1 15  ? 7.416   -5.715  1.979   1.00 80.42  ? 11  LYS A CE  1 
ATOM   85  N  NZ  . LYS A 1 15  ? 6.515   -6.454  2.956   1.00 80.35  ? 11  LYS A NZ  1 
ATOM   86  N  N   . PRO A 1 16  ? 9.622   -4.488  -4.185  1.00 75.48  ? 12  PRO A N   1 
ATOM   87  C  CA  . PRO A 1 16  ? 10.300  -4.868  -5.434  1.00 76.88  ? 12  PRO A CA  1 
ATOM   88  C  C   . PRO A 1 16  ? 9.680   -6.047  -6.186  1.00 76.29  ? 12  PRO A C   1 
ATOM   89  O  O   . PRO A 1 16  ? 9.660   -6.042  -7.422  1.00 76.31  ? 12  PRO A O   1 
ATOM   90  C  CB  . PRO A 1 16  ? 11.711  -5.225  -4.958  1.00 80.53  ? 12  PRO A CB  1 
ATOM   91  C  CG  . PRO A 1 16  ? 11.917  -4.306  -3.798  1.00 81.13  ? 12  PRO A CG  1 
ATOM   92  C  CD  . PRO A 1 16  ? 10.591  -4.244  -3.095  1.00 78.12  ? 12  PRO A CD  1 
ATOM   93  N  N   . ASP A 1 17  ? 9.199   -7.052  -5.461  1.00 76.71  ? 13  ASP A N   1 
ATOM   94  C  CA  . ASP A 1 17  ? 8.554   -8.214  -6.089  1.00 76.52  ? 13  ASP A CA  1 
ATOM   95  C  C   . ASP A 1 17  ? 7.218   -7.863  -6.772  1.00 72.65  ? 13  ASP A C   1 
ATOM   96  O  O   . ASP A 1 17  ? 6.838   -8.477  -7.773  1.00 72.23  ? 13  ASP A O   1 
ATOM   97  C  CB  . ASP A 1 17  ? 8.369   -9.357  -5.079  1.00 78.39  ? 13  ASP A CB  1 
ATOM   98  C  CG  . ASP A 1 17  ? 7.645   -8.914  -3.797  1.00 80.22  ? 13  ASP A CG  1 
ATOM   99  O  OD1 . ASP A 1 17  ? 8.089   -7.931  -3.148  1.00 84.35  ? 13  ASP A OD1 1 
ATOM   100 O  OD2 . ASP A 1 17  ? 6.640   -9.571  -3.421  1.00 81.58  ? 13  ASP A OD2 1 
ATOM   101 N  N   . GLY A 1 18  ? 6.516   -6.869  -6.243  1.00 70.32  ? 14  GLY A N   1 
ATOM   102 C  CA  . GLY A 1 18  ? 5.277   -6.392  -6.866  1.00 66.84  ? 14  GLY A CA  1 
ATOM   103 C  C   . GLY A 1 18  ? 5.573   -5.667  -8.164  1.00 65.97  ? 14  GLY A C   1 
ATOM   104 O  O   . GLY A 1 18  ? 4.923   -5.889  -9.199  1.00 65.02  ? 14  GLY A O   1 
ATOM   105 N  N   . VAL A 1 19  ? 6.575   -4.803  -8.103  1.00 66.15  ? 15  VAL A N   1 
ATOM   106 C  CA  . VAL A 1 19  ? 7.038   -4.093  -9.265  1.00 65.16  ? 15  VAL A CA  1 
ATOM   107 C  C   . VAL A 1 19  ? 7.534   -5.079  -10.327 1.00 65.94  ? 15  VAL A C   1 
ATOM   108 O  O   . VAL A 1 19  ? 7.110   -5.005  -11.480 1.00 64.80  ? 15  VAL A O   1 
ATOM   109 C  CB  . VAL A 1 19  ? 8.124   -3.077  -8.875  1.00 67.01  ? 15  VAL A CB  1 
ATOM   110 C  CG1 . VAL A 1 19  ? 8.653   -2.355  -10.104 1.00 67.32  ? 15  VAL A CG1 1 
ATOM   111 C  CG2 . VAL A 1 19  ? 7.582   -2.085  -7.836  1.00 64.48  ? 15  VAL A CG2 1 
ATOM   112 N  N   . GLN A 1 20  ? 8.392   -6.024  -9.935  1.00 67.71  ? 16  GLN A N   1 
ATOM   113 C  CA  . GLN A 1 20  ? 8.995   -6.944  -10.912 1.00 68.79  ? 16  GLN A CA  1 
ATOM   114 C  C   . GLN A 1 20  ? 7.948   -7.807  -11.616 1.00 66.74  ? 16  GLN A C   1 
ATOM   115 O  O   . GLN A 1 20  ? 8.119   -8.179  -12.779 1.00 67.12  ? 16  GLN A O   1 
ATOM   116 C  CB  . GLN A 1 20  ? 10.114  -7.800  -10.291 1.00 71.66  ? 16  GLN A CB  1 
ATOM   117 N  N   . ARG A 1 21  ? 6.861   -8.116  -10.910 1.00 64.66  ? 17  ARG A N   1 
ATOM   118 C  CA  . ARG A 1 21  ? 5.790   -8.955  -11.464 1.00 62.42  ? 17  ARG A CA  1 
ATOM   119 C  C   . ARG A 1 21  ? 4.683   -8.198  -12.222 1.00 59.21  ? 17  ARG A C   1 
ATOM   120 O  O   . ARG A 1 21  ? 3.777   -8.823  -12.758 1.00 59.10  ? 17  ARG A O   1 
ATOM   121 C  CB  . ARG A 1 21  ? 5.179   -9.809  -10.364 1.00 62.43  ? 17  ARG A CB  1 
ATOM   122 C  CG  . ARG A 1 21  ? 6.109   -10.859 -9.807  1.00 65.84  ? 17  ARG A CG  1 
ATOM   123 C  CD  . ARG A 1 21  ? 5.470   -11.561 -8.635  1.00 67.70  ? 17  ARG A CD  1 
ATOM   124 N  NE  . ARG A 1 21  ? 4.213   -12.210 -9.010  1.00 68.75  ? 17  ARG A NE  1 
ATOM   125 C  CZ  . ARG A 1 21  ? 3.225   -12.492 -8.157  1.00 69.16  ? 17  ARG A CZ  1 
ATOM   126 N  NH1 . ARG A 1 21  ? 3.337   -12.181 -6.863  1.00 69.88  ? 17  ARG A NH1 1 
ATOM   127 N  NH2 . ARG A 1 21  ? 2.117   -13.079 -8.593  1.00 67.04  ? 17  ARG A NH2 1 
ATOM   128 N  N   . GLY A 1 22  ? 4.755   -6.871  -12.265 1.00 57.00  ? 18  GLY A N   1 
ATOM   129 C  CA  . GLY A 1 22  ? 3.834   -6.076  -13.055 1.00 53.45  ? 18  GLY A CA  1 
ATOM   130 C  C   . GLY A 1 22  ? 2.504   -5.823  -12.377 1.00 50.81  ? 18  GLY A C   1 
ATOM   131 O  O   . GLY A 1 22  ? 1.459   -5.843  -13.022 1.00 50.26  ? 18  GLY A O   1 
ATOM   132 N  N   . LEU A 1 23  ? 2.539   -5.548  -11.083 1.00 49.43  ? 19  LEU A N   1 
ATOM   133 C  CA  . LEU A 1 23  ? 1.325   -5.464  -10.286 1.00 46.44  ? 19  LEU A CA  1 
ATOM   134 C  C   . LEU A 1 23  ? 1.033   -4.070  -9.751  1.00 45.53  ? 19  LEU A C   1 
ATOM   135 O  O   . LEU A 1 23  ? 0.112   -3.912  -8.950  1.00 44.73  ? 19  LEU A O   1 
ATOM   136 C  CB  . LEU A 1 23  ? 1.408   -6.438  -9.107  1.00 46.70  ? 19  LEU A CB  1 
ATOM   137 C  CG  . LEU A 1 23  ? 1.471   -7.950  -9.376  1.00 48.29  ? 19  LEU A CG  1 
ATOM   138 C  CD1 . LEU A 1 23  ? 1.500   -8.716  -8.055  1.00 47.11  ? 19  LEU A CD1 1 
ATOM   139 C  CD2 . LEU A 1 23  ? 0.306   -8.448  -10.244 1.00 47.81  ? 19  LEU A CD2 1 
ATOM   140 N  N   . VAL A 1 24  ? 1.812   -3.063  -10.161 1.00 45.38  ? 20  VAL A N   1 
ATOM   141 C  CA  . VAL A 1 24  ? 1.616   -1.704  -9.648  1.00 44.40  ? 20  VAL A CA  1 
ATOM   142 C  C   . VAL A 1 24  ? 0.236   -1.169  -10.011 1.00 43.54  ? 20  VAL A C   1 
ATOM   143 O  O   . VAL A 1 24  ? -0.456  -0.576  -9.171  1.00 43.41  ? 20  VAL A O   1 
ATOM   144 C  CB  . VAL A 1 24  ? 2.702   -0.723  -10.155 1.00 46.06  ? 20  VAL A CB  1 
ATOM   145 C  CG1 . VAL A 1 24  ? 2.457   0.707   -9.620  1.00 45.27  ? 20  VAL A CG1 1 
ATOM   146 C  CG2 . VAL A 1 24  ? 4.109   -1.203  -9.755  1.00 47.36  ? 20  VAL A CG2 1 
ATOM   147 N  N   . GLY A 1 25  ? -0.166  -1.392  -11.262 1.00 43.20  ? 21  GLY A N   1 
ATOM   148 C  CA  . GLY A 1 25  ? -1.410  -0.849  -11.779 1.00 42.72  ? 21  GLY A CA  1 
ATOM   149 C  C   . GLY A 1 25  ? -2.587  -1.511  -11.106 1.00 41.92  ? 21  GLY A C   1 
ATOM   150 O  O   . GLY A 1 25  ? -3.580  -0.860  -10.748 1.00 41.31  ? 21  GLY A O   1 
ATOM   151 N  N   . GLU A 1 26  ? -2.453  -2.818  -10.923 1.00 41.63  ? 22  GLU A N   1 
ATOM   152 C  CA  . GLU A 1 26  ? -3.494  -3.623  -10.355 1.00 40.99  ? 22  GLU A CA  1 
ATOM   153 C  C   . GLU A 1 26  ? -3.736  -3.147  -8.940  1.00 40.68  ? 22  GLU A C   1 
ATOM   154 O  O   . GLU A 1 26  ? -4.884  -2.989  -8.505  1.00 40.96  ? 22  GLU A O   1 
ATOM   155 C  CB  . GLU A 1 26  ? -3.049  -5.079  -10.378 1.00 41.88  ? 22  GLU A CB  1 
ATOM   156 C  CG  . GLU A 1 26  ? -3.915  -6.004  -9.537  1.00 43.49  ? 22  GLU A CG  1 
ATOM   157 C  CD  . GLU A 1 26  ? -5.256  -6.335  -10.165 1.00 44.69  ? 22  GLU A CD  1 
ATOM   158 O  OE1 . GLU A 1 26  ? -5.368  -6.308  -11.427 1.00 44.67  ? 22  GLU A OE1 1 
ATOM   159 O  OE2 . GLU A 1 26  ? -6.192  -6.658  -9.381  1.00 45.35  ? 22  GLU A OE2 1 
ATOM   160 N  N   . ILE A 1 27  ? -2.649  -2.901  -8.223  1.00 40.63  ? 23  ILE A N   1 
ATOM   161 C  CA  . ILE A 1 27  ? -2.742  -2.409  -6.845  1.00 40.37  ? 23  ILE A CA  1 
ATOM   162 C  C   . ILE A 1 27  ? -3.392  -1.030  -6.768  1.00 40.14  ? 23  ILE A C   1 
ATOM   163 O  O   . ILE A 1 27  ? -4.301  -0.803  -5.973  1.00 39.90  ? 23  ILE A O   1 
ATOM   164 C  CB  . ILE A 1 27  ? -1.379  -2.454  -6.137  1.00 41.63  ? 23  ILE A CB  1 
ATOM   165 C  CG1 . ILE A 1 27  ? -1.013  -3.918  -5.833  1.00 42.20  ? 23  ILE A CG1 1 
ATOM   166 C  CG2 . ILE A 1 27  ? -1.408  -1.613  -4.857  1.00 42.57  ? 23  ILE A CG2 1 
ATOM   167 C  CD1 . ILE A 1 27  ? 0.482   -4.188  -5.630  1.00 46.14  ? 23  ILE A CD1 1 
ATOM   168 N  N   . ILE A 1 28  ? -2.939  -0.107  -7.602  1.00 40.42  ? 24  ILE A N   1 
ATOM   169 C  CA  . ILE A 1 28  ? -3.570  1.197   -7.648  1.00 40.56  ? 24  ILE A CA  1 
ATOM   170 C  C   . ILE A 1 28  ? -5.062  1.042   -7.970  1.00 40.48  ? 24  ILE A C   1 
ATOM   171 O  O   . ILE A 1 28  ? -5.910  1.615   -7.277  1.00 41.99  ? 24  ILE A O   1 
ATOM   172 C  CB  . ILE A 1 28  ? -2.827  2.143   -8.628  1.00 41.39  ? 24  ILE A CB  1 
ATOM   173 C  CG1 . ILE A 1 28  ? -1.415  2.398   -8.095  1.00 41.81  ? 24  ILE A CG1 1 
ATOM   174 C  CG2 . ILE A 1 28  ? -3.564  3.466   -8.792  1.00 40.02  ? 24  ILE A CG2 1 
ATOM   175 C  CD1 . ILE A 1 28  ? -0.493  3.060   -9.082  1.00 41.72  ? 24  ILE A CD1 1 
ATOM   176 N  N   . SER A 1 29  ? -5.399  0.255   -8.991  1.00 39.63  ? 25  SER A N   1 
ATOM   177 C  CA  . SER A 1 29  ? -6.799  0.148   -9.414  1.00 39.39  ? 25  SER A CA  1 
ATOM   178 C  C   . SER A 1 29  ? -7.657  -0.244  -8.223  1.00 39.94  ? 25  SER A C   1 
ATOM   179 O  O   . SER A 1 29  ? -8.762  0.314   -8.008  1.00 40.99  ? 25  SER A O   1 
ATOM   180 C  CB  . SER A 1 29  ? -6.975  -0.867  -10.547 1.00 38.57  ? 25  SER A CB  1 
ATOM   181 O  OG  . SER A 1 29  ? -6.429  -0.376  -11.775 1.00 37.81  ? 25  SER A OG  1 
ATOM   182 N  N   . ARG A 1 30  ? -7.133  -1.169  -7.415  1.00 38.97  ? 26  ARG A N   1 
ATOM   183 C  CA  . ARG A 1 30  ? -7.886  -1.663  -6.277  1.00 38.50  ? 26  ARG A CA  1 
ATOM   184 C  C   . ARG A 1 30  ? -8.315  -0.548  -5.361  1.00 39.99  ? 26  ARG A C   1 
ATOM   185 O  O   . ARG A 1 30  ? -9.490  -0.487  -4.937  1.00 39.90  ? 26  ARG A O   1 
ATOM   186 C  CB  . ARG A 1 30  ? -7.137  -2.797  -5.573  1.00 37.63  ? 26  ARG A CB  1 
ATOM   187 C  CG  . ARG A 1 30  ? -7.400  -4.124  -6.334  1.00 35.41  ? 26  ARG A CG  1 
ATOM   188 C  CD  . ARG A 1 30  ? -6.628  -5.251  -5.768  1.00 31.85  ? 26  ARG A CD  1 
ATOM   189 N  NE  . ARG A 1 30  ? -6.670  -6.421  -6.636  1.00 27.89  ? 26  ARG A NE  1 
ATOM   190 C  CZ  . ARG A 1 30  ? -7.046  -7.631  -6.236  1.00 27.75  ? 26  ARG A CZ  1 
ATOM   191 N  NH1 . ARG A 1 30  ? -7.436  -7.828  -4.970  1.00 28.92  ? 26  ARG A NH1 1 
ATOM   192 N  NH2 . ARG A 1 30  ? -7.024  -8.645  -7.088  1.00 23.24  ? 26  ARG A NH2 1 
ATOM   193 N  N   . PHE A 1 31  ? -7.383  0.376   -5.119  1.00 41.35  ? 27  PHE A N   1 
ATOM   194 C  CA  . PHE A 1 31  ? -7.650  1.538   -4.280  1.00 43.69  ? 27  PHE A CA  1 
ATOM   195 C  C   . PHE A 1 31  ? -8.496  2.572   -4.973  1.00 45.57  ? 27  PHE A C   1 
ATOM   196 O  O   . PHE A 1 31  ? -9.410  3.127   -4.361  1.00 47.25  ? 27  PHE A O   1 
ATOM   197 C  CB  . PHE A 1 31  ? -6.351  2.117   -3.753  1.00 44.69  ? 27  PHE A CB  1 
ATOM   198 C  CG  . PHE A 1 31  ? -5.706  1.225   -2.759  1.00 45.61  ? 27  PHE A CG  1 
ATOM   199 C  CD1 . PHE A 1 31  ? -6.030  1.325   -1.417  1.00 48.46  ? 27  PHE A CD1 1 
ATOM   200 C  CD2 . PHE A 1 31  ? -4.861  0.214   -3.168  1.00 44.75  ? 27  PHE A CD2 1 
ATOM   201 C  CE1 . PHE A 1 31  ? -5.477  0.448   -0.493  1.00 49.75  ? 27  PHE A CE1 1 
ATOM   202 C  CE2 . PHE A 1 31  ? -4.310  -0.663  -2.256  1.00 46.89  ? 27  PHE A CE2 1 
ATOM   203 C  CZ  . PHE A 1 31  ? -4.609  -0.543  -0.911  1.00 47.38  ? 27  PHE A CZ  1 
ATOM   204 N  N   . GLU A 1 32  ? -8.253  2.810   -6.258  1.00 46.03  ? 28  GLU A N   1 
ATOM   205 C  CA  . GLU A 1 32  ? -9.120  3.740   -6.951  1.00 48.23  ? 28  GLU A CA  1 
ATOM   206 C  C   . GLU A 1 32  ? -10.551 3.250   -6.837  1.00 48.71  ? 28  GLU A C   1 
ATOM   207 O  O   . GLU A 1 32  ? -11.445 4.035   -6.555  1.00 51.22  ? 28  GLU A O   1 
ATOM   208 C  CB  . GLU A 1 32  ? -8.705  3.953   -8.413  1.00 48.56  ? 28  GLU A CB  1 
ATOM   209 C  CG  . GLU A 1 32  ? -7.399  4.721   -8.606  1.00 49.43  ? 28  GLU A CG  1 
ATOM   210 C  CD  . GLU A 1 32  ? -6.950  4.762   -10.069 1.00 53.71  ? 28  GLU A CD  1 
ATOM   211 O  OE1 . GLU A 1 32  ? -6.688  3.684   -10.663 1.00 54.66  ? 28  GLU A OE1 1 
ATOM   212 O  OE2 . GLU A 1 32  ? -6.850  5.874   -10.639 1.00 56.89  ? 28  GLU A OE2 1 
ATOM   213 N  N   . ARG A 1 33  ? -10.776 1.952   -7.021  1.00 48.31  ? 29  ARG A N   1 
ATOM   214 C  CA  . ARG A 1 33  ? -12.155 1.405   -7.019  1.00 48.86  ? 29  ARG A CA  1 
ATOM   215 C  C   . ARG A 1 33  ? -12.867 1.527   -5.677  1.00 50.45  ? 29  ARG A C   1 
ATOM   216 O  O   . ARG A 1 33  ? -14.082 1.549   -5.629  1.00 51.71  ? 29  ARG A O   1 
ATOM   217 C  CB  . ARG A 1 33  ? -12.175 -0.048  -7.476  1.00 47.41  ? 29  ARG A CB  1 
ATOM   218 C  CG  . ARG A 1 33  ? -11.585 -0.264  -8.845  1.00 46.60  ? 29  ARG A CG  1 
ATOM   219 C  CD  . ARG A 1 33  ? -11.635 -1.734  -9.263  1.00 46.02  ? 29  ARG A CD  1 
ATOM   220 N  NE  . ARG A 1 33  ? -11.007 -1.915  -10.578 1.00 46.41  ? 29  ARG A NE  1 
ATOM   221 C  CZ  . ARG A 1 33  ? -10.065 -2.815  -10.868 1.00 44.96  ? 29  ARG A CZ  1 
ATOM   222 N  NH1 . ARG A 1 33  ? -9.624  -3.665  -9.940  1.00 43.29  ? 29  ARG A NH1 1 
ATOM   223 N  NH2 . ARG A 1 33  ? -9.560  -2.865  -12.102 1.00 44.19  ? 29  ARG A NH2 1 
ATOM   224 N  N   . ARG A 1 34  ? -12.115 1.589   -4.585  1.00 51.49  ? 30  ARG A N   1 
ATOM   225 C  CA  . ARG A 1 34  ? -12.711 1.759   -3.273  1.00 53.53  ? 30  ARG A CA  1 
ATOM   226 C  C   . ARG A 1 34  ? -13.052 3.204   -3.012  1.00 56.87  ? 30  ARG A C   1 
ATOM   227 O  O   . ARG A 1 34  ? -13.786 3.494   -2.067  1.00 59.25  ? 30  ARG A O   1 
ATOM   228 C  CB  . ARG A 1 34  ? -11.752 1.304   -2.177  1.00 53.30  ? 30  ARG A CB  1 
ATOM   229 C  CG  . ARG A 1 34  ? -11.890 -0.114  -1.767  1.00 51.16  ? 30  ARG A CG  1 
ATOM   230 C  CD  . ARG A 1 34  ? -13.272 -0.380  -1.255  1.00 53.81  ? 30  ARG A CD  1 
ATOM   231 N  NE  . ARG A 1 34  ? -13.197 -1.414  -0.242  1.00 55.78  ? 30  ARG A NE  1 
ATOM   232 C  CZ  . ARG A 1 34  ? -13.748 -1.341  0.957   1.00 57.15  ? 30  ARG A CZ  1 
ATOM   233 N  NH1 . ARG A 1 34  ? -14.471 -0.279  1.290   1.00 58.21  ? 30  ARG A NH1 1 
ATOM   234 N  NH2 . ARG A 1 34  ? -13.590 -2.360  1.809   1.00 58.60  ? 30  ARG A NH2 1 
ATOM   235 N  N   . GLY A 1 35  ? -12.500 4.111   -3.813  1.00 57.69  ? 31  GLY A N   1 
ATOM   236 C  CA  . GLY A 1 35  ? -12.823 5.509   -3.690  1.00 60.99  ? 31  GLY A CA  1 
ATOM   237 C  C   . GLY A 1 35  ? -11.752 6.347   -3.009  1.00 63.22  ? 31  GLY A C   1 
ATOM   238 O  O   . GLY A 1 35  ? -11.959 7.540   -2.758  1.00 65.80  ? 31  GLY A O   1 
ATOM   239 N  N   . PHE A 1 36  ? -10.603 5.751   -2.712  1.00 62.35  ? 32  PHE A N   1 
ATOM   240 C  CA  . PHE A 1 36  ? -9.532  6.501   -2.071  1.00 64.10  ? 32  PHE A CA  1 
ATOM   241 C  C   . PHE A 1 36  ? -8.851  7.439   -3.074  1.00 65.97  ? 32  PHE A C   1 
ATOM   242 O  O   . PHE A 1 36  ? -8.601  7.052   -4.225  1.00 65.51  ? 32  PHE A O   1 
ATOM   243 C  CB  . PHE A 1 36  ? -8.525  5.561   -1.386  1.00 62.37  ? 32  PHE A CB  1 
ATOM   244 C  CG  . PHE A 1 36  ? -9.137  4.712   -0.307  1.00 61.34  ? 32  PHE A CG  1 
ATOM   245 C  CD1 . PHE A 1 36  ? -9.727  5.301   0.814   1.00 63.27  ? 32  PHE A CD1 1 
ATOM   246 C  CD2 . PHE A 1 36  ? -9.158  3.327   -0.418  1.00 58.34  ? 32  PHE A CD2 1 
ATOM   247 C  CE1 . PHE A 1 36  ? -10.327 4.517   1.815   1.00 62.78  ? 32  PHE A CE1 1 
ATOM   248 C  CE2 . PHE A 1 36  ? -9.753  2.528   0.582   1.00 57.39  ? 32  PHE A CE2 1 
ATOM   249 C  CZ  . PHE A 1 36  ? -10.332 3.115   1.691   1.00 59.37  ? 32  PHE A CZ  1 
ATOM   250 N  N   . LYS A 1 37  ? -8.586  8.674   -2.644  1.00 68.85  ? 33  LYS A N   1 
ATOM   251 C  CA  . LYS A 1 37  ? -7.896  9.661   -3.468  1.00 70.34  ? 33  LYS A CA  1 
ATOM   252 C  C   . LYS A 1 37  ? -6.420  9.478   -3.243  1.00 70.23  ? 33  LYS A C   1 
ATOM   253 O  O   . LYS A 1 37  ? -5.971  9.488   -2.101  1.00 71.60  ? 33  LYS A O   1 
ATOM   254 C  CB  . LYS A 1 37  ? -8.312  11.091  -3.104  1.00 73.04  ? 33  LYS A CB  1 
ATOM   255 N  N   . LEU A 1 38  ? -5.678  9.278   -4.330  1.00 69.57  ? 34  LEU A N   1 
ATOM   256 C  CA  . LEU A 1 38  ? -4.225  9.255   -4.294  1.00 69.94  ? 34  LEU A CA  1 
ATOM   257 C  C   . LEU A 1 38  ? -3.697  10.675  -4.072  1.00 73.87  ? 34  LEU A C   1 
ATOM   258 O  O   . LEU A 1 38  ? -4.208  11.649  -4.636  1.00 75.52  ? 34  LEU A O   1 
ATOM   259 C  CB  . LEU A 1 38  ? -3.682  8.693   -5.589  1.00 67.99  ? 34  LEU A CB  1 
ATOM   260 C  CG  . LEU A 1 38  ? -2.194  8.430   -5.780  1.00 67.42  ? 34  LEU A CG  1 
ATOM   261 C  CD1 . LEU A 1 38  ? -1.587  7.537   -4.719  1.00 66.19  ? 34  LEU A CD1 1 
ATOM   262 C  CD2 . LEU A 1 38  ? -2.053  7.778   -7.128  1.00 66.84  ? 34  LEU A CD2 1 
ATOM   263 N  N   . VAL A 1 39  ? -2.666  10.786  -3.251  1.00 75.37  ? 35  VAL A N   1 
ATOM   264 C  CA  . VAL A 1 39  ? -2.273  12.071  -2.730  1.00 79.08  ? 35  VAL A CA  1 
ATOM   265 C  C   . VAL A 1 39  ? -0.817  12.378  -3.090  1.00 80.63  ? 35  VAL A C   1 
ATOM   266 O  O   . VAL A 1 39  ? -0.461  13.524  -3.329  1.00 83.50  ? 35  VAL A O   1 
ATOM   267 C  CB  . VAL A 1 39  ? -2.546  12.115  -1.207  1.00 80.33  ? 35  VAL A CB  1 
ATOM   268 C  CG1 . VAL A 1 39  ? -1.593  13.024  -0.513  1.00 83.48  ? 35  VAL A CG1 1 
ATOM   269 C  CG2 . VAL A 1 39  ? -3.996  12.525  -0.940  1.00 80.66  ? 35  VAL A CG2 1 
ATOM   270 N  N   . ALA A 1 40  ? 0.012   11.346  -3.164  1.00 79.49  ? 36  ALA A N   1 
ATOM   271 C  CA  . ALA A 1 40  ? 1.396   11.509  -3.565  1.00 81.02  ? 36  ALA A CA  1 
ATOM   272 C  C   . ALA A 1 40  ? 1.915   10.176  -4.070  1.00 79.04  ? 36  ALA A C   1 
ATOM   273 O  O   . ALA A 1 40  ? 1.372   9.138   -3.720  1.00 77.20  ? 36  ALA A O   1 
ATOM   274 C  CB  . ALA A 1 40  ? 2.240   12.004  -2.392  1.00 83.66  ? 36  ALA A CB  1 
ATOM   275 N  N   . MET A 1 41  ? 2.969   10.204  -4.879  1.00 80.14  ? 37  MET A N   1 
ATOM   276 C  CA  . MET A 1 41  ? 3.525   8.983   -5.442  1.00 79.30  ? 37  MET A CA  1 
ATOM   277 C  C   . MET A 1 41  ? 4.937   9.216   -5.968  1.00 80.90  ? 37  MET A C   1 
ATOM   278 O  O   . MET A 1 41  ? 5.189   10.191  -6.669  1.00 83.18  ? 37  MET A O   1 
ATOM   279 C  CB  . MET A 1 41  ? 2.614   8.463   -6.560  1.00 77.32  ? 37  MET A CB  1 
ATOM   280 C  CG  . MET A 1 41  ? 2.901   7.043   -7.058  1.00 77.47  ? 37  MET A CG  1 
ATOM   281 S  SD  . MET A 1 41  ? 1.521   6.315   -8.005  1.00 79.16  ? 37  MET A SD  1 
ATOM   282 C  CE  . MET A 1 41  ? 1.130   7.664   -9.120  1.00 79.26  ? 37  MET A CE  1 
ATOM   283 N  N   . LYS A 1 42  ? 5.851   8.315   -5.623  1.00 80.78  ? 38  LYS A N   1 
ATOM   284 C  CA  . LYS A 1 42  ? 7.211   8.346   -6.139  1.00 82.59  ? 38  LYS A CA  1 
ATOM   285 C  C   . LYS A 1 42  ? 7.622   6.926   -6.493  1.00 81.35  ? 38  LYS A C   1 
ATOM   286 O  O   . LYS A 1 42  ? 7.118   5.963   -5.919  1.00 79.84  ? 38  LYS A O   1 
ATOM   287 C  CB  . LYS A 1 42  ? 8.179   8.952   -5.103  1.00 85.58  ? 38  LYS A CB  1 
ATOM   288 N  N   . PHE A 1 43  ? 8.532   6.798   -7.441  1.00 82.42  ? 39  PHE A N   1 
ATOM   289 C  CA  . PHE A 1 43  ? 9.045   5.502   -7.833  1.00 82.24  ? 39  PHE A CA  1 
ATOM   290 C  C   . PHE A 1 43  ? 10.566  5.494   -7.600  1.00 86.02  ? 39  PHE A C   1 
ATOM   291 O  O   . PHE A 1 43  ? 11.343  5.822   -8.492  1.00 87.51  ? 39  PHE A O   1 
ATOM   292 C  CB  . PHE A 1 43  ? 8.675   5.250   -9.294  1.00 80.41  ? 39  PHE A CB  1 
ATOM   293 C  CG  . PHE A 1 43  ? 8.983   3.866   -9.777  1.00 78.77  ? 39  PHE A CG  1 
ATOM   294 C  CD1 . PHE A 1 43  ? 8.127   2.808   -9.491  1.00 75.93  ? 39  PHE A CD1 1 
ATOM   295 C  CD2 . PHE A 1 43  ? 10.122  3.623   -10.537 1.00 79.20  ? 39  PHE A CD2 1 
ATOM   296 C  CE1 . PHE A 1 43  ? 8.412   1.526   -9.944  1.00 75.50  ? 39  PHE A CE1 1 
ATOM   297 C  CE2 . PHE A 1 43  ? 10.416  2.350   -10.996 1.00 78.58  ? 39  PHE A CE2 1 
ATOM   298 C  CZ  . PHE A 1 43  ? 9.562   1.299   -10.702 1.00 77.22  ? 39  PHE A CZ  1 
ATOM   299 N  N   . PHE A 1 44  ? 10.974  5.142   -6.380  1.00 88.31  ? 40  PHE A N   1 
ATOM   300 C  CA  . PHE A 1 44  ? 12.369  5.288   -5.935  1.00 92.31  ? 40  PHE A CA  1 
ATOM   301 C  C   . PHE A 1 44  ? 13.328  4.271   -6.572  1.00 93.61  ? 40  PHE A C   1 
ATOM   302 O  O   . PHE A 1 44  ? 12.917  3.182   -6.987  1.00 92.18  ? 40  PHE A O   1 
ATOM   303 C  CB  . PHE A 1 44  ? 12.446  5.234   -4.403  1.00 93.59  ? 40  PHE A CB  1 
ATOM   304 N  N   . SER A 1 72  ? 16.565  -1.778  -0.812  1.00 117.15 ? 68  SER A N   1 
ATOM   305 C  CA  . SER A 1 72  ? 17.838  -2.401  -1.191  1.00 120.63 ? 68  SER A CA  1 
ATOM   306 C  C   . SER A 1 72  ? 17.865  -2.842  -2.665  1.00 118.95 ? 68  SER A C   1 
ATOM   307 O  O   . SER A 1 72  ? 18.417  -2.146  -3.530  1.00 119.68 ? 68  SER A O   1 
ATOM   308 C  CB  . SER A 1 72  ? 18.140  -3.611  -0.288  1.00 123.05 ? 68  SER A CB  1 
ATOM   309 O  OG  . SER A 1 72  ? 17.799  -3.352  1.062   1.00 124.26 ? 68  SER A OG  1 
ATOM   310 N  N   . SER A 1 73  ? 17.242  -3.994  -2.935  1.00 116.48 ? 69  SER A N   1 
ATOM   311 C  CA  . SER A 1 73  ? 17.394  -4.705  -4.207  1.00 115.01 ? 69  SER A CA  1 
ATOM   312 C  C   . SER A 1 73  ? 16.078  -4.763  -5.010  1.00 109.32 ? 69  SER A C   1 
ATOM   313 O  O   . SER A 1 73  ? 15.257  -5.673  -4.828  1.00 107.49 ? 69  SER A O   1 
ATOM   314 C  CB  . SER A 1 73  ? 17.946  -6.115  -3.939  1.00 118.09 ? 69  SER A CB  1 
ATOM   315 O  OG  . SER A 1 73  ? 18.880  -6.504  -4.932  1.00 120.90 ? 69  SER A OG  1 
ATOM   316 N  N   . GLY A 1 74  ? 15.906  -3.783  -5.900  1.00 106.11 ? 70  GLY A N   1 
ATOM   317 C  CA  . GLY A 1 74  ? 14.702  -3.640  -6.725  1.00 99.79  ? 70  GLY A CA  1 
ATOM   318 C  C   . GLY A 1 74  ? 14.027  -2.293  -6.489  1.00 96.05  ? 70  GLY A C   1 
ATOM   319 O  O   . GLY A 1 74  ? 14.091  -1.757  -5.380  1.00 96.98  ? 70  GLY A O   1 
ATOM   320 N  N   . PRO A 1 75  ? 13.363  -1.735  -7.522  1.00 92.05  ? 71  PRO A N   1 
ATOM   321 C  CA  . PRO A 1 75  ? 12.706  -0.440  -7.323  1.00 88.96  ? 71  PRO A CA  1 
ATOM   322 C  C   . PRO A 1 75  ? 11.343  -0.600  -6.634  1.00 84.61  ? 71  PRO A C   1 
ATOM   323 O  O   . PRO A 1 75  ? 10.760  -1.688  -6.651  1.00 82.79  ? 71  PRO A O   1 
ATOM   324 C  CB  . PRO A 1 75  ? 12.544  0.097   -8.745  1.00 87.76  ? 71  PRO A CB  1 
ATOM   325 C  CG  . PRO A 1 75  ? 12.596  -1.142  -9.649  1.00 88.27  ? 71  PRO A CG  1 
ATOM   326 C  CD  . PRO A 1 75  ? 13.032  -2.329  -8.833  1.00 90.52  ? 71  PRO A CD  1 
ATOM   327 N  N   . VAL A 1 76  ? 10.868  0.475   -6.011  1.00 82.22  ? 72  VAL A N   1 
ATOM   328 C  CA  . VAL A 1 76  ? 9.621   0.442   -5.262  1.00 78.21  ? 72  VAL A CA  1 
ATOM   329 C  C   . VAL A 1 76  ? 8.711   1.591   -5.651  1.00 76.04  ? 72  VAL A C   1 
ATOM   330 O  O   . VAL A 1 76  ? 9.135   2.548   -6.293  1.00 76.98  ? 72  VAL A O   1 
ATOM   331 C  CB  . VAL A 1 76  ? 9.840   0.480   -3.720  1.00 79.77  ? 72  VAL A CB  1 
ATOM   332 C  CG1 . VAL A 1 76  ? 10.875  -0.549  -3.290  1.00 81.36  ? 72  VAL A CG1 1 
ATOM   333 C  CG2 . VAL A 1 76  ? 10.176  1.884   -3.228  1.00 80.24  ? 72  VAL A CG2 1 
ATOM   334 N  N   . CYS A 1 77  ? 7.451   1.488   -5.259  1.00 72.94  ? 73  CYS A N   1 
ATOM   335 C  CA  . CYS A 1 77  ? 6.484   2.502   -5.594  1.00 70.63  ? 73  CYS A CA  1 
ATOM   336 C  C   . CYS A 1 77  ? 5.811   2.916   -4.318  1.00 70.72  ? 73  CYS A C   1 
ATOM   337 O  O   . CYS A 1 77  ? 5.048   2.162   -3.734  1.00 69.86  ? 73  CYS A O   1 
ATOM   338 C  CB  . CYS A 1 77  ? 5.465   1.967   -6.602  1.00 67.77  ? 73  CYS A CB  1 
ATOM   339 S  SG  . CYS A 1 77  ? 4.204   3.157   -7.040  1.00 63.62  ? 73  CYS A SG  1 
ATOM   340 N  N   . ALA A 1 78  ? 6.128   4.117   -3.868  1.00 72.34  ? 74  ALA A N   1 
ATOM   341 C  CA  . ALA A 1 78  ? 5.620   4.602   -2.607  1.00 72.56  ? 74  ALA A CA  1 
ATOM   342 C  C   . ALA A 1 78  ? 4.457   5.504   -2.925  1.00 71.46  ? 74  ALA A C   1 
ATOM   343 O  O   . ALA A 1 78  ? 4.520   6.278   -3.879  1.00 71.99  ? 74  ALA A O   1 
ATOM   344 C  CB  . ALA A 1 78  ? 6.700   5.351   -1.862  1.00 75.35  ? 74  ALA A CB  1 
ATOM   345 N  N   . MET A 1 79  ? 3.394   5.393   -2.135  1.00 70.16  ? 75  MET A N   1 
ATOM   346 C  CA  . MET A 1 79  ? 2.160   6.123   -2.385  1.00 68.88  ? 75  MET A CA  1 
ATOM   347 C  C   . MET A 1 79  ? 1.565   6.582   -1.082  1.00 69.22  ? 75  MET A C   1 
ATOM   348 O  O   . MET A 1 79  ? 1.723   5.908   -0.073  1.00 69.55  ? 75  MET A O   1 
ATOM   349 C  CB  . MET A 1 79  ? 1.130   5.199   -3.051  1.00 66.54  ? 75  MET A CB  1 
ATOM   350 C  CG  . MET A 1 79  ? 1.504   4.685   -4.428  1.00 66.51  ? 75  MET A CG  1 
ATOM   351 S  SD  . MET A 1 79  ? 0.474   3.304   -4.926  1.00 65.11  ? 75  MET A SD  1 
ATOM   352 C  CE  . MET A 1 79  ? 1.293   1.988   -4.030  1.00 63.81  ? 75  MET A CE  1 
ATOM   353 N  N   . VAL A 1 80  ? 0.840   7.691   -1.116  1.00 69.33  ? 76  VAL A N   1 
ATOM   354 C  CA  . VAL A 1 80  ? 0.019   8.098   0.017   1.00 70.18  ? 76  VAL A CA  1 
ATOM   355 C  C   . VAL A 1 80  ? -1.402  8.132   -0.501  1.00 69.23  ? 76  VAL A C   1 
ATOM   356 O  O   . VAL A 1 80  ? -1.660  8.704   -1.574  1.00 69.35  ? 76  VAL A O   1 
ATOM   357 C  CB  . VAL A 1 80  ? 0.392   9.511   0.574   1.00 73.41  ? 76  VAL A CB  1 
ATOM   358 C  CG1 . VAL A 1 80  ? -0.352  9.790   1.876   1.00 74.26  ? 76  VAL A CG1 1 
ATOM   359 C  CG2 . VAL A 1 80  ? 1.903   9.658   0.767   1.00 73.46  ? 76  VAL A CG2 1 
ATOM   360 N  N   . TRP A 1 81  ? -2.311  7.515   0.253   1.00 68.31  ? 77  TRP A N   1 
ATOM   361 C  CA  . TRP A 1 81  ? -3.722  7.440   -0.107  1.00 67.16  ? 77  TRP A CA  1 
ATOM   362 C  C   . TRP A 1 81  ? -4.567  8.065   0.994   1.00 70.01  ? 77  TRP A C   1 
ATOM   363 O  O   . TRP A 1 81  ? -4.193  8.017   2.176   1.00 71.36  ? 77  TRP A O   1 
ATOM   364 C  CB  . TRP A 1 81  ? -4.148  5.980   -0.331  1.00 64.09  ? 77  TRP A CB  1 
ATOM   365 C  CG  . TRP A 1 81  ? -3.646  5.353   -1.628  1.00 59.64  ? 77  TRP A CG  1 
ATOM   366 C  CD1 . TRP A 1 81  ? -2.485  4.645   -1.810  1.00 57.35  ? 77  TRP A CD1 1 
ATOM   367 C  CD2 . TRP A 1 81  ? -4.303  5.372   -2.902  1.00 54.33  ? 77  TRP A CD2 1 
ATOM   368 N  NE1 . TRP A 1 81  ? -2.387  4.221   -3.120  1.00 54.30  ? 77  TRP A NE1 1 
ATOM   369 C  CE2 . TRP A 1 81  ? -3.489  4.660   -3.806  1.00 52.80  ? 77  TRP A CE2 1 
ATOM   370 C  CE3 . TRP A 1 81  ? -5.496  5.927   -3.364  1.00 54.64  ? 77  TRP A CE3 1 
ATOM   371 C  CZ2 . TRP A 1 81  ? -3.830  4.494   -5.144  1.00 50.96  ? 77  TRP A CZ2 1 
ATOM   372 C  CZ3 . TRP A 1 81  ? -5.836  5.758   -4.707  1.00 52.70  ? 77  TRP A CZ3 1 
ATOM   373 C  CH2 . TRP A 1 81  ? -5.003  5.047   -5.573  1.00 51.07  ? 77  TRP A CH2 1 
ATOM   374 N  N   . GLU A 1 82  ? -5.709  8.639   0.611   1.00 71.19  ? 78  GLU A N   1 
ATOM   375 C  CA  . GLU A 1 82  ? -6.560  9.344   1.562   1.00 74.32  ? 78  GLU A CA  1 
ATOM   376 C  C   . GLU A 1 82  ? -8.035  8.957   1.476   1.00 73.92  ? 78  GLU A C   1 
ATOM   377 O  O   . GLU A 1 82  ? -8.610  8.875   0.383   1.00 72.96  ? 78  GLU A O   1 
ATOM   378 C  CB  . GLU A 1 82  ? -6.413  10.853  1.371   1.00 77.36  ? 78  GLU A CB  1 
ATOM   379 C  CG  . GLU A 1 82  ? -7.497  11.708  2.054   1.00 81.27  ? 78  GLU A CG  1 
ATOM   380 C  CD  . GLU A 1 82  ? -7.281  13.221  1.852   1.00 86.86  ? 78  GLU A CD  1 
ATOM   381 O  OE1 . GLU A 1 82  ? -6.122  13.710  1.971   1.00 86.72  ? 78  GLU A OE1 1 
ATOM   382 O  OE2 . GLU A 1 82  ? -8.291  13.913  1.582   1.00 88.93  ? 78  GLU A OE2 1 
ATOM   383 N  N   . GLY A 1 83  ? -8.639  8.736   2.642   1.00 74.89  ? 79  GLY A N   1 
ATOM   384 C  CA  . GLY A 1 83  ? -10.082 8.561   2.745   1.00 75.34  ? 79  GLY A CA  1 
ATOM   385 C  C   . GLY A 1 83  ? -10.479 8.081   4.118   1.00 76.24  ? 79  GLY A C   1 
ATOM   386 O  O   . GLY A 1 83  ? -9.627  7.657   4.913   1.00 76.27  ? 79  GLY A O   1 
ATOM   387 N  N   . ALA A 1 84  ? -11.772 8.141   4.398   1.00 77.24  ? 80  ALA A N   1 
ATOM   388 C  CA  . ALA A 1 84  ? -12.286 7.651   5.661   1.00 78.76  ? 80  ALA A CA  1 
ATOM   389 C  C   . ALA A 1 84  ? -11.757 6.232   5.916   1.00 76.96  ? 80  ALA A C   1 
ATOM   390 O  O   . ALA A 1 84  ? -11.870 5.355   5.050   1.00 75.39  ? 80  ALA A O   1 
ATOM   391 C  CB  . ALA A 1 84  ? -13.822 7.666   5.654   1.00 79.82  ? 80  ALA A CB  1 
ATOM   392 N  N   . ASN A 1 85  ? -11.161 6.021   7.089   1.00 78.07  ? 81  ASN A N   1 
ATOM   393 C  CA  . ASN A 1 85  ? -10.741 4.698   7.538   1.00 76.26  ? 81  ASN A CA  1 
ATOM   394 C  C   . ASN A 1 85  ? -9.722  4.036   6.619   1.00 73.50  ? 81  ASN A C   1 
ATOM   395 O  O   . ASN A 1 85  ? -9.550  2.811   6.670   1.00 72.04  ? 81  ASN A O   1 
ATOM   396 C  CB  . ASN A 1 85  ? -11.951 3.770   7.655   1.00 76.03  ? 81  ASN A CB  1 
ATOM   397 C  CG  . ASN A 1 85  ? -12.889 4.159   8.770   1.00 80.27  ? 81  ASN A CG  1 
ATOM   398 O  OD1 . ASN A 1 85  ? -12.455 4.561   9.853   1.00 83.79  ? 81  ASN A OD1 1 
ATOM   399 N  ND2 . ASN A 1 85  ? -14.193 4.001   8.526   1.00 81.95  ? 81  ASN A ND2 1 
ATOM   400 N  N   . VAL A 1 86  ? -9.048  4.826   5.786   1.00 72.47  ? 82  VAL A N   1 
ATOM   401 C  CA  . VAL A 1 86  ? -8.161  4.256   4.790   1.00 69.75  ? 82  VAL A CA  1 
ATOM   402 C  C   . VAL A 1 86  ? -7.120  3.346   5.418   1.00 69.00  ? 82  VAL A C   1 
ATOM   403 O  O   . VAL A 1 86  ? -6.662  2.401   4.793   1.00 67.74  ? 82  VAL A O   1 
ATOM   404 C  CB  . VAL A 1 86  ? -7.489  5.336   3.895   1.00 70.68  ? 82  VAL A CB  1 
ATOM   405 C  CG1 . VAL A 1 86  ? -6.552  6.248   4.707   1.00 72.78  ? 82  VAL A CG1 1 
ATOM   406 C  CG2 . VAL A 1 86  ? -6.745  4.677   2.715   1.00 68.00  ? 82  VAL A CG2 1 
ATOM   407 N  N   . VAL A 1 87  ? -6.759  3.608   6.663   1.00 70.49  ? 83  VAL A N   1 
ATOM   408 C  CA  . VAL A 1 87  ? -5.649  2.880   7.276   1.00 70.48  ? 83  VAL A CA  1 
ATOM   409 C  C   . VAL A 1 87  ? -6.007  1.424   7.531   1.00 68.68  ? 83  VAL A C   1 
ATOM   410 O  O   . VAL A 1 87  ? -5.287  0.532   7.083   1.00 67.81  ? 83  VAL A O   1 
ATOM   411 C  CB  . VAL A 1 87  ? -5.134  3.549   8.582   1.00 73.30  ? 83  VAL A CB  1 
ATOM   412 C  CG1 . VAL A 1 87  ? -3.877  2.843   9.086   1.00 73.55  ? 83  VAL A CG1 1 
ATOM   413 C  CG2 . VAL A 1 87  ? -4.845  5.015   8.336   1.00 75.16  ? 83  VAL A CG2 1 
ATOM   414 N  N   . SER A 1 88  ? -7.109  1.191   8.245   1.00 68.15  ? 84  SER A N   1 
ATOM   415 C  CA  . SER A 1 88  ? -7.526  -0.170  8.535   1.00 66.59  ? 84  SER A CA  1 
ATOM   416 C  C   . SER A 1 88  ? -8.201  -0.848  7.336   1.00 63.80  ? 84  SER A C   1 
ATOM   417 O  O   . SER A 1 88  ? -8.050  -2.053  7.156   1.00 62.69  ? 84  SER A O   1 
ATOM   418 C  CB  . SER A 1 88  ? -8.419  -0.241  9.774   1.00 68.14  ? 84  SER A CB  1 
ATOM   419 O  OG  . SER A 1 88  ? -9.741  0.134   9.459   1.00 67.81  ? 84  SER A OG  1 
ATOM   420 N  N   . ILE A 1 89  ? -8.933  -0.089  6.522   1.00 62.37  ? 85  ILE A N   1 
ATOM   421 C  CA  . ILE A 1 89  ? -9.538  -0.665  5.317   1.00 59.86  ? 85  ILE A CA  1 
ATOM   422 C  C   . ILE A 1 89  ? -8.473  -1.220  4.376   1.00 58.24  ? 85  ILE A C   1 
ATOM   423 O  O   . ILE A 1 89  ? -8.592  -2.336  3.879   1.00 57.14  ? 85  ILE A O   1 
ATOM   424 C  CB  . ILE A 1 89  ? -10.424 0.315   4.534   1.00 59.77  ? 85  ILE A CB  1 
ATOM   425 C  CG1 . ILE A 1 89  ? -11.717 0.589   5.294   1.00 60.34  ? 85  ILE A CG1 1 
ATOM   426 C  CG2 . ILE A 1 89  ? -10.759 -0.271  3.152   1.00 57.33  ? 85  ILE A CG2 1 
ATOM   427 C  CD1 . ILE A 1 89  ? -12.505 1.737   4.716   1.00 61.10  ? 85  ILE A CD1 1 
ATOM   428 N  N   . SER A 1 90  ? -7.423  -0.453  4.139   1.00 58.08  ? 86  SER A N   1 
ATOM   429 C  CA  . SER A 1 90  ? -6.407  -0.916  3.213   1.00 56.88  ? 86  SER A CA  1 
ATOM   430 C  C   . SER A 1 90  ? -5.662  -2.145  3.726   1.00 56.78  ? 86  SER A C   1 
ATOM   431 O  O   . SER A 1 90  ? -5.160  -2.932  2.932   1.00 56.08  ? 86  SER A O   1 
ATOM   432 C  CB  . SER A 1 90  ? -5.450  0.218   2.841   1.00 57.56  ? 86  SER A CB  1 
ATOM   433 O  OG  . SER A 1 90  ? -4.752  0.661   3.963   1.00 59.80  ? 86  SER A OG  1 
ATOM   434 N  N   . ARG A 1 91  ? -5.606  -2.324  5.046   1.00 58.19  ? 87  ARG A N   1 
ATOM   435 C  CA  . ARG A 1 91  ? -5.017  -3.539  5.625   1.00 58.31  ? 87  ARG A CA  1 
ATOM   436 C  C   . ARG A 1 91  ? -5.874  -4.767  5.347   1.00 55.99  ? 87  ARG A C   1 
ATOM   437 O  O   . ARG A 1 91  ? -5.360  -5.819  4.977   1.00 56.01  ? 87  ARG A O   1 
ATOM   438 C  CB  . ARG A 1 91  ? -4.689  -3.360  7.118   1.00 61.21  ? 87  ARG A CB  1 
ATOM   439 C  CG  . ARG A 1 91  ? -3.340  -2.593  7.328   1.00 66.28  ? 87  ARG A CG  1 
ATOM   440 C  CD  . ARG A 1 91  ? -2.832  -2.565  8.771   1.00 74.85  ? 87  ARG A CD  1 
ATOM   441 N  NE  . ARG A 1 91  ? -2.220  -3.828  9.233   1.00 81.70  ? 87  ARG A NE  1 
ATOM   442 C  CZ  . ARG A 1 91  ? -1.013  -4.292  8.872   1.00 84.14  ? 87  ARG A CZ  1 
ATOM   443 N  NH1 . ARG A 1 91  ? -0.245  -3.623  8.010   1.00 83.71  ? 87  ARG A NH1 1 
ATOM   444 N  NH2 . ARG A 1 91  ? -0.572  -5.444  9.378   1.00 85.45  ? 87  ARG A NH2 1 
ATOM   445 N  N   . THR A 1 92  ? -7.184  -4.614  5.509   1.00 54.31  ? 88  THR A N   1 
ATOM   446 C  CA  . THR A 1 92  ? -8.159  -5.608  5.086   1.00 51.92  ? 88  THR A CA  1 
ATOM   447 C  C   . THR A 1 92  ? -7.977  -5.946  3.604   1.00 50.25  ? 88  THR A C   1 
ATOM   448 O  O   . THR A 1 92  ? -7.980  -7.138  3.230   1.00 49.77  ? 88  THR A O   1 
ATOM   449 C  CB  . THR A 1 92  ? -9.602  -5.099  5.300   1.00 52.01  ? 88  THR A CB  1 
ATOM   450 O  OG1 . THR A 1 92  ? -9.748  -4.639  6.645   1.00 53.28  ? 88  THR A OG1 1 
ATOM   451 C  CG2 . THR A 1 92  ? -10.640 -6.199  5.018   1.00 50.40  ? 88  THR A CG2 1 
ATOM   452 N  N   . MET A 1 93  ? -7.829  -4.902  2.778   1.00 48.35  ? 89  MET A N   1 
ATOM   453 C  CA  . MET A 1 93  ? -7.660  -5.048  1.339   1.00 46.79  ? 89  MET A CA  1 
ATOM   454 C  C   . MET A 1 93  ? -6.395  -5.800  0.954   1.00 47.00  ? 89  MET A C   1 
ATOM   455 O  O   . MET A 1 93  ? -6.374  -6.524  -0.056  1.00 45.64  ? 89  MET A O   1 
ATOM   456 C  CB  . MET A 1 93  ? -7.666  -3.688  0.648   1.00 46.33  ? 89  MET A CB  1 
ATOM   457 C  CG  . MET A 1 93  ? -9.000  -2.991  0.670   1.00 46.39  ? 89  MET A CG  1 
ATOM   458 S  SD  . MET A 1 93  ? -8.908  -1.479  -0.274  1.00 50.33  ? 89  MET A SD  1 
ATOM   459 C  CE  . MET A 1 93  ? -8.712  -2.134  -1.944  1.00 48.97  ? 89  MET A CE  1 
ATOM   460 N  N   . MET A 1 94  ? -5.341  -5.625  1.746   1.00 48.51  ? 90  MET A N   1 
ATOM   461 C  CA  . MET A 1 94  ? -4.097  -6.343  1.482   1.00 50.41  ? 90  MET A CA  1 
ATOM   462 C  C   . MET A 1 94  ? -4.202  -7.830  1.841   1.00 51.96  ? 90  MET A C   1 
ATOM   463 O  O   . MET A 1 94  ? -3.636  -8.665  1.144   1.00 52.13  ? 90  MET A O   1 
ATOM   464 C  CB  . MET A 1 94  ? -2.900  -5.701  2.203   1.00 51.40  ? 90  MET A CB  1 
ATOM   465 C  CG  . MET A 1 94  ? -2.580  -4.275  1.770   1.00 51.27  ? 90  MET A CG  1 
ATOM   466 S  SD  . MET A 1 94  ? -1.114  -3.560  2.601   1.00 54.43  ? 90  MET A SD  1 
ATOM   467 C  CE  . MET A 1 94  ? -1.743  -3.233  4.242   1.00 52.25  ? 90  MET A CE  1 
ATOM   468 N  N   . GLY A 1 95  ? -4.923  -8.149  2.912   1.00 53.63  ? 91  GLY A N   1 
ATOM   469 C  CA  . GLY A 1 95  ? -4.887  -9.481  3.476   1.00 57.95  ? 91  GLY A CA  1 
ATOM   470 C  C   . GLY A 1 95  ? -3.837  -9.631  4.572   1.00 62.46  ? 91  GLY A C   1 
ATOM   471 O  O   . GLY A 1 95  ? -3.101  -8.691  4.876   1.00 63.45  ? 91  GLY A O   1 
ATOM   472 N  N   . VAL A 1 96  ? -3.766  -10.812 5.177   1.00 66.15  ? 92  VAL A N   1 
ATOM   473 C  CA  . VAL A 1 96  ? -2.852  -11.041 6.310   1.00 70.48  ? 92  VAL A CA  1 
ATOM   474 C  C   . VAL A 1 96  ? -1.427  -11.284 5.824   1.00 73.71  ? 92  VAL A C   1 
ATOM   475 O  O   . VAL A 1 96  ? -1.232  -11.759 4.688   1.00 73.11  ? 92  VAL A O   1 
ATOM   476 C  CB  . VAL A 1 96  ? -3.305  -12.213 7.241   1.00 71.34  ? 92  VAL A CB  1 
ATOM   477 C  CG1 . VAL A 1 96  ? -4.578  -11.847 7.971   1.00 69.82  ? 92  VAL A CG1 1 
ATOM   478 C  CG2 . VAL A 1 96  ? -3.473  -13.512 6.463   1.00 71.18  ? 92  VAL A CG2 1 
ATOM   479 N  N   . THR A 1 97  ? -0.452  -10.969 6.697   1.00 78.12  ? 93  THR A N   1 
ATOM   480 C  CA  . THR A 1 97  ? 0.997   -11.075 6.404   1.00 81.92  ? 93  THR A CA  1 
ATOM   481 C  C   . THR A 1 97  ? 1.381   -12.390 5.721   1.00 83.65  ? 93  THR A C   1 
ATOM   482 O  O   . THR A 1 97  ? 2.264   -12.392 4.866   1.00 84.81  ? 93  THR A O   1 
ATOM   483 C  CB  . THR A 1 97  ? 1.879   -10.899 7.688   1.00 85.28  ? 93  THR A CB  1 
ATOM   484 O  OG1 . THR A 1 97  ? 1.274   -9.952  8.587   1.00 86.81  ? 93  THR A OG1 1 
ATOM   485 C  CG2 . THR A 1 97  ? 3.303   -10.409 7.336   1.00 87.44  ? 93  THR A CG2 1 
ATOM   486 N  N   . LYS A 1 98  ? 0.698   -13.484 6.077   1.00 85.10  ? 94  LYS A N   1 
ATOM   487 C  CA  . LYS A 1 98  ? 1.039   -14.835 5.628   1.00 87.25  ? 94  LYS A CA  1 
ATOM   488 C  C   . LYS A 1 98  ? 0.123   -15.349 4.513   1.00 85.98  ? 94  LYS A C   1 
ATOM   489 O  O   . LYS A 1 98  ? -0.806  -16.137 4.795   1.00 86.03  ? 94  LYS A O   1 
ATOM   490 C  CB  . LYS A 1 98  ? 1.009   -15.814 6.815   1.00 90.00  ? 94  LYS A CB  1 
ATOM   491 N  N   . PRO A 1 99  ? 0.409   -14.953 3.237   1.00 84.86  ? 95  PRO A N   1 
ATOM   492 C  CA  . PRO A 1 99  ? -0.413  -15.285 2.047   1.00 82.76  ? 95  PRO A CA  1 
ATOM   493 C  C   . PRO A 1 99  ? -0.881  -16.761 1.919   1.00 83.74  ? 95  PRO A C   1 
ATOM   494 O  O   . PRO A 1 99  ? -1.786  -17.052 1.110   1.00 82.50  ? 95  PRO A O   1 
ATOM   495 C  CB  . PRO A 1 99  ? 0.491   -14.882 0.860   1.00 82.49  ? 95  PRO A CB  1 
ATOM   496 C  CG  . PRO A 1 99  ? 1.381   -13.816 1.401   1.00 83.32  ? 95  PRO A CG  1 
ATOM   497 C  CD  . PRO A 1 99  ? 1.653   -14.257 2.839   1.00 85.78  ? 95  PRO A CD  1 
ATOM   498 N  N   . ALA A 1 100 ? -0.289  -17.672 2.698   1.00 85.40  ? 96  ALA A N   1 
ATOM   499 C  CA  . ALA A 1 100 ? -0.828  -19.031 2.813   1.00 86.09  ? 96  ALA A CA  1 
ATOM   500 C  C   . ALA A 1 100 ? -2.236  -19.029 3.446   1.00 83.98  ? 96  ALA A C   1 
ATOM   501 O  O   . ALA A 1 100 ? -2.989  -20.012 3.358   1.00 84.77  ? 96  ALA A O   1 
ATOM   502 C  CB  . ALA A 1 100 ? 0.132   -19.914 3.627   1.00 89.95  ? 96  ALA A CB  1 
ATOM   503 N  N   . GLU A 1 101 ? -2.579  -17.901 4.063   1.00 81.12  ? 97  GLU A N   1 
ATOM   504 C  CA  . GLU A 1 101 ? -3.737  -17.765 4.948   1.00 79.40  ? 97  GLU A CA  1 
ATOM   505 C  C   . GLU A 1 101 ? -4.556  -16.547 4.490   1.00 74.07  ? 97  GLU A C   1 
ATOM   506 O  O   . GLU A 1 101 ? -5.702  -16.340 4.911   1.00 73.26  ? 97  GLU A O   1 
ATOM   507 C  CB  . GLU A 1 101 ? -3.181  -17.551 6.358   1.00 82.32  ? 97  GLU A CB  1 
ATOM   508 C  CG  . GLU A 1 101 ? -4.130  -17.596 7.549   1.00 86.36  ? 97  GLU A CG  1 
ATOM   509 C  CD  . GLU A 1 101 ? -3.386  -17.149 8.821   1.00 93.38  ? 97  GLU A CD  1 
ATOM   510 O  OE1 . GLU A 1 101 ? -2.279  -17.696 9.080   1.00 97.29  ? 97  GLU A OE1 1 
ATOM   511 O  OE2 . GLU A 1 101 ? -3.877  -16.226 9.529   1.00 93.49  ? 97  GLU A OE2 1 
ATOM   512 N  N   . SER A 1 102 ? -3.941  -15.757 3.614   1.00 69.59  ? 98  SER A N   1 
ATOM   513 C  CA  . SER A 1 102 ? -4.553  -14.591 3.015   1.00 64.15  ? 98  SER A CA  1 
ATOM   514 C  C   . SER A 1 102 ? -5.791  -14.922 2.194   1.00 59.97  ? 98  SER A C   1 
ATOM   515 O  O   . SER A 1 102 ? -5.786  -15.869 1.403   1.00 59.83  ? 98  SER A O   1 
ATOM   516 C  CB  . SER A 1 102 ? -3.524  -13.887 2.149   1.00 64.18  ? 98  SER A CB  1 
ATOM   517 O  OG  . SER A 1 102 ? -2.686  -13.079 2.970   1.00 67.03  ? 98  SER A OG  1 
ATOM   518 N  N   . ALA A 1 103 ? -6.845  -14.127 2.386   1.00 55.10  ? 99  ALA A N   1 
ATOM   519 C  CA  . ALA A 1 103 ? -8.139  -14.406 1.785   1.00 50.92  ? 99  ALA A CA  1 
ATOM   520 C  C   . ALA A 1 103 ? -8.191  -14.008 0.306   1.00 47.71  ? 99  ALA A C   1 
ATOM   521 O  O   . ALA A 1 103 ? -7.807  -12.882 -0.065  1.00 45.49  ? 99  ALA A O   1 
ATOM   522 C  CB  . ALA A 1 103 ? -9.245  -13.736 2.568   1.00 49.57  ? 99  ALA A CB  1 
ATOM   523 N  N   . PRO A 1 104 ? -8.664  -14.935 -0.544  1.00 46.31  ? 100 PRO A N   1 
ATOM   524 C  CA  . PRO A 1 104 ? -8.911  -14.603 -1.946  1.00 44.56  ? 100 PRO A CA  1 
ATOM   525 C  C   . PRO A 1 104 ? -9.814  -13.359 -2.042  1.00 42.48  ? 100 PRO A C   1 
ATOM   526 O  O   . PRO A 1 104 ? -10.801 -13.246 -1.301  1.00 41.97  ? 100 PRO A O   1 
ATOM   527 C  CB  . PRO A 1 104 ? -9.609  -15.864 -2.486  1.00 45.67  ? 100 PRO A CB  1 
ATOM   528 C  CG  . PRO A 1 104 ? -9.104  -16.968 -1.600  1.00 47.25  ? 100 PRO A CG  1 
ATOM   529 C  CD  . PRO A 1 104 ? -9.002  -16.341 -0.241  1.00 47.69  ? 100 PRO A CD  1 
ATOM   530 N  N   . GLY A 1 105 ? -9.446  -12.424 -2.916  1.00 40.79  ? 101 GLY A N   1 
ATOM   531 C  CA  . GLY A 1 105 ? -10.126 -11.134 -3.011  1.00 39.01  ? 101 GLY A CA  1 
ATOM   532 C  C   . GLY A 1 105 ? -9.176  -10.055 -2.561  1.00 38.64  ? 101 GLY A C   1 
ATOM   533 O  O   . GLY A 1 105 ? -9.182  -8.952  -3.095  1.00 38.47  ? 101 GLY A O   1 
ATOM   534 N  N   . THR A 1 106 ? -8.361  -10.371 -1.560  1.00 39.20  ? 102 THR A N   1 
ATOM   535 C  CA  . THR A 1 106 ? -7.288  -9.476  -1.117  1.00 38.76  ? 102 THR A CA  1 
ATOM   536 C  C   . THR A 1 106 ? -6.120  -9.587  -2.082  1.00 38.69  ? 102 THR A C   1 
ATOM   537 O  O   . THR A 1 106 ? -6.000  -10.567 -2.827  1.00 38.79  ? 102 THR A O   1 
ATOM   538 C  CB  . THR A 1 106 ? -6.800  -9.824  0.312   1.00 40.08  ? 102 THR A CB  1 
ATOM   539 O  OG1 . THR A 1 106 ? -6.119  -11.089 0.294   1.00 41.88  ? 102 THR A OG1 1 
ATOM   540 C  CG2 . THR A 1 106 ? -7.969  -9.914  1.301   1.00 39.53  ? 102 THR A CG2 1 
ATOM   541 N  N   . ILE A 1 107 ? -5.254  -8.578  -2.049  1.00 39.11  ? 103 ILE A N   1 
ATOM   542 C  CA  . ILE A 1 107 ? -4.067  -8.510  -2.898  1.00 39.06  ? 103 ILE A CA  1 
ATOM   543 C  C   . ILE A 1 107 ? -3.151  -9.712  -2.703  1.00 41.37  ? 103 ILE A C   1 
ATOM   544 O  O   . ILE A 1 107 ? -2.753  -10.381 -3.671  1.00 41.51  ? 103 ILE A O   1 
ATOM   545 C  CB  . ILE A 1 107 ? -3.295  -7.237  -2.617  1.00 39.07  ? 103 ILE A CB  1 
ATOM   546 C  CG1 . ILE A 1 107 ? -4.127  -6.039  -3.093  1.00 38.62  ? 103 ILE A CG1 1 
ATOM   547 C  CG2 . ILE A 1 107 ? -1.974  -7.275  -3.329  1.00 37.79  ? 103 ILE A CG2 1 
ATOM   548 C  CD1 . ILE A 1 107 ? -3.766  -4.686  -2.460  1.00 38.44  ? 103 ILE A CD1 1 
ATOM   549 N  N   . ARG A 1 108 ? -2.835  -10.005 -1.446  1.00 43.36  ? 104 ARG A N   1 
ATOM   550 C  CA  . ARG A 1 108 ? -2.008  -11.168 -1.130  1.00 45.50  ? 104 ARG A CA  1 
ATOM   551 C  C   . ARG A 1 108 ? -2.770  -12.450 -1.368  1.00 45.43  ? 104 ARG A C   1 
ATOM   552 O  O   . ARG A 1 108 ? -2.183  -13.465 -1.740  1.00 46.65  ? 104 ARG A O   1 
ATOM   553 C  CB  . ARG A 1 108 ? -1.514  -11.100 0.310   1.00 47.33  ? 104 ARG A CB  1 
ATOM   554 C  CG  . ARG A 1 108 ? -0.539  -9.961  0.512   1.00 48.05  ? 104 ARG A CG  1 
ATOM   555 C  CD  . ARG A 1 108 ? -0.343  -9.709  1.973   1.00 50.95  ? 104 ARG A CD  1 
ATOM   556 N  NE  . ARG A 1 108 ? 0.680   -8.696  2.163   1.00 53.89  ? 104 ARG A NE  1 
ATOM   557 C  CZ  . ARG A 1 108 ? 0.694   -7.838  3.173   1.00 55.44  ? 104 ARG A CZ  1 
ATOM   558 N  NH1 . ARG A 1 108 ? -0.282  -7.879  4.087   1.00 54.51  ? 104 ARG A NH1 1 
ATOM   559 N  NH2 . ARG A 1 108 ? 1.675   -6.936  3.259   1.00 55.31  ? 104 ARG A NH2 1 
ATOM   560 N  N   . GLY A 1 109 ? -4.080  -12.403 -1.167  1.00 44.47  ? 105 GLY A N   1 
ATOM   561 C  CA  . GLY A 1 109 ? -4.914  -13.567 -1.442  1.00 44.42  ? 105 GLY A CA  1 
ATOM   562 C  C   . GLY A 1 109 ? -4.994  -13.877 -2.915  1.00 43.86  ? 105 GLY A C   1 
ATOM   563 O  O   . GLY A 1 109 ? -5.176  -15.027 -3.277  1.00 45.22  ? 105 GLY A O   1 
ATOM   564 N  N   . ASP A 1 110 ? -4.886  -12.863 -3.772  1.00 42.71  ? 106 ASP A N   1 
ATOM   565 C  CA  . ASP A 1 110 ? -4.933  -13.087 -5.221  1.00 43.26  ? 106 ASP A CA  1 
ATOM   566 C  C   . ASP A 1 110 ? -3.552  -13.244 -5.868  1.00 45.62  ? 106 ASP A C   1 
ATOM   567 O  O   . ASP A 1 110 ? -3.416  -13.938 -6.884  1.00 47.28  ? 106 ASP A O   1 
ATOM   568 C  CB  . ASP A 1 110 ? -5.690  -11.960 -5.942  1.00 41.07  ? 106 ASP A CB  1 
ATOM   569 C  CG  . ASP A 1 110 ? -7.168  -11.885 -5.556  1.00 40.71  ? 106 ASP A CG  1 
ATOM   570 O  OD1 . ASP A 1 110 ? -7.702  -12.877 -4.998  1.00 38.92  ? 106 ASP A OD1 1 
ATOM   571 O  OD2 . ASP A 1 110 ? -7.791  -10.818 -5.800  1.00 36.88  ? 106 ASP A OD2 1 
ATOM   572 N  N   . PHE A 1 111 ? -2.540  -12.584 -5.309  1.00 79.50  ? 107 PHE A N   1 
ATOM   573 C  CA  . PHE A 1 111 ? -1.254  -12.471 -5.975  1.00 82.11  ? 107 PHE A CA  1 
ATOM   574 C  C   . PHE A 1 111 ? -0.058  -12.896 -5.136  1.00 85.28  ? 107 PHE A C   1 
ATOM   575 O  O   . PHE A 1 111 ? 1.031   -13.055 -5.674  1.00 88.55  ? 107 PHE A O   1 
ATOM   576 C  CB  . PHE A 1 111 ? -1.026  -11.034 -6.446  1.00 77.86  ? 107 PHE A CB  1 
ATOM   577 C  CG  . PHE A 1 111 ? -1.994  -10.570 -7.474  1.00 74.20  ? 107 PHE A CG  1 
ATOM   578 C  CD1 . PHE A 1 111 ? -1.921  -11.044 -8.785  1.00 77.04  ? 107 PHE A CD1 1 
ATOM   579 C  CD2 . PHE A 1 111 ? -2.973  -9.644  -7.142  1.00 67.25  ? 107 PHE A CD2 1 
ATOM   580 C  CE1 . PHE A 1 111 ? -2.839  -10.619 -9.762  1.00 75.25  ? 107 PHE A CE1 1 
ATOM   581 C  CE2 . PHE A 1 111 ? -3.895  -9.207  -8.096  1.00 65.72  ? 107 PHE A CE2 1 
ATOM   582 C  CZ  . PHE A 1 111 ? -3.830  -9.700  -9.413  1.00 70.05  ? 107 PHE A CZ  1 
ATOM   583 N  N   . GLY A 1 112 ? -0.248  -13.056 -3.827  1.00 85.56  ? 108 GLY A N   1 
ATOM   584 C  CA  . GLY A 1 112 ? 0.860   -13.321 -2.906  1.00 89.12  ? 108 GLY A CA  1 
ATOM   585 C  C   . GLY A 1 112 ? 1.562   -14.628 -3.201  1.00 97.34  ? 108 GLY A C   1 
ATOM   586 O  O   . GLY A 1 112 ? 0.914   -15.587 -3.619  1.00 100.77 ? 108 GLY A O   1 
ATOM   587 N  N   . ILE A 1 113 ? 2.888   -14.650 -3.001  1.00 101.50 ? 109 ILE A N   1 
ATOM   588 C  CA  . ILE A 1 113 ? 3.704   -15.867 -3.167  1.00 110.19 ? 109 ILE A CA  1 
ATOM   589 C  C   . ILE A 1 113 ? 3.941   -16.508 -1.782  1.00 112.20 ? 109 ILE A C   1 
ATOM   590 O  O   . ILE A 1 113 ? 3.076   -17.236 -1.287  1.00 112.87 ? 109 ILE A O   1 
ATOM   591 C  CB  . ILE A 1 113 ? 5.059   -15.610 -3.925  1.00 113.71 ? 109 ILE A CB  1 
ATOM   592 C  CG1 . ILE A 1 113 ? 4.883   -14.679 -5.137  1.00 112.00 ? 109 ILE A CG1 1 
ATOM   593 C  CG2 . ILE A 1 113 ? 5.712   -16.937 -4.345  1.00 121.86 ? 109 ILE A CG2 1 
ATOM   594 C  CD1 . ILE A 1 113 ? 4.518   -15.384 -6.446  1.00 116.49 ? 109 ILE A CD1 1 
ATOM   595 N  N   . ASP A 1 114 ? 5.101   -16.249 -1.171  1.00 114.28 ? 110 ASP A N   1 
ATOM   596 C  CA  . ASP A 1 114 ? 5.320   -16.592 0.239   1.00 115.37 ? 110 ASP A CA  1 
ATOM   597 C  C   . ASP A 1 114 ? 5.480   -15.312 1.075   1.00 110.63 ? 110 ASP A C   1 
ATOM   598 O  O   . ASP A 1 114 ? 5.317   -14.205 0.547   1.00 107.19 ? 110 ASP A O   1 
ATOM   599 C  CB  . ASP A 1 114 ? 6.489   -17.591 0.423   1.00 122.33 ? 110 ASP A CB  1 
ATOM   600 C  CG  . ASP A 1 114 ? 7.844   -17.043 -0.038  1.00 125.58 ? 110 ASP A CG  1 
ATOM   601 O  OD1 . ASP A 1 114 ? 8.685   -17.861 -0.476  1.00 132.75 ? 110 ASP A OD1 1 
ATOM   602 O  OD2 . ASP A 1 114 ? 8.086   -15.817 0.048   1.00 122.45 ? 110 ASP A OD2 1 
ATOM   603 N  N   . VAL A 1 115 ? 5.787   -15.457 2.367   1.00 111.33 ? 111 VAL A N   1 
ATOM   604 C  CA  . VAL A 1 115 ? 5.908   -14.290 3.268   1.00 107.80 ? 111 VAL A CA  1 
ATOM   605 C  C   . VAL A 1 115 ? 7.125   -13.377 2.955   1.00 108.93 ? 111 VAL A C   1 
ATOM   606 O  O   . VAL A 1 115 ? 7.063   -12.154 3.184   1.00 105.23 ? 111 VAL A O   1 
ATOM   607 C  CB  . VAL A 1 115 ? 5.813   -14.690 4.793   1.00 107.85 ? 111 VAL A CB  1 
ATOM   608 C  CG1 . VAL A 1 115 ? 7.049   -15.472 5.259   1.00 113.19 ? 111 VAL A CG1 1 
ATOM   609 C  CG2 . VAL A 1 115 ? 5.544   -13.453 5.683   1.00 103.20 ? 111 VAL A CG2 1 
ATOM   610 N  N   . GLY A 1 116 ? 8.208   -13.971 2.431   1.00 114.56 ? 112 GLY A N   1 
ATOM   611 C  CA  . GLY A 1 116 ? 9.325   -13.207 1.861   1.00 116.25 ? 112 GLY A CA  1 
ATOM   612 C  C   . GLY A 1 116 ? 8.831   -12.271 0.757   1.00 113.06 ? 112 GLY A C   1 
ATOM   613 O  O   . GLY A 1 116 ? 8.985   -11.049 0.841   1.00 110.20 ? 112 GLY A O   1 
ATOM   614 N  N   . ARG A 1 117 ? 8.203   -12.841 -0.267  1.00 113.60 ? 113 ARG A N   1 
ATOM   615 C  CA  . ARG A 1 117 ? 7.694   -12.044 -1.371  1.00 110.42 ? 113 ARG A CA  1 
ATOM   616 C  C   . ARG A 1 117 ? 6.187   -11.754 -1.208  1.00 104.65 ? 113 ARG A C   1 
ATOM   617 O  O   . ARG A 1 117 ? 5.331   -12.331 -1.901  1.00 104.98 ? 113 ARG A O   1 
ATOM   618 C  CB  . ARG A 1 117 ? 8.037   -12.721 -2.701  1.00 115.75 ? 113 ARG A CB  1 
ATOM   619 C  CG  . ARG A 1 117 ? 9.510   -13.124 -2.800  1.00 122.76 ? 113 ARG A CG  1 
ATOM   620 C  CD  . ARG A 1 117 ? 9.892   -13.650 -4.182  1.00 130.13 ? 113 ARG A CD  1 
ATOM   621 N  NE  . ARG A 1 117 ? 9.235   -14.916 -4.536  1.00 134.72 ? 113 ARG A NE  1 
ATOM   622 C  CZ  . ARG A 1 117 ? 9.604   -16.124 -4.098  1.00 140.68 ? 113 ARG A CZ  1 
ATOM   623 N  NH1 . ARG A 1 117 ? 10.627  -16.259 -3.258  1.00 143.98 ? 113 ARG A NH1 1 
ATOM   624 N  NH2 . ARG A 1 117 ? 8.943   -17.204 -4.497  1.00 143.32 ? 113 ARG A NH2 1 
ATOM   625 N  N   . ASN A 1 118 ? 5.878   -10.857 -0.270  1.00 99.57  ? 114 ASN A N   1 
ATOM   626 C  CA  . ASN A 1 118 ? 4.485   -10.493 0.051   1.00 94.10  ? 114 ASN A CA  1 
ATOM   627 C  C   . ASN A 1 118 ? 4.028   -9.158  -0.551  1.00 89.08  ? 114 ASN A C   1 
ATOM   628 O  O   . ASN A 1 118 ? 3.111   -8.503  -0.022  1.00 85.42  ? 114 ASN A O   1 
ATOM   629 C  CB  . ASN A 1 118 ? 4.222   -10.532 1.569   1.00 93.11  ? 114 ASN A CB  1 
ATOM   630 C  CG  . ASN A 1 118 ? 4.904   -9.391  2.321   1.00 93.50  ? 114 ASN A CG  1 
ATOM   631 O  OD1 . ASN A 1 118 ? 5.976   -8.910  1.926   1.00 98.03  ? 114 ASN A OD1 1 
ATOM   632 N  ND2 . ASN A 1 118 ? 4.284   -8.954  3.417   1.00 92.71  ? 114 ASN A ND2 1 
ATOM   633 N  N   . ILE A 1 119 ? 4.714   -8.752  -1.628  1.00 88.51  ? 115 ILE A N   1 
ATOM   634 C  CA  . ILE A 1 119 ? 4.154   -7.864  -2.659  1.00 83.85  ? 115 ILE A CA  1 
ATOM   635 C  C   . ILE A 1 119 ? 4.064   -6.412  -2.266  1.00 78.83  ? 115 ILE A C   1 
ATOM   636 O  O   . ILE A 1 119 ? 4.418   -5.529  -3.046  1.00 78.40  ? 115 ILE A O   1 
ATOM   637 C  CB  . ILE A 1 119 ? 2.766   -8.396  -3.143  1.00 83.00  ? 115 ILE A CB  1 
ATOM   638 C  CG1 . ILE A 1 119 ? 2.958   -9.645  -3.986  1.00 87.02  ? 115 ILE A CG1 1 
ATOM   639 C  CG2 . ILE A 1 119 ? 1.961   -7.348  -3.928  1.00 80.58  ? 115 ILE A CG2 1 
ATOM   640 C  CD1 . ILE A 1 119 ? 1.687   -10.319 -4.261  1.00 87.64  ? 115 ILE A CD1 1 
ATOM   641 N  N   . ILE A 1 120 ? 3.596   -6.159  -1.057  1.00 74.94  ? 116 ILE A N   1 
ATOM   642 C  CA  . ILE A 1 120 ? 3.114   -4.833  -0.720  1.00 70.71  ? 116 ILE A CA  1 
ATOM   643 C  C   . ILE A 1 120 ? 3.280   -4.540  0.774   1.00 70.01  ? 116 ILE A C   1 
ATOM   644 O  O   . ILE A 1 120 ? 3.253   -5.449  1.598   1.00 70.47  ? 116 ILE A O   1 
ATOM   645 C  CB  . ILE A 1 120 ? 1.629   -4.681  -1.190  1.00 67.94  ? 116 ILE A CB  1 
ATOM   646 C  CG1 . ILE A 1 120 ? 1.101   -3.282  -0.918  1.00 64.23  ? 116 ILE A CG1 1 
ATOM   647 C  CG2 . ILE A 1 120 ? 0.723   -5.782  -0.572  1.00 67.24  ? 116 ILE A CG2 1 
ATOM   648 C  CD1 . ILE A 1 120 ? -0.072  -2.928  -1.757  1.00 63.18  ? 116 ILE A CD1 1 
ATOM   649 N  N   . HIS A 1 121 ? 3.485   -3.271  1.107   1.00 69.17  ? 117 HIS A N   1 
ATOM   650 C  CA  . HIS A 1 121 ? 3.480   -2.844  2.490   1.00 69.41  ? 117 HIS A CA  1 
ATOM   651 C  C   . HIS A 1 121 ? 2.471   -1.747  2.655   1.00 67.70  ? 117 HIS A C   1 
ATOM   652 O  O   . HIS A 1 121 ? 2.331   -0.915  1.781   1.00 67.47  ? 117 HIS A O   1 
ATOM   653 C  CB  . HIS A 1 121 ? 4.846   -2.306  2.939   1.00 72.31  ? 117 HIS A CB  1 
ATOM   654 C  CG  . HIS A 1 121 ? 4.773   -1.591  4.252   1.00 72.83  ? 117 HIS A CG  1 
ATOM   655 N  ND1 . HIS A 1 121 ? 4.909   -2.244  5.459   1.00 74.05  ? 117 HIS A ND1 1 
ATOM   656 C  CD2 . HIS A 1 121 ? 4.463   -0.306  4.548   1.00 72.54  ? 117 HIS A CD2 1 
ATOM   657 C  CE1 . HIS A 1 121 ? 4.725   -1.380  6.442   1.00 74.81  ? 117 HIS A CE1 1 
ATOM   658 N  NE2 . HIS A 1 121 ? 4.445   -0.199  5.916   1.00 73.86  ? 117 HIS A NE2 1 
ATOM   659 N  N   . GLY A 1 122 ? 1.788   -1.736  3.790   1.00 68.02  ? 118 GLY A N   1 
ATOM   660 C  CA  . GLY A 1 122 ? 0.864   -0.663  4.138   1.00 68.78  ? 118 GLY A CA  1 
ATOM   661 C  C   . GLY A 1 122 ? 0.995   -0.391  5.622   1.00 71.55  ? 118 GLY A C   1 
ATOM   662 O  O   . GLY A 1 122 ? 1.193   -1.320  6.409   1.00 72.47  ? 118 GLY A O   1 
ATOM   663 N  N   . SER A 1 123 ? 0.912   0.881   6.002   1.00 73.45  ? 119 SER A N   1 
ATOM   664 C  CA  . SER A 1 123 ? 1.055   1.299   7.396   1.00 76.21  ? 119 SER A CA  1 
ATOM   665 C  C   . SER A 1 123 ? 0.126   0.538   8.326   1.00 76.25  ? 119 SER A C   1 
ATOM   666 O  O   . SER A 1 123 ? -1.047  0.351   8.014   1.00 74.82  ? 119 SER A O   1 
ATOM   667 C  CB  . SER A 1 123 ? 0.776   2.791   7.522   1.00 77.77  ? 119 SER A CB  1 
ATOM   668 O  OG  . SER A 1 123 ? 1.814   3.535   6.927   1.00 79.34  ? 119 SER A OG  1 
ATOM   669 N  N   . ALA A 1 124 ? 0.662   0.130   9.476   1.00 78.99  ? 120 ALA A N   1 
ATOM   670 C  CA  . ALA A 1 124 ? -0.061  -0.700  10.453  1.00 79.60  ? 120 ALA A CA  1 
ATOM   671 C  C   . ALA A 1 124 ? -1.169  0.026   11.208  1.00 81.31  ? 120 ALA A C   1 
ATOM   672 O  O   . ALA A 1 124 ? -2.191  -0.565  11.530  1.00 80.90  ? 120 ALA A O   1 
ATOM   673 C  CB  . ALA A 1 124 ? 0.913   -1.328  11.429  1.00 81.44  ? 120 ALA A CB  1 
ATOM   674 N  N   . ASN A 1 125 ? -0.959  1.305   11.498  1.00 84.54  ? 121 ASN A N   1 
ATOM   675 C  CA  . ASN A 1 125 ? -1.903  2.106   12.292  1.00 87.77  ? 121 ASN A CA  1 
ATOM   676 C  C   . ASN A 1 125 ? -1.632  3.583   12.041  1.00 90.44  ? 121 ASN A C   1 
ATOM   677 O  O   . ASN A 1 125 ? -0.671  3.919   11.348  1.00 89.49  ? 121 ASN A O   1 
ATOM   678 C  CB  . ASN A 1 125 ? -1.750  1.792   13.784  1.00 90.57  ? 121 ASN A CB  1 
ATOM   679 C  CG  . ASN A 1 125 ? -0.312  1.933   14.252  1.00 93.21  ? 121 ASN A CG  1 
ATOM   680 O  OD1 . ASN A 1 125 ? 0.206   3.046   14.368  1.00 96.93  ? 121 ASN A OD1 1 
ATOM   681 N  ND2 . ASN A 1 125 ? 0.349   0.804   14.499  1.00 91.62  ? 121 ASN A ND2 1 
ATOM   682 N  N   . LEU A 1 126 ? -2.465  4.450   12.614  1.00 94.43  ? 122 LEU A N   1 
ATOM   683 C  CA  . LEU A 1 126 ? -2.416  5.896   12.348  1.00 98.41  ? 122 LEU A CA  1 
ATOM   684 C  C   . LEU A 1 126 ? -1.065  6.558   12.689  1.00 102.22 ? 122 LEU A C   1 
ATOM   685 O  O   . LEU A 1 126 ? -0.635  7.494   11.997  1.00 103.48 ? 122 LEU A O   1 
ATOM   686 C  CB  . LEU A 1 126 ? -3.568  6.613   13.058  1.00 102.27 ? 122 LEU A CB  1 
ATOM   687 C  CG  . LEU A 1 126 ? -4.997  6.213   12.656  1.00 101.00 ? 122 LEU A CG  1 
ATOM   688 C  CD1 . LEU A 1 126 ? -5.972  6.281   13.852  1.00 105.55 ? 122 LEU A CD1 1 
ATOM   689 C  CD2 . LEU A 1 126 ? -5.502  7.059   11.495  1.00 100.24 ? 122 LEU A CD2 1 
ATOM   690 N  N   . ASP A 1 127 ? -0.399  6.061   13.734  1.00 104.67 ? 123 ASP A N   1 
ATOM   691 C  CA  . ASP A 1 127 ? 0.946   6.527   14.089  1.00 108.76 ? 123 ASP A CA  1 
ATOM   692 C  C   . ASP A 1 127 ? 2.004   6.075   13.089  1.00 105.97 ? 123 ASP A C   1 
ATOM   693 O  O   . ASP A 1 127 ? 2.817   6.880   12.643  1.00 108.37 ? 123 ASP A O   1 
ATOM   694 C  CB  . ASP A 1 127 ? 1.346   6.073   15.504  1.00 112.18 ? 123 ASP A CB  1 
ATOM   695 C  CG  . ASP A 1 127 ? 0.765   6.953   16.588  1.00 118.17 ? 123 ASP A CG  1 
ATOM   696 O  OD1 . ASP A 1 127 ? -0.056  7.851   16.280  1.00 120.26 ? 123 ASP A OD1 1 
ATOM   697 O  OD2 . ASP A 1 127 ? 1.133   6.739   17.758  1.00 123.11 ? 123 ASP A OD2 1 
ATOM   698 N  N   . ASP A 1 128 ? 2.009   4.789   12.752  1.00 142.96 ? 124 ASP A N   1 
ATOM   699 C  CA  . ASP A 1 128 ? 2.925   4.282   11.732  1.00 140.42 ? 124 ASP A CA  1 
ATOM   700 C  C   . ASP A 1 128 ? 2.685   4.968   10.388  1.00 131.04 ? 124 ASP A C   1 
ATOM   701 O  O   . ASP A 1 128 ? 3.621   5.138   9.612   1.00 128.38 ? 124 ASP A O   1 
ATOM   702 C  CB  . ASP A 1 128 ? 2.819   2.761   11.570  1.00 146.01 ? 124 ASP A CB  1 
ATOM   703 C  CG  . ASP A 1 128 ? 3.349   1.994   12.775  1.00 158.74 ? 124 ASP A CG  1 
ATOM   704 O  OD1 . ASP A 1 128 ? 3.639   2.620   13.839  1.00 166.13 ? 124 ASP A OD1 1 
ATOM   705 O  OD2 . ASP A 1 128 ? 3.480   0.746   12.677  1.00 167.80 ? 124 ASP A OD2 1 
ATOM   706 N  N   . ALA A 1 129 ? 1.445   5.375   10.112  1.00 127.72 ? 125 ALA A N   1 
ATOM   707 C  CA  . ALA A 1 129 ? 1.161   6.102   8.866   1.00 121.05 ? 125 ALA A CA  1 
ATOM   708 C  C   . ALA A 1 129 ? 1.844   7.473   8.840   1.00 118.46 ? 125 ALA A C   1 
ATOM   709 O  O   . ALA A 1 129 ? 2.650   7.742   7.947   1.00 115.46 ? 125 ALA A O   1 
ATOM   710 C  CB  . ALA A 1 129 ? -0.346  6.214   8.601   1.00 119.78 ? 125 ALA A CB  1 
ATOM   711 N  N   . ALA A 1 130 ? 1.549   8.321   9.823   1.00 120.89 ? 126 ALA A N   1 
ATOM   712 C  CA  . ALA A 1 130 ? 2.164   9.661   9.885   1.00 120.47 ? 126 ALA A CA  1 
ATOM   713 C  C   . ALA A 1 130 ? 3.698   9.637   9.798   1.00 120.84 ? 126 ALA A C   1 
ATOM   714 O  O   . ALA A 1 130 ? 4.298   10.462  9.085   1.00 117.92 ? 126 ALA A O   1 
ATOM   715 C  CB  . ALA A 1 130 ? 1.693   10.439  11.115  1.00 124.65 ? 126 ALA A CB  1 
ATOM   716 N  N   . ARG A 1 131 ? 4.320   8.672   10.488  1.00 125.66 ? 127 ARG A N   1 
ATOM   717 C  CA  . ARG A 1 131 ? 5.785   8.515   10.468  1.00 128.12 ? 127 ARG A CA  1 
ATOM   718 C  C   . ARG A 1 131 ? 6.296   8.016   9.103   1.00 123.98 ? 127 ARG A C   1 
ATOM   719 O  O   . ARG A 1 131 ? 7.222   8.603   8.538   1.00 122.57 ? 127 ARG A O   1 
ATOM   720 C  CB  . ARG A 1 131 ? 6.286   7.634   11.633  1.00 136.40 ? 127 ARG A CB  1 
ATOM   721 N  N   . GLU A 1 132 ? 5.676   6.958   8.574   1.00 123.16 ? 128 GLU A N   1 
ATOM   722 C  CA  . GLU A 1 132 ? 6.024   6.425   7.240   1.00 120.37 ? 128 GLU A CA  1 
ATOM   723 C  C   . GLU A 1 132 ? 5.869   7.439   6.102   1.00 114.98 ? 128 GLU A C   1 
ATOM   724 O  O   . GLU A 1 132 ? 6.705   7.492   5.200   1.00 114.28 ? 128 GLU A O   1 
ATOM   725 C  CB  . GLU A 1 132 ? 5.238   5.151   6.924   1.00 121.21 ? 128 GLU A CB  1 
ATOM   726 C  CG  . GLU A 1 132 ? 5.928   3.866   7.371   1.00 128.40 ? 128 GLU A CG  1 
ATOM   727 C  CD  . GLU A 1 132 ? 5.016   2.631   7.346   1.00 132.78 ? 128 GLU A CD  1 
ATOM   728 O  OE1 . GLU A 1 132 ? 4.046   2.586   6.552   1.00 128.97 ? 128 GLU A OE1 1 
ATOM   729 O  OE2 . GLU A 1 132 ? 5.276   1.683   8.123   1.00 141.57 ? 128 GLU A OE2 1 
ATOM   730 N  N   . ILE A 1 133 ? 4.811   8.242   6.143   1.00 112.99 ? 129 ILE A N   1 
ATOM   731 C  CA  . ILE A 1 133 ? 4.613   9.294   5.141   1.00 110.36 ? 129 ILE A CA  1 
ATOM   732 C  C   . ILE A 1 133 ? 5.765   10.309  5.173   1.00 111.52 ? 129 ILE A C   1 
ATOM   733 O  O   . ILE A 1 133 ? 6.417   10.573  4.155   1.00 110.68 ? 129 ILE A O   1 
ATOM   734 C  CB  . ILE A 1 133 ? 3.239   9.998   5.314   1.00 110.23 ? 129 ILE A CB  1 
ATOM   735 C  CG1 . ILE A 1 133 ? 2.100   9.027   4.951   1.00 109.76 ? 129 ILE A CG1 1 
ATOM   736 C  CG2 . ILE A 1 133 ? 3.173   11.286  4.469   1.00 109.55 ? 129 ILE A CG2 1 
ATOM   737 C  CD1 . ILE A 1 133 ? 0.713   9.439   5.439   1.00 110.65 ? 129 ILE A CD1 1 
ATOM   738 N  N   . ALA A 1 134 ? 6.026   10.855  6.356   1.00 114.78 ? 130 ALA A N   1 
ATOM   739 C  CA  . ALA A 1 134 ? 7.064   11.855  6.524   1.00 117.08 ? 130 ALA A CA  1 
ATOM   740 C  C   . ALA A 1 134 ? 8.472   11.326  6.206   1.00 118.58 ? 130 ALA A C   1 
ATOM   741 O  O   . ALA A 1 134 ? 9.248   12.015  5.543   1.00 118.93 ? 130 ALA A O   1 
ATOM   742 C  CB  . ALA A 1 134 ? 6.994   12.428  7.880   1.00 120.58 ? 130 ALA A CB  1 
ATOM   743 N  N   . LEU A 1 135 ? 8.789   10.107  6.644   1.00 121.10 ? 131 LEU A N   1 
ATOM   744 C  CA  . LEU A 1 135 ? 10.037  9.440   6.241   1.00 123.86 ? 131 LEU A CA  1 
ATOM   745 C  C   . LEU A 1 135 ? 10.260  9.457   4.717   1.00 120.82 ? 131 LEU A C   1 
ATOM   746 O  O   . LEU A 1 135 ? 11.347  9.795   4.249   1.00 122.41 ? 131 LEU A O   1 
ATOM   747 C  CB  . LEU A 1 135 ? 10.058  7.992   6.753   1.00 127.98 ? 131 LEU A CB  1 
ATOM   748 C  CG  . LEU A 1 135 ? 11.311  7.092   6.610   1.00 134.42 ? 131 LEU A CG  1 
ATOM   749 C  CD1 . LEU A 1 135 ? 11.112  5.832   7.487   1.00 140.98 ? 131 LEU A CD1 1 
ATOM   750 C  CD2 . LEU A 1 135 ? 11.623  6.672   5.125   1.00 133.11 ? 131 LEU A CD2 1 
ATOM   751 N  N   . TRP A 1 136 ? 9.228   9.096   3.951   1.00 117.56 ? 132 TRP A N   1 
ATOM   752 C  CA  . TRP A 1 136 ? 9.368   8.892   2.507   1.00 115.98 ? 132 TRP A CA  1 
ATOM   753 C  C   . TRP A 1 136 ? 9.133   10.118  1.634   1.00 114.93 ? 132 TRP A C   1 
ATOM   754 O  O   . TRP A 1 136 ? 9.578   10.147  0.488   1.00 115.45 ? 132 TRP A O   1 
ATOM   755 C  CB  . TRP A 1 136 ? 8.451   7.761   2.052   1.00 115.13 ? 132 TRP A CB  1 
ATOM   756 C  CG  . TRP A 1 136 ? 8.897   6.432   2.543   1.00 117.49 ? 132 TRP A CG  1 
ATOM   757 C  CD1 . TRP A 1 136 ? 8.627   5.888   3.757   1.00 118.95 ? 132 TRP A CD1 1 
ATOM   758 C  CD2 . TRP A 1 136 ? 9.706   5.461   1.834   1.00 120.63 ? 132 TRP A CD2 1 
ATOM   759 N  NE1 . TRP A 1 136 ? 9.207   4.633   3.859   1.00 124.85 ? 132 TRP A NE1 1 
ATOM   760 C  CE2 . TRP A 1 136 ? 9.913   4.356   2.702   1.00 125.74 ? 132 TRP A CE2 1 
ATOM   761 C  CE3 . TRP A 1 136 ? 10.281  5.421   0.553   1.00 121.44 ? 132 TRP A CE3 1 
ATOM   762 C  CZ2 . TRP A 1 136 ? 10.686  3.221   2.337   1.00 131.83 ? 132 TRP A CZ2 1 
ATOM   763 C  CZ3 . TRP A 1 136 ? 10.974  4.270   0.165   1.00 127.76 ? 132 TRP A CZ3 1 
ATOM   764 C  CH2 . TRP A 1 136 ? 11.127  3.171   1.049   1.00 132.35 ? 132 TRP A CH2 1 
ATOM   765 N  N   . PHE A 1 137 ? 8.436   11.122  2.157   1.00 114.96 ? 133 PHE A N   1 
ATOM   766 C  CA  . PHE A 1 137 ? 8.158   12.333  1.381   1.00 116.85 ? 133 PHE A CA  1 
ATOM   767 C  C   . PHE A 1 137 ? 8.691   13.643  1.989   1.00 120.15 ? 133 PHE A C   1 
ATOM   768 O  O   . PHE A 1 137 ? 8.827   13.772  3.208   1.00 120.94 ? 133 PHE A O   1 
ATOM   769 C  CB  . PHE A 1 137 ? 6.655   12.458  1.130   1.00 115.91 ? 133 PHE A CB  1 
ATOM   770 C  CG  . PHE A 1 137 ? 6.113   11.443  0.173   1.00 115.99 ? 133 PHE A CG  1 
ATOM   771 C  CD1 . PHE A 1 137 ? 5.749   10.167  0.616   1.00 114.92 ? 133 PHE A CD1 1 
ATOM   772 C  CD2 . PHE A 1 137 ? 5.962   11.753  -1.175  1.00 118.97 ? 133 PHE A CD2 1 
ATOM   773 C  CE1 . PHE A 1 137 ? 5.251   9.218   -0.266  1.00 115.55 ? 133 PHE A CE1 1 
ATOM   774 C  CE2 . PHE A 1 137 ? 5.456   10.808  -2.073  1.00 120.04 ? 133 PHE A CE2 1 
ATOM   775 C  CZ  . PHE A 1 137 ? 5.097   9.539   -1.617  1.00 118.07 ? 133 PHE A CZ  1 
ATOM   776 N  N   . LYS A 1 138 ? 8.998   14.605  1.118   1.00 123.91 ? 134 LYS A N   1 
ATOM   777 C  CA  . LYS A 1 138 ? 9.049   16.018  1.496   1.00 129.01 ? 134 LYS A CA  1 
ATOM   778 C  C   . LYS A 1 138 ? 7.582   16.457  1.655   1.00 130.50 ? 134 LYS A C   1 
ATOM   779 O  O   . LYS A 1 138 ? 6.702   15.873  1.022   1.00 129.12 ? 134 LYS A O   1 
ATOM   780 C  CB  . LYS A 1 138 ? 9.766   16.842  0.418   1.00 133.19 ? 134 LYS A CB  1 
ATOM   781 N  N   . PRO A 1 139 ? 7.297   17.463  2.506   1.00 134.86 ? 135 PRO A N   1 
ATOM   782 C  CA  . PRO A 1 139 ? 5.875   17.757  2.769   1.00 136.73 ? 135 PRO A CA  1 
ATOM   783 C  C   . PRO A 1 139 ? 5.162   18.464  1.609   1.00 141.76 ? 135 PRO A C   1 
ATOM   784 O  O   . PRO A 1 139 ? 3.929   18.405  1.516   1.00 142.75 ? 135 PRO A O   1 
ATOM   785 C  CB  . PRO A 1 139 ? 5.920   18.652  4.016   1.00 141.13 ? 135 PRO A CB  1 
ATOM   786 C  CG  . PRO A 1 139 ? 7.263   19.310  3.968   1.00 144.09 ? 135 PRO A CG  1 
ATOM   787 C  CD  . PRO A 1 139 ? 8.201   18.321  3.300   1.00 139.07 ? 135 PRO A CD  1 
ATOM   788 N  N   . GLU A 1 140 ? 5.939   19.126  0.748   1.00 146.32 ? 136 GLU A N   1 
ATOM   789 C  CA  . GLU A 1 140 ? 5.416   19.753  -0.464  1.00 153.00 ? 136 GLU A CA  1 
ATOM   790 C  C   . GLU A 1 140 ? 4.895   18.664  -1.403  1.00 149.88 ? 136 GLU A C   1 
ATOM   791 O  O   . GLU A 1 140 ? 3.855   18.837  -2.048  1.00 154.39 ? 136 GLU A O   1 
ATOM   792 C  CB  . GLU A 1 140 ? 6.499   20.604  -1.152  1.00 158.88 ? 136 GLU A CB  1 
ATOM   793 N  N   . GLU A 1 141 ? 5.613   17.536  -1.446  1.00 143.57 ? 137 GLU A N   1 
ATOM   794 C  CA  . GLU A 1 141 ? 5.245   16.368  -2.260  1.00 140.71 ? 137 GLU A CA  1 
ATOM   795 C  C   . GLU A 1 141 ? 3.864   15.786  -1.937  1.00 138.81 ? 137 GLU A C   1 
ATOM   796 O  O   . GLU A 1 141 ? 3.267   15.089  -2.765  1.00 139.40 ? 137 GLU A O   1 
ATOM   797 C  CB  . GLU A 1 141 ? 6.305   15.270  -2.138  1.00 135.30 ? 137 GLU A CB  1 
ATOM   798 C  CG  . GLU A 1 141 ? 7.656   15.631  -2.739  1.00 138.53 ? 137 GLU A CG  1 
ATOM   799 C  CD  . GLU A 1 141 ? 8.668   14.502  -2.641  1.00 135.08 ? 137 GLU A CD  1 
ATOM   800 O  OE1 . GLU A 1 141 ? 8.792   13.895  -1.560  1.00 131.37 ? 137 GLU A OE1 1 
ATOM   801 O  OE2 . GLU A 1 141 ? 9.356   14.227  -3.645  1.00 137.49 ? 137 GLU A OE2 1 
ATOM   802 N  N   . VAL A 1 142 ? 3.360   16.072  -0.743  1.00 137.72 ? 138 VAL A N   1 
ATOM   803 C  CA  . VAL A 1 142 ? 2.063   15.561  -0.312  1.00 136.76 ? 138 VAL A CA  1 
ATOM   804 C  C   . VAL A 1 142 ? 0.996   16.666  -0.386  1.00 144.33 ? 138 VAL A C   1 
ATOM   805 O  O   . VAL A 1 142 ? 1.230   17.792  0.075   1.00 148.78 ? 138 VAL A O   1 
ATOM   806 C  CB  . VAL A 1 142 ? 2.159   14.926  1.105   1.00 131.81 ? 138 VAL A CB  1 
ATOM   807 C  CG1 . VAL A 1 142 ? 0.798   14.434  1.589   1.00 131.26 ? 138 VAL A CG1 1 
ATOM   808 C  CG2 . VAL A 1 142 ? 3.181   13.779  1.112   1.00 126.12 ? 138 VAL A CG2 1 
ATOM   809 N  N   . ALA A 1 143 ? -0.163  16.328  -0.969  1.00 147.19 ? 139 ALA A N   1 
ATOM   810 C  CA  . ALA A 1 143 ? -1.272  17.272  -1.243  1.00 156.18 ? 139 ALA A CA  1 
ATOM   811 C  C   . ALA A 1 143 ? -1.794  18.065  -0.031  1.00 159.25 ? 139 ALA A C   1 
ATOM   812 O  O   . ALA A 1 143 ? -1.541  17.723  1.131   1.00 154.09 ? 139 ALA A O   1 
ATOM   813 C  CB  . ALA A 1 143 ? -2.432  16.548  -1.940  1.00 158.04 ? 139 ALA A CB  1 
HETATM 814 CL CL  . CL  B 2 .   ? 5.083   -5.495  5.988   1.00 84.44  ? 152 CL  A CL  1 
HETATM 815 O  O   . HOH C 3 .   ? -0.890  -4.197  -13.038 1.00 23.30  ? 153 HOH A O   1 
HETATM 816 O  O   . HOH C 3 .   ? -11.205 -4.302  -7.574  1.00 22.86  ? 154 HOH A O   1 
HETATM 817 O  O   . HOH C 3 .   ? 1.467   -7.154  -15.492 1.00 35.75  ? 155 HOH A O   1 
HETATM 818 O  O   . HOH C 3 .   ? -3.155  -6.797  -13.407 1.00 47.16  ? 156 HOH A O   1 
HETATM 819 O  O   . HOH C 3 .   ? -5.342  -2.188  -13.580 0.50 9.45   ? 157 HOH A O   1 
HETATM 820 O  O   . HOH C 3 .   ? -11.055 -2.858  -5.085  1.00 16.85  ? 158 HOH A O   1 
HETATM 821 O  O   . HOH C 3 .   ? -10.413 -4.891  -3.249  1.00 24.89  ? 159 HOH A O   1 
HETATM 822 O  O   . HOH C 3 .   ? -7.839  -5.761  -2.715  1.00 22.73  ? 160 HOH A O   1 
HETATM 823 O  O   . HOH C 3 .   ? -11.024 -7.766  -4.400  1.00 23.50  ? 161 HOH A O   1 
HETATM 824 O  O   . HOH C 3 .   ? -12.646 -14.748 -0.211  1.00 21.70  ? 162 HOH A O   1 
HETATM 825 O  O   . HOH C 3 .   ? -8.340  -9.175  4.678   1.00 29.43  ? 163 HOH A O   1 
HETATM 826 O  O   . HOH C 3 .   ? -6.852  -11.881 4.686   1.00 31.61  ? 164 HOH A O   1 
HETATM 827 O  O   . HOH C 3 .   ? 3.482   -0.067  9.857   1.00 29.38  ? 165 HOH A O   1 
# 
loop_
_atom_site_anisotrop.id 
_atom_site_anisotrop.type_symbol 
_atom_site_anisotrop.pdbx_label_atom_id 
_atom_site_anisotrop.pdbx_label_alt_id 
_atom_site_anisotrop.pdbx_label_comp_id 
_atom_site_anisotrop.pdbx_label_asym_id 
_atom_site_anisotrop.pdbx_label_seq_id 
_atom_site_anisotrop.pdbx_PDB_ins_code 
_atom_site_anisotrop.U[1][1] 
_atom_site_anisotrop.U[2][2] 
_atom_site_anisotrop.U[3][3] 
_atom_site_anisotrop.U[1][2] 
_atom_site_anisotrop.U[1][3] 
_atom_site_anisotrop.U[2][3] 
_atom_site_anisotrop.pdbx_auth_seq_id 
_atom_site_anisotrop.pdbx_auth_comp_id 
_atom_site_anisotrop.pdbx_auth_asym_id 
_atom_site_anisotrop.pdbx_auth_atom_id 
1   N N   . MET A 5   ? 2.2314 1.6087 1.1809 0.1478  0.0490  -0.4626 1   MET A N   
2   C CA  . MET A 5   ? 2.0410 1.6314 1.1474 0.0694  0.0724  -0.4437 1   MET A CA  
3   C C   . MET A 5   ? 1.8945 1.5970 1.1411 0.0872  0.0373  -0.4280 1   MET A C   
4   O O   . MET A 5   ? 1.7678 1.6088 1.1461 0.0157  0.0582  -0.4189 1   MET A O   
5   C CB  . MET A 5   ? 2.0566 1.8322 1.2340 0.0865  0.1458  -0.5094 1   MET A CB  
6   N N   . ALA A 6   ? 1.9462 1.5719 1.1478 0.1840  -0.0093 -0.4255 2   ALA A N   
7   C CA  . ALA A 6   ? 1.8318 1.5478 1.1218 0.2110  -0.0529 -0.4070 2   ALA A CA  
8   C C   . ALA A 6   ? 1.8869 1.3800 1.0507 0.1990  -0.0973 -0.3326 2   ALA A C   
9   O O   . ALA A 6   ? 1.8200 1.3616 1.0262 0.2088  -0.1310 -0.3051 2   ALA A O   
10  C CB  . ALA A 6   ? 1.8622 1.7612 1.2224 0.3580  -0.0648 -0.4709 2   ALA A CB  
11  N N   . ARG A 7   ? 2.0218 1.2836 1.0311 0.1678  -0.0893 -0.3115 3   ARG A N   
12  C CA  . ARG A 7   ? 2.0764 1.1293 0.9736 0.1043  -0.1121 -0.2513 3   ARG A CA  
13  C C   . ARG A 7   ? 1.9101 1.0287 0.8709 -0.0344 -0.1218 -0.2138 3   ARG A C   
14  O O   . ARG A 7   ? 1.9563 0.9619 0.8538 -0.1087 -0.1389 -0.1744 3   ARG A O   
15  C CB  . ARG A 7   ? 2.3188 1.1132 1.0372 0.1059  -0.0902 -0.2706 3   ARG A CB  
16  N N   . GLU A 8   ? 1.7358 1.0356 0.8197 -0.0651 -0.1038 -0.2266 4   GLU A N   
17  C CA  . GLU A 8   ? 1.6006 0.9568 0.7372 -0.1646 -0.1043 -0.1828 4   GLU A CA  
18  C C   . GLU A 8   ? 1.4846 0.8611 0.6818 -0.1887 -0.1356 -0.1387 4   GLU A C   
19  O O   . GLU A 8   ? 1.4497 0.8715 0.6943 -0.1324 -0.1467 -0.1519 4   GLU A O   
20  C CB  . GLU A 8   ? 1.5226 1.0282 0.7675 -0.1766 -0.0570 -0.2015 4   GLU A CB  
21  C CG  . GLU A 8   ? 1.4744 1.0041 0.7429 -0.2535 -0.0400 -0.1437 4   GLU A CG  
22  C CD  . GLU A 8   ? 1.4624 1.0913 0.8183 -0.2713 0.0312  -0.1568 4   GLU A CD  
23  O OE1 . GLU A 8   ? 1.5013 1.1707 0.8355 -0.2503 0.0721  -0.2052 4   GLU A OE1 
24  O OE2 . GLU A 8   ? 1.4069 1.0639 0.8528 -0.3092 0.0567  -0.1217 4   GLU A OE2 
25  N N   . ARG A 9   ? 1.4285 0.7944 0.6199 -0.2631 -0.1512 -0.0910 5   ARG A N   
26  C CA  . ARG A 9   ? 1.3421 0.7294 0.5809 -0.2876 -0.1759 -0.0532 5   ARG A CA  
27  C C   . ARG A 9   ? 1.2469 0.7184 0.5585 -0.3350 -0.1765 -0.0100 5   ARG A C   
28  O O   . ARG A 9   ? 1.2923 0.7644 0.5539 -0.3671 -0.1789 0.0098  5   ARG A O   
29  C CB  . ARG A 9   ? 1.4583 0.7181 0.5847 -0.3226 -0.1968 -0.0391 5   ARG A CB  
30  C CG  . ARG A 9   ? 1.5793 0.7197 0.6259 -0.2566 -0.1919 -0.0518 5   ARG A CG  
31  C CD  . ARG A 9   ? 1.7814 0.7293 0.6875 -0.3105 -0.1870 -0.0432 5   ARG A CD  
32  N NE  . ARG A 9   ? 1.9351 0.7446 0.7544 -0.2512 -0.1745 -0.0192 5   ARG A NE  
33  C CZ  . ARG A 9   ? 2.1711 0.7510 0.8462 -0.2871 -0.1484 -0.0061 5   ARG A CZ  
34  N NH1 . ARG A 9   ? 2.2806 0.7673 0.8990 -0.3968 -0.1373 -0.0372 5   ARG A NH1 
35  N NH2 . ARG A 9   ? 2.3351 0.7748 0.9130 -0.2151 -0.1288 0.0364  5   ARG A NH2 
36  N N   . THR A 10  ? 1.1304 0.6742 0.5483 -0.3278 -0.1739 0.0033  6   THR A N   
37  C CA  . THR A 10  ? 1.0692 0.6717 0.5489 -0.3500 -0.1729 0.0513  6   THR A CA  
38  C C   . THR A 10  ? 1.0111 0.6604 0.5319 -0.3617 -0.1958 0.0699  6   THR A C   
39  O O   . THR A 10  ? 1.0019 0.6391 0.5134 -0.3538 -0.2023 0.0481  6   THR A O   
40  C CB  . THR A 10  ? 1.0398 0.6713 0.6200 -0.3320 -0.1230 0.0512  6   THR A CB  
41  O OG1 . THR A 10  ? 1.0605 0.7081 0.6628 -0.3299 -0.1192 0.1154  6   THR A OG1 
42  C CG2 . THR A 10  ? 0.9702 0.6475 0.6543 -0.3149 -0.1076 -0.0005 6   THR A CG2 
43  N N   . PHE A 11  ? 0.9853 0.7012 0.5453 -0.3696 -0.2047 0.1145  7   PHE A N   
44  C CA  . PHE A 11  ? 0.9295 0.7288 0.5548 -0.3730 -0.2163 0.1288  7   PHE A CA  
45  C C   . PHE A 11  ? 0.8942 0.7172 0.6303 -0.3247 -0.1796 0.1260  7   PHE A C   
46  O O   . PHE A 11  ? 0.9227 0.7083 0.6845 -0.2976 -0.1484 0.1470  7   PHE A O   
47  C CB  . PHE A 11  ? 0.9487 0.8474 0.5641 -0.3985 -0.2513 0.1678  7   PHE A CB  
48  C CG  . PHE A 11  ? 0.8669 0.8948 0.5717 -0.3950 -0.2574 0.1792  7   PHE A CG  
49  C CD1 . PHE A 11  ? 0.8349 0.8887 0.5297 -0.4514 -0.2596 0.1561  7   PHE A CD1 
50  C CD2 . PHE A 11  ? 0.8222 0.9374 0.6138 -0.3284 -0.2509 0.2170  7   PHE A CD2 
51  C CE1 . PHE A 11  ? 0.7956 0.9952 0.5803 -0.4512 -0.2546 0.1613  7   PHE A CE1 
52  C CE2 . PHE A 11  ? 0.7827 1.0394 0.6675 -0.3109 -0.2521 0.2195  7   PHE A CE2 
53  C CZ  . PHE A 11  ? 0.7461 1.0628 0.6344 -0.3777 -0.2539 0.1870  7   PHE A CZ  
54  N N   . LEU A 12  ? 0.8622 0.7311 0.6513 -0.3182 -0.1738 0.0976  8   LEU A N   
55  C CA  . LEU A 12  ? 0.8544 0.7444 0.7476 -0.2796 -0.1353 0.0736  8   LEU A CA  
56  C C   . LEU A 12  ? 0.8389 0.8323 0.7784 -0.2713 -0.1418 0.0775  8   LEU A C   
57  O O   . LEU A 12  ? 0.8385 0.8769 0.7280 -0.3072 -0.1647 0.0788  8   LEU A O   
58  C CB  . LEU A 12  ? 0.8384 0.7083 0.7526 -0.2778 -0.1135 -0.0023 8   LEU A CB  
59  C CG  . LEU A 12  ? 0.8879 0.6923 0.8408 -0.2807 -0.0701 -0.0303 8   LEU A CG  
60  C CD1 . LEU A 12  ? 0.8917 0.7374 0.8509 -0.2862 -0.0714 -0.1128 8   LEU A CD1 
61  C CD2 . LEU A 12  ? 0.9453 0.7107 0.9951 -0.2643 -0.0119 -0.0401 8   LEU A CD2 
62  N N   . MET A 13  ? 0.8616 0.8810 0.8918 -0.2231 -0.1107 0.0796  9   MET A N   
63  C CA  . MET A 13  ? 0.8627 1.0063 0.9509 -0.2031 -0.1097 0.0780  9   MET A CA  
64  C C   . MET A 13  ? 0.9051 1.0261 1.0866 -0.1444 -0.0562 0.0359  9   MET A C   
65  O O   . MET A 13  ? 0.9788 0.9988 1.1929 -0.0993 -0.0218 0.0569  9   MET A O   
66  C CB  . MET A 13  ? 0.8817 1.1374 0.9815 -0.1913 -0.1429 0.1436  9   MET A CB  
67  C CG  . MET A 13  ? 0.8804 1.3188 1.0494 -0.1862 -0.1427 0.1350  9   MET A CG  
68  S SD  . MET A 13  ? 0.9444 1.5808 1.1761 -0.1387 -0.1806 0.1964  9   MET A SD  
69  C CE  . MET A 13  ? 1.0297 1.5355 1.2978 -0.0004 -0.1451 0.2391  9   MET A CE  
70  N N   . VAL A 14  ? 0.6827 0.8346 0.6787 -0.1995 -0.1493 0.0509  10  VAL A N   
71  C CA  . VAL A 14  ? 0.6652 0.8501 0.7120 -0.1716 -0.1393 0.0559  10  VAL A CA  
72  C C   . VAL A 14  ? 0.6753 0.9291 0.7604 -0.1759 -0.1487 0.0754  10  VAL A C   
73  O O   . VAL A 14  ? 0.6720 0.9570 0.7628 -0.1953 -0.1531 0.0784  10  VAL A O   
74  C CB  . VAL A 14  ? 0.6452 0.8149 0.6993 -0.1626 -0.1245 0.0424  10  VAL A CB  
75  C CG1 . VAL A 14  ? 0.6079 0.7986 0.7057 -0.1342 -0.1101 0.0430  10  VAL A CG1 
76  C CG2 . VAL A 14  ? 0.6592 0.7686 0.6738 -0.1622 -0.1192 0.0264  10  VAL A CG2 
77  N N   . LYS A 15  ? 0.6952 0.9734 0.8061 -0.1576 -0.1518 0.0900  11  LYS A N   
78  C CA  . LYS A 15  ? 0.7146 1.0627 0.8697 -0.1529 -0.1601 0.1121  11  LYS A CA  
79  C C   . LYS A 15  ? 0.7097 1.0928 0.9098 -0.1380 -0.1453 0.1103  11  LYS A C   
80  O O   . LYS A 15  ? 0.7018 1.0511 0.9009 -0.1257 -0.1278 0.0935  11  LYS A O   
81  C CB  . LYS A 15  ? 0.7116 1.0665 0.8839 -0.1291 -0.1632 0.1285  11  LYS A CB  
82  C CG  . LYS A 15  ? 0.7562 1.0901 0.8854 -0.1483 -0.1797 0.1339  11  LYS A CG  
83  C CD  . LYS A 15  ? 0.8024 1.1417 0.9469 -0.1249 -0.1827 0.1525  11  LYS A CD  
84  C CE  . LYS A 15  ? 0.8627 1.2159 0.9769 -0.1493 -0.2057 0.1685  11  LYS A CE  
85  N NZ  . LYS A 15  ? 0.8830 1.1961 0.9738 -0.1386 -0.2048 0.1719  11  LYS A NZ  
86  N N   . PRO A 16  ? 0.7244 1.1792 0.9642 -0.1403 -0.1521 0.1276  12  PRO A N   
87  C CA  . PRO A 16  ? 0.7140 1.2083 0.9987 -0.1268 -0.1361 0.1257  12  PRO A CA  
88  C C   . PRO A 16  ? 0.7077 1.1747 1.0162 -0.0899 -0.1118 0.1165  12  PRO A C   
89  O O   . PRO A 16  ? 0.7053 1.1700 1.0241 -0.0871 -0.0943 0.1023  12  PRO A O   
90  C CB  . PRO A 16  ? 0.7163 1.2961 1.0474 -0.1241 -0.1481 0.1516  12  PRO A CB  
91  C CG  . PRO A 16  ? 0.7339 1.3210 1.0276 -0.1596 -0.1740 0.1608  12  PRO A CG  
92  C CD  . PRO A 16  ? 0.7387 1.2470 0.9826 -0.1590 -0.1752 0.1497  12  PRO A CD  
93  N N   . ASP A 17  ? 0.7186 1.1640 1.0323 -0.0649 -0.1103 0.1244  13  ASP A N   
94  C CA  . ASP A 17  ? 0.7224 1.1337 1.0513 -0.0335 -0.0863 0.1149  13  ASP A CA  
95  C C   . ASP A 17  ? 0.7077 1.0554 0.9975 -0.0419 -0.0746 0.0886  13  ASP A C   
96  O O   . ASP A 17  ? 0.7050 1.0345 1.0050 -0.0278 -0.0529 0.0749  13  ASP A O   
97  C CB  . ASP A 17  ? 0.7471 1.1460 1.0855 -0.0078 -0.0881 0.1316  13  ASP A CB  
98  C CG  . ASP A 17  ? 0.7960 1.1625 1.0894 -0.0249 -0.1073 0.1352  13  ASP A CG  
99  O OD1 . ASP A 17  ? 0.8459 1.2371 1.1218 -0.0520 -0.1285 0.1426  13  ASP A OD1 
100 O OD2 . ASP A 17  ? 0.8366 1.1526 1.1104 -0.0133 -0.1000 0.1301  13  ASP A OD2 
101 N N   . GLY A 18  ? 0.7037 1.0195 0.9488 -0.0649 -0.0883 0.0818  14  GLY A N   
102 C CA  . GLY A 18  ? 0.6884 0.9523 0.8990 -0.0720 -0.0796 0.0598  14  GLY A CA  
103 C C   . GLY A 18  ? 0.6733 0.9484 0.8847 -0.0855 -0.0730 0.0489  14  GLY A C   
104 O O   . GLY A 18  ? 0.6694 0.9231 0.8781 -0.0799 -0.0573 0.0338  14  GLY A O   
105 N N   . VAL A 19  ? 0.6633 0.9740 0.8761 -0.1066 -0.0855 0.0571  15  VAL A N   
106 C CA  . VAL A 19  ? 0.6456 0.9719 0.8584 -0.1231 -0.0802 0.0498  15  VAL A CA  
107 C C   . VAL A 19  ? 0.6308 0.9881 0.8865 -0.1041 -0.0593 0.0467  15  VAL A C   
108 O O   . VAL A 19  ? 0.6247 0.9649 0.8726 -0.1064 -0.0454 0.0321  15  VAL A O   
109 C CB  . VAL A 19  ? 0.6585 1.0220 0.8655 -0.1523 -0.0973 0.0608  15  VAL A CB  
110 C CG1 . VAL A 19  ? 0.6575 1.0375 0.8628 -0.1722 -0.0909 0.0538  15  VAL A CG1 
111 C CG2 . VAL A 19  ? 0.6568 0.9794 0.8139 -0.1731 -0.1147 0.0605  15  VAL A CG2 
112 N N   . GLN A 20  ? 0.6242 1.0248 0.9237 -0.0841 -0.0560 0.0608  16  GLN A N   
113 C CA  . GLN A 20  ? 0.6135 1.0447 0.9555 -0.0644 -0.0330 0.0578  16  GLN A CA  
114 C C   . GLN A 20  ? 0.6068 0.9885 0.9405 -0.0468 -0.0109 0.0403  16  GLN A C   
115 O O   . GLN A 20  ? 0.6048 0.9932 0.9521 -0.0429 0.0104  0.0282  16  GLN A O   
116 C CB  . GLN A 20  ? 0.6142 1.1011 1.0073 -0.0412 -0.0334 0.0790  16  GLN A CB  
117 N N   . ARG A 21  ? 0.6048 0.9384 0.9134 -0.0396 -0.0153 0.0381  17  ARG A N   
118 C CA  . ARG A 21  ? 0.5956 0.8832 0.8926 -0.0272 0.0042  0.0218  17  ARG A CA  
119 C C   . ARG A 21  ? 0.5797 0.8325 0.8373 -0.0467 0.0043  0.0037  17  ARG A C   
120 O O   . ARG A 21  ? 0.5924 0.8141 0.8389 -0.0414 0.0192  -0.0102 17  ARG A O   
121 C CB  . ARG A 21  ? 0.6075 0.8647 0.8998 -0.0095 0.0020  0.0290  17  ARG A CB  
122 C CG  . ARG A 21  ? 0.6293 0.9114 0.9609 0.0168  0.0072  0.0471  17  ARG A CG  
123 C CD  . ARG A 21  ? 0.6687 0.9164 0.9874 0.0295  0.0016  0.0566  17  ARG A CD  
124 N NE  . ARG A 21  ? 0.7087 0.9013 1.0022 0.0318  0.0186  0.0383  17  ARG A NE  
125 C CZ  . ARG A 21  ? 0.7360 0.8897 1.0020 0.0308  0.0135  0.0384  17  ARG A CZ  
126 N NH1 . ARG A 21  ? 0.7457 0.9059 1.0034 0.0282  -0.0078 0.0555  17  ARG A NH1 
127 N NH2 . ARG A 21  ? 0.7305 0.8415 0.9753 0.0294  0.0299  0.0209  17  ARG A NH2 
128 N N   . GLY A 22  ? 0.5575 0.8153 0.7930 -0.0696 -0.0121 0.0049  18  GLY A N   
129 C CA  . GLY A 22  ? 0.5334 0.7628 0.7346 -0.0854 -0.0129 -0.0082 18  GLY A CA  
130 C C   . GLY A 22  ? 0.5244 0.7114 0.6945 -0.0842 -0.0217 -0.0121 18  GLY A C   
131 O O   . GLY A 22  ? 0.5313 0.6948 0.6837 -0.0852 -0.0153 -0.0239 18  GLY A O   
132 N N   . LEU A 23  ? 0.5116 0.6926 0.6740 -0.0836 -0.0367 -0.0020 19  LEU A N   
133 C CA  . LEU A 23  ? 0.4945 0.6388 0.6313 -0.0798 -0.0421 -0.0057 19  LEU A CA  
134 C C   . LEU A 23  ? 0.5011 0.6251 0.6037 -0.0953 -0.0585 -0.0044 19  LEU A C   
135 O O   . LEU A 23  ? 0.5072 0.6033 0.5890 -0.0919 -0.0626 -0.0071 19  LEU A O   
136 C CB  . LEU A 23  ? 0.4935 0.6377 0.6430 -0.0655 -0.0427 0.0033  19  LEU A CB  
137 C CG  . LEU A 23  ? 0.5038 0.6509 0.6801 -0.0461 -0.0245 0.0023  19  LEU A CG  
138 C CD1 . LEU A 23  ? 0.4897 0.6298 0.6702 -0.0339 -0.0292 0.0150  19  LEU A CD1 
139 C CD2 . LEU A 23  ? 0.5099 0.6314 0.6751 -0.0442 -0.0083 -0.0154 19  LEU A CD2 
140 N N   . VAL A 24  ? 0.4981 0.6334 0.5928 -0.1129 -0.0661 -0.0007 20  VAL A N   
141 C CA  . VAL A 24  ? 0.5075 0.6149 0.5645 -0.1292 -0.0795 0.0003  20  VAL A CA  
142 C C   . VAL A 24  ? 0.5194 0.5861 0.5491 -0.1237 -0.0769 -0.0099 20  VAL A C   
143 O O   . VAL A 24  ? 0.5373 0.5718 0.5404 -0.1233 -0.0825 -0.0119 20  VAL A O   
144 C CB  . VAL A 24  ? 0.5261 0.6489 0.5752 -0.1529 -0.0863 0.0055  20  VAL A CB  
145 C CG1 . VAL A 24  ? 0.5455 0.6268 0.5476 -0.1712 -0.0979 0.0052  20  VAL A CG1 
146 C CG2 . VAL A 24  ? 0.5148 0.6893 0.5954 -0.1586 -0.0902 0.0173  20  VAL A CG2 
147 N N   . GLY A 25  ? 0.5109 0.5823 0.5480 -0.1195 -0.0677 -0.0160 21  GLY A N   
148 C CA  . GLY A 25  ? 0.5214 0.5649 0.5368 -0.1143 -0.0669 -0.0225 21  GLY A CA  
149 C C   . GLY A 25  ? 0.5142 0.5468 0.5318 -0.0975 -0.0624 -0.0286 21  GLY A C   
150 O O   . GLY A 25  ? 0.5221 0.5287 0.5189 -0.0915 -0.0656 -0.0313 21  GLY A O   
151 N N   . GLU A 26  ? 0.4954 0.5477 0.5387 -0.0896 -0.0536 -0.0303 22  GLU A N   
152 C CA  . GLU A 26  ? 0.4889 0.5336 0.5349 -0.0774 -0.0472 -0.0363 22  GLU A CA  
153 C C   . GLU A 26  ? 0.4979 0.5218 0.5258 -0.0764 -0.0554 -0.0334 22  GLU A C   
154 O O   . GLU A 26  ? 0.5113 0.5189 0.5262 -0.0695 -0.0538 -0.0394 22  GLU A O   
155 C CB  . GLU A 26  ? 0.4856 0.5476 0.5581 -0.0713 -0.0356 -0.0366 22  GLU A CB  
156 C CG  . GLU A 26  ? 0.5100 0.5603 0.5822 -0.0621 -0.0294 -0.0404 22  GLU A CG  
157 C CD  . GLU A 26  ? 0.5281 0.5752 0.5948 -0.0606 -0.0202 -0.0524 22  GLU A CD  
158 O OE1 . GLU A 26  ? 0.5232 0.5814 0.5929 -0.0654 -0.0151 -0.0579 22  GLU A OE1 
159 O OE2 . GLU A 26  ? 0.5426 0.5792 0.6011 -0.0568 -0.0182 -0.0561 22  GLU A OE2 
160 N N   . ILE A 27  ? 0.4962 0.5244 0.5231 -0.0848 -0.0640 -0.0244 23  ILE A N   
161 C CA  . ILE A 27  ? 0.5070 0.5154 0.5114 -0.0892 -0.0722 -0.0217 23  ILE A CA  
162 C C   . ILE A 27  ? 0.5267 0.5012 0.4974 -0.0933 -0.0761 -0.0273 23  ILE A C   
163 O O   . ILE A 27  ? 0.5372 0.4889 0.4899 -0.0876 -0.0740 -0.0331 23  ILE A O   
164 C CB  . ILE A 27  ? 0.5149 0.5421 0.5249 -0.1008 -0.0821 -0.0093 23  ILE A CB  
165 C CG1 . ILE A 27  ? 0.5036 0.5556 0.5442 -0.0892 -0.0772 -0.0022 23  ILE A CG1 
166 C CG2 . ILE A 27  ? 0.5461 0.5493 0.5220 -0.1135 -0.0919 -0.0080 23  ILE A CG2 
167 C CD1 . ILE A 27  ? 0.5338 0.6224 0.5971 -0.0946 -0.0849 0.0132  23  ILE A CD1 
168 N N   . ILE A 28  ? 0.5353 0.5042 0.4962 -0.1026 -0.0802 -0.0253 24  ILE A N   
169 C CA  . ILE A 28  ? 0.5613 0.4909 0.4890 -0.1033 -0.0821 -0.0290 24  ILE A CA  
170 C C   . ILE A 28  ? 0.5614 0.4842 0.4925 -0.0827 -0.0741 -0.0366 24  ILE A C   
171 O O   . ILE A 28  ? 0.5966 0.4913 0.5076 -0.0745 -0.0719 -0.0417 24  ILE A O   
172 C CB  . ILE A 28  ? 0.5783 0.5012 0.4933 -0.1178 -0.0873 -0.0239 24  ILE A CB  
173 C CG1 . ILE A 28  ? 0.5823 0.5151 0.4911 -0.1415 -0.0957 -0.0170 24  ILE A CG1 
174 C CG2 . ILE A 28  ? 0.5890 0.4636 0.4681 -0.1144 -0.0878 -0.0260 24  ILE A CG2 
175 C CD1 . ILE A 28  ? 0.5810 0.5200 0.4840 -0.1600 -0.0994 -0.0116 24  ILE A CD1 
176 N N   . SER A 29  ? 0.5327 0.4837 0.4891 -0.0753 -0.0688 -0.0379 25  SER A N   
177 C CA  . SER A 29  ? 0.5274 0.4812 0.4881 -0.0594 -0.0630 -0.0435 25  SER A CA  
178 C C   . SER A 29  ? 0.5368 0.4847 0.4958 -0.0499 -0.0575 -0.0502 25  SER A C   
179 O O   . SER A 29  ? 0.5575 0.4931 0.5069 -0.0368 -0.0546 -0.0544 25  SER A O   
180 C CB  . SER A 29  ? 0.4971 0.4854 0.4831 -0.0589 -0.0570 -0.0456 25  SER A CB  
181 O OG  . SER A 29  ? 0.4866 0.4800 0.4699 -0.0674 -0.0608 -0.0406 25  SER A OG  
182 N N   . ARG A 30  ? 0.5185 0.4756 0.4864 -0.0557 -0.0559 -0.0500 26  ARG A N   
183 C CA  . ARG A 30  ? 0.5152 0.4680 0.4795 -0.0503 -0.0503 -0.0556 26  ARG A CA  
184 C C   . ARG A 30  ? 0.5547 0.4749 0.4900 -0.0480 -0.0513 -0.0593 26  ARG A C   
185 O O   . ARG A 30  ? 0.5560 0.4727 0.4875 -0.0366 -0.0435 -0.0671 26  ARG A O   
186 C CB  . ARG A 30  ? 0.4969 0.4608 0.4720 -0.0572 -0.0500 -0.0511 26  ARG A CB  
187 C CG  . ARG A 30  ? 0.4521 0.4402 0.4532 -0.0532 -0.0407 -0.0534 26  ARG A CG  
188 C CD  . ARG A 30  ? 0.4012 0.3951 0.4137 -0.0558 -0.0392 -0.0468 26  ARG A CD  
189 N NE  . ARG A 30  ? 0.3395 0.3475 0.3728 -0.0530 -0.0281 -0.0496 26  ARG A NE  
190 C CZ  . ARG A 30  ? 0.3373 0.3421 0.3748 -0.0512 -0.0184 -0.0513 26  ARG A CZ  
191 N NH1 . ARG A 30  ? 0.3611 0.3531 0.3846 -0.0519 -0.0195 -0.0496 26  ARG A NH1 
192 N NH2 . ARG A 30  ? 0.2735 0.2844 0.3252 -0.0506 -0.0064 -0.0554 26  ARG A NH2 
193 N N   . PHE A 31  ? 0.5871 0.4836 0.5006 -0.0597 -0.0593 -0.0545 27  PHE A N   
194 C CA  . PHE A 31  ? 0.6422 0.4976 0.5203 -0.0610 -0.0586 -0.0593 27  PHE A CA  
195 C C   . PHE A 31  ? 0.6765 0.5100 0.5448 -0.0452 -0.0547 -0.0622 27  PHE A C   
196 O O   . PHE A 31  ? 0.7110 0.5208 0.5635 -0.0328 -0.0463 -0.0699 27  PHE A O   
197 C CB  . PHE A 31  ? 0.6688 0.5063 0.5230 -0.0839 -0.0681 -0.0538 27  PHE A CB  
198 C CG  . PHE A 31  ? 0.6722 0.5291 0.5316 -0.0962 -0.0723 -0.0497 27  PHE A CG  
199 C CD1 . PHE A 31  ? 0.7234 0.5606 0.5572 -0.1020 -0.0695 -0.0552 27  PHE A CD1 
200 C CD2 . PHE A 31  ? 0.6381 0.5337 0.5287 -0.0996 -0.0776 -0.0398 27  PHE A CD2 
201 C CE1 . PHE A 31  ? 0.7320 0.5888 0.5695 -0.1131 -0.0749 -0.0485 27  PHE A CE1 
202 C CE2 . PHE A 31  ? 0.6566 0.5707 0.5542 -0.1066 -0.0819 -0.0326 27  PHE A CE2 
203 C CZ  . PHE A 31  ? 0.6783 0.5736 0.5485 -0.1141 -0.0820 -0.0357 27  PHE A CZ  
204 N N   . GLU A 32  ? 0.6760 0.5186 0.5544 -0.0438 -0.0595 -0.0554 28  GLU A N   
205 C CA  . GLU A 32  ? 0.7126 0.5368 0.5832 -0.0261 -0.0572 -0.0544 28  GLU A CA  
206 C C   . GLU A 32  ? 0.7038 0.5522 0.5947 -0.0041 -0.0482 -0.0606 28  GLU A C   
207 O O   . GLU A 32  ? 0.7467 0.5734 0.6262 0.0142  -0.0419 -0.0638 28  GLU A O   
208 C CB  . GLU A 32  ? 0.7104 0.5462 0.5885 -0.0296 -0.0646 -0.0446 28  GLU A CB  
209 C CG  . GLU A 32  ? 0.7390 0.5471 0.5920 -0.0515 -0.0723 -0.0382 28  GLU A CG  
210 C CD  . GLU A 32  ? 0.7842 0.6104 0.6462 -0.0583 -0.0782 -0.0293 28  GLU A CD  
211 O OE1 . GLU A 32  ? 0.7710 0.6426 0.6632 -0.0628 -0.0778 -0.0293 28  GLU A OE1 
212 O OE2 . GLU A 32  ? 0.8447 0.6364 0.6805 -0.0600 -0.0820 -0.0224 28  GLU A OE2 
213 N N   . ARG A 33  ? 0.6741 0.5672 0.5943 -0.0063 -0.0463 -0.0628 29  ARG A N   
214 C CA  . ARG A 33  ? 0.6637 0.5883 0.6046 0.0097  -0.0379 -0.0687 29  ARG A CA  
215 C C   . ARG A 33  ? 0.6921 0.6027 0.6220 0.0173  -0.0277 -0.0785 29  ARG A C   
216 O O   . ARG A 33  ? 0.6976 0.6276 0.6395 0.0343  -0.0199 -0.0832 29  ARG A O   
217 C CB  . ARG A 33  ? 0.6220 0.5897 0.5896 0.0002  -0.0361 -0.0704 29  ARG A CB  
218 C CG  . ARG A 33  ? 0.6023 0.5872 0.5808 -0.0079 -0.0425 -0.0635 29  ARG A CG  
219 C CD  . ARG A 33  ? 0.5762 0.5960 0.5765 -0.0179 -0.0369 -0.0679 29  ARG A CD  
220 N NE  . ARG A 33  ? 0.5742 0.6077 0.5815 -0.0273 -0.0406 -0.0634 29  ARG A NE  
221 C CZ  . ARG A 33  ? 0.5508 0.5906 0.5669 -0.0401 -0.0374 -0.0641 29  ARG A CZ  
222 N NH1 . ARG A 33  ? 0.5305 0.5640 0.5505 -0.0437 -0.0322 -0.0665 29  ARG A NH1 
223 N NH2 . ARG A 33  ? 0.5355 0.5876 0.5558 -0.0485 -0.0387 -0.0615 29  ARG A NH2 
224 N N   . ARG A 34  ? 0.7224 0.6041 0.6297 0.0034  -0.0276 -0.0815 30  ARG A N   
225 C CA  . ARG A 34  ? 0.7598 0.6241 0.6502 0.0069  -0.0171 -0.0917 30  ARG A CA  
226 C C   . ARG A 34  ? 0.8261 0.6455 0.6894 0.0205  -0.0116 -0.0954 30  ARG A C   
227 O O   . ARG A 34  ? 0.8653 0.6703 0.7156 0.0290  0.0012  -0.1060 30  ARG A O   
228 C CB  . ARG A 34  ? 0.7678 0.6178 0.6394 -0.0159 -0.0204 -0.0922 30  ARG A CB  
229 C CG  . ARG A 34  ? 0.7242 0.6063 0.6135 -0.0235 -0.0179 -0.0928 30  ARG A CG  
230 C CD  . ARG A 34  ? 0.7508 0.6479 0.6456 -0.0122 -0.0037 -0.1037 30  ARG A CD  
231 N NE  . ARG A 34  ? 0.7756 0.6791 0.6649 -0.0268 -0.0005 -0.1053 30  ARG A NE  
232 C CZ  . ARG A 34  ? 0.8036 0.6954 0.6722 -0.0302 0.0096  -0.1144 30  ARG A CZ  
233 N NH1 . ARG A 34  ? 0.8280 0.7015 0.6823 -0.0173 0.0199  -0.1248 30  ARG A NH1 
234 N NH2 . ARG A 34  ? 0.8225 0.7198 0.6842 -0.0458 0.0106  -0.1128 30  ARG A NH2 
235 N N   . GLY A 35  ? 0.8490 0.6422 0.7005 0.0217  -0.0193 -0.0873 31  GLY A N   
236 C CA  . GLY A 35  ? 0.9175 0.6594 0.7403 0.0364  -0.0129 -0.0893 31  GLY A CA  
237 C C   . GLY A 35  ? 0.9808 0.6639 0.7574 0.0144  -0.0148 -0.0916 31  GLY A C   
238 O O   . GLY A 35  ? 1.0431 0.6703 0.7867 0.0233  -0.0065 -0.0956 31  GLY A O   
239 N N   . PHE A 36  ? 0.9672 0.6615 0.7401 -0.0145 -0.0250 -0.0886 32  PHE A N   
240 C CA  . PHE A 36  ? 1.0193 0.6673 0.7488 -0.0409 -0.0288 -0.0899 32  PHE A CA  
241 C C   . PHE A 36  ? 1.0582 0.6769 0.7715 -0.0471 -0.0368 -0.0805 32  PHE A C   
242 O O   . PHE A 36  ? 1.0315 0.6843 0.7733 -0.0446 -0.0459 -0.0698 32  PHE A O   
243 C CB  . PHE A 36  ? 0.9862 0.6639 0.7197 -0.0689 -0.0387 -0.0870 32  PHE A CB  
244 C CG  . PHE A 36  ? 0.9646 0.6615 0.7045 -0.0667 -0.0310 -0.0950 32  PHE A CG  
245 C CD1 . PHE A 36  ? 1.0134 0.6719 0.7186 -0.0664 -0.0175 -0.1086 32  PHE A CD1 
246 C CD2 . PHE A 36  ? 0.8966 0.6460 0.6739 -0.0655 -0.0352 -0.0895 32  PHE A CD2 
247 C CE1 . PHE A 36  ? 0.9999 0.6771 0.7082 -0.0667 -0.0094 -0.1162 32  PHE A CE1 
248 C CE2 . PHE A 36  ? 0.8792 0.6429 0.6584 -0.0655 -0.0276 -0.0959 32  PHE A CE2 
249 C CZ  . PHE A 36  ? 0.9266 0.6571 0.6720 -0.0669 -0.0155 -0.1088 32  PHE A CZ  
250 N N   . LYS A 37  ? 1.1332 0.6858 0.7972 -0.0568 -0.0316 -0.0854 33  LYS A N   
251 C CA  . LYS A 37  ? 1.1734 0.6873 0.8117 -0.0678 -0.0378 -0.0769 33  LYS A CA  
252 C C   . LYS A 37  ? 1.1722 0.6982 0.7978 -0.1085 -0.0508 -0.0728 33  LYS A C   
253 O O   . LYS A 37  ? 1.2023 0.7160 0.8020 -0.1312 -0.0499 -0.0804 33  LYS A O   
254 C CB  . LYS A 37  ? 1.2534 0.6823 0.8395 -0.0602 -0.0241 -0.0844 33  LYS A CB  
255 N N   . LEU A 38  ? 1.1474 0.7034 0.7926 -0.1182 -0.0628 -0.0604 34  LEU A N   
256 C CA  . LEU A 38  ? 1.1504 0.7215 0.7857 -0.1560 -0.0747 -0.0547 34  LEU A CA  
257 C C   . LEU A 38  ? 1.2449 0.7436 0.8182 -0.1813 -0.0726 -0.0575 34  LEU A C   
258 O O   . LEU A 38  ? 1.2930 0.7361 0.8402 -0.1681 -0.0656 -0.0569 34  LEU A O   
259 C CB  . LEU A 38  ? 1.0959 0.7178 0.7694 -0.1568 -0.0841 -0.0424 34  LEU A CB  
260 C CG  . LEU A 38  ? 1.0737 0.7333 0.7546 -0.1901 -0.0959 -0.0345 34  LEU A CG  
261 C CD1 . LEU A 38  ? 1.0383 0.7408 0.7359 -0.2036 -0.1014 -0.0349 34  LEU A CD1 
262 C CD2 . LEU A 38  ? 1.0365 0.7440 0.7592 -0.1801 -0.0991 -0.0259 34  LEU A CD2 
263 N N   . VAL A 39  ? 1.2722 0.7714 0.8202 -0.2189 -0.0789 -0.0596 35  VAL A N   
264 C CA  . VAL A 39  ? 1.3664 0.7912 0.8471 -0.2476 -0.0740 -0.0667 35  VAL A CA  
265 C C   . VAL A 39  ? 1.3855 0.8266 0.8517 -0.2915 -0.0872 -0.0581 35  VAL A C   
266 O O   . VAL A 39  ? 1.4594 0.8389 0.8744 -0.3140 -0.0841 -0.0593 35  VAL A O   
267 C CB  . VAL A 39  ? 1.4011 0.8007 0.8503 -0.2573 -0.0661 -0.0812 35  VAL A CB  
268 C CG1 . VAL A 39  ? 1.4769 0.8318 0.8632 -0.3057 -0.0678 -0.0868 35  VAL A CG1 
269 C CG2 . VAL A 39  ? 1.4273 0.7734 0.8639 -0.2192 -0.0463 -0.0933 35  VAL A CG2 
270 N N   . ALA A 40  ? 1.3281 0.8523 0.8398 -0.3029 -0.1007 -0.0487 36  ALA A N   
271 C CA  . ALA A 40  ? 1.3373 0.8941 0.8469 -0.3417 -0.1131 -0.0393 36  ALA A CA  
272 C C   . ALA A 40  ? 1.2569 0.9095 0.8367 -0.3311 -0.1230 -0.0276 36  ALA A C   
273 O O   . ALA A 40  ? 1.2087 0.8970 0.8274 -0.3042 -0.1220 -0.0277 36  ALA A O   
274 C CB  . ALA A 40  ? 1.3906 0.9343 0.8539 -0.3876 -0.1183 -0.0439 36  ALA A CB  
275 N N   . MET A 41  ? 1.2529 0.9446 0.8472 -0.3529 -0.1307 -0.0178 37  MET A N   
276 C CA  . MET A 41  ? 1.1912 0.9703 0.8516 -0.3419 -0.1369 -0.0075 37  MET A CA  
277 C C   . MET A 41  ? 1.1952 1.0183 0.8606 -0.3781 -0.1454 0.0016  37  MET A C   
278 O O   . MET A 41  ? 1.2478 1.0339 0.8789 -0.3986 -0.1434 0.0014  37  MET A O   
279 C CB  . MET A 41  ? 1.1535 0.9363 0.8480 -0.3026 -0.1287 -0.0075 37  MET A CB  
280 C CG  . MET A 41  ? 1.1070 0.9686 0.8681 -0.2837 -0.1298 -0.0009 37  MET A CG  
281 S SD  . MET A 41  ? 1.1186 0.9776 0.9115 -0.2387 -0.1189 -0.0050 37  MET A SD  
282 C CE  . MET A 41  ? 1.1537 0.9530 0.9049 -0.2438 -0.1159 -0.0049 37  MET A CE  
283 N N   . LYS A 42  ? 1.1525 1.0555 0.8612 -0.3851 -0.1543 0.0107  38  LYS A N   
284 C CA  . LYS A 42  ? 1.1488 1.1127 0.8764 -0.4148 -0.1615 0.0205  38  LYS A CA  
285 C C   . LYS A 42  ? 1.0795 1.1295 0.8818 -0.3889 -0.1621 0.0300  38  LYS A C   
286 O O   . LYS A 42  ? 1.0456 1.1111 0.8766 -0.3598 -0.1616 0.0311  38  LYS A O   
287 C CB  . LYS A 42  ? 1.1941 1.1698 0.8878 -0.4617 -0.1736 0.0236  38  LYS A CB  
288 N N   . PHE A 43  ? 1.0657 1.1685 0.8973 -0.3998 -0.1614 0.0364  39  PHE A N   
289 C CA  . PHE A 43  ? 1.0133 1.1964 0.9149 -0.3761 -0.1589 0.0447  39  PHE A CA  
290 C C   . PHE A 43  ? 1.0267 1.2898 0.9518 -0.4069 -0.1691 0.0573  39  PHE A C   
291 O O   . PHE A 43  ? 1.0321 1.3272 0.9656 -0.4270 -0.1659 0.0591  39  PHE A O   
292 C CB  . PHE A 43  ? 0.9850 1.1641 0.9061 -0.3564 -0.1449 0.0395  39  PHE A CB  
293 C CG  . PHE A 43  ? 0.9200 1.1650 0.9078 -0.3269 -0.1367 0.0439  39  PHE A CG  
294 C CD1 . PHE A 43  ? 0.8783 1.1158 0.8909 -0.2886 -0.1309 0.0414  39  PHE A CD1 
295 C CD2 . PHE A 43  ? 0.8910 1.2033 0.9150 -0.3381 -0.1326 0.0495  39  PHE A CD2 
296 C CE1 . PHE A 43  ? 0.8371 1.1256 0.9060 -0.2618 -0.1207 0.0444  39  PHE A CE1 
297 C CE2 . PHE A 43  ? 0.8447 1.2122 0.9288 -0.3087 -0.1215 0.0522  39  PHE A CE2 
298 C CZ  . PHE A 43  ? 0.8257 1.1776 0.9306 -0.2704 -0.1152 0.0496  39  PHE A CZ  
299 N N   . PHE A 44  ? 1.0411 1.3391 0.9752 -0.4124 -0.1818 0.0666  40  PHE A N   
300 C CA  . PHE A 44  ? 1.0611 1.4361 1.0102 -0.4470 -0.1955 0.0804  40  PHE A CA  
301 C C   . PHE A 44  ? 1.0192 1.4927 1.0449 -0.4285 -0.1920 0.0930  40  PHE A C   
302 O O   . PHE A 44  ? 0.9823 1.4668 1.0532 -0.3843 -0.1807 0.0933  40  PHE A O   
303 C CB  . PHE A 44  ? 1.0810 1.4627 1.0123 -0.4593 -0.2117 0.0880  40  PHE A CB  
304 N N   . SER A 72  ? 1.0889 1.9753 1.3871 -0.3077 -0.2730 0.2377  68  SER A N   
305 C CA  . SER A 72  ? 1.0703 2.0674 1.4455 -0.2902 -0.2746 0.2606  68  SER A CA  
306 C C   . SER A 72  ? 1.0344 2.0317 1.4533 -0.2584 -0.2457 0.2471  68  SER A C   
307 O O   . SER A 72  ? 1.0330 2.0587 1.4556 -0.2838 -0.2388 0.2369  68  SER A O   
308 C CB  . SER A 72  ? 1.0694 2.1158 1.4900 -0.2523 -0.2869 0.2923  68  SER A CB  
309 O OG  . SER A 72  ? 1.1088 2.1324 1.4799 -0.2765 -0.3099 0.3014  68  SER A OG  
310 N N   . SER A 73  ? 1.0059 1.9674 1.4523 -0.2060 -0.2280 0.2460  69  SER A N   
311 C CA  . SER A 73  ? 0.9667 1.9398 1.4634 -0.1696 -0.1999 0.2376  69  SER A CA  
312 C C   . SER A 73  ? 0.9414 1.8104 1.4017 -0.1568 -0.1766 0.2077  69  SER A C   
313 O O   . SER A 73  ? 0.9354 1.7524 1.3961 -0.1217 -0.1669 0.2059  69  SER A O   
314 C CB  . SER A 73  ? 0.9640 1.9924 1.5303 -0.1174 -0.1959 0.2638  69  SER A CB  
315 O OG  . SER A 73  ? 0.9551 2.0539 1.5849 -0.0976 -0.1776 0.2664  69  SER A OG  
316 N N   . GLY A 74  ? 0.9202 1.7624 1.3490 -0.1870 -0.1685 0.1856  70  GLY A N   
317 C CA  . GLY A 74  ? 0.8827 1.6349 1.2742 -0.1815 -0.1498 0.1587  70  GLY A CA  
318 C C   . GLY A 74  ? 0.8806 1.5695 1.1993 -0.2233 -0.1612 0.1440  70  GLY A C   
319 O O   . GLY A 74  ? 0.9031 1.5907 1.1911 -0.2476 -0.1822 0.1526  70  GLY A O   
320 N N   . PRO A 75  ? 0.8585 1.4923 1.1468 -0.2318 -0.1469 0.1221  71  PRO A N   
321 C CA  . PRO A 75  ? 0.8642 1.4323 1.0834 -0.2669 -0.1559 0.1094  71  PRO A CA  
322 C C   . PRO A 75  ? 0.8472 1.3375 1.0302 -0.2507 -0.1568 0.1014  71  PRO A C   
323 O O   . PRO A 75  ? 0.8201 1.2979 1.0276 -0.2139 -0.1465 0.1009  71  PRO A O   
324 C CB  . PRO A 75  ? 0.8609 1.4057 1.0678 -0.2767 -0.1401 0.0931  71  PRO A CB  
325 C CG  . PRO A 75  ? 0.8400 1.4124 1.1015 -0.2378 -0.1187 0.0909  71  PRO A CG  
326 C CD  . PRO A 75  ? 0.8361 1.4562 1.1472 -0.2068 -0.1216 0.1083  71  PRO A CD  
327 N N   . VAL A 76  ? 0.8538 1.2924 0.9775 -0.2795 -0.1678 0.0947  72  VAL A N   
328 C CA  . VAL A 76  ? 0.8379 1.2080 0.9256 -0.2677 -0.1684 0.0867  72  VAL A CA  
329 C C   . VAL A 76  ? 0.8552 1.1480 0.8860 -0.2835 -0.1635 0.0684  72  VAL A C   
330 O O   . VAL A 76  ? 0.8760 1.1635 0.8854 -0.3105 -0.1636 0.0643  72  VAL A O   
331 C CB  . VAL A 76  ? 0.8602 1.2408 0.9300 -0.2820 -0.1869 0.0988  72  VAL A CB  
332 C CG1 . VAL A 76  ? 0.8337 1.2977 0.9599 -0.2682 -0.1955 0.1221  72  VAL A CG1 
333 C CG2 . VAL A 76  ? 0.8912 1.2521 0.9053 -0.3301 -0.1994 0.0950  72  VAL A CG2 
334 N N   . CYS A 77  ? 0.8439 1.0771 0.8502 -0.2659 -0.1587 0.0585  73  CYS A N   
335 C CA  . CYS A 77  ? 0.8554 1.0158 0.8124 -0.2727 -0.1530 0.0430  73  CYS A CA  
336 C C   . CYS A 77  ? 0.8865 1.0001 0.8005 -0.2796 -0.1587 0.0386  73  CYS A C   
337 O O   . CYS A 77  ? 0.8764 0.9794 0.7986 -0.2563 -0.1555 0.0371  73  CYS A O   
338 C CB  . CYS A 77  ? 0.8215 0.9585 0.7950 -0.2410 -0.1375 0.0333  73  CYS A CB  
339 S SG  . CYS A 77  ? 0.8143 0.8689 0.7342 -0.2425 -0.1314 0.0184  73  CYS A SG  
340 N N   . ALA A 78  ? 0.9329 1.0176 0.7979 -0.3146 -0.1659 0.0355  74  ALA A N   
341 C CA  . ALA A 78  ? 0.9664 1.0060 0.7844 -0.3270 -0.1699 0.0297  74  ALA A CA  
342 C C   . ALA A 78  ? 0.9945 0.9518 0.7688 -0.3199 -0.1578 0.0131  74  ALA A C   
343 O O   . ALA A 78  ? 1.0145 0.9470 0.7736 -0.3278 -0.1534 0.0094  74  ALA A O   
344 C CB  . ALA A 78  ? 1.0068 1.0629 0.7933 -0.3727 -0.1841 0.0357  74  ALA A CB  
345 N N   . MET A 79  ? 0.9979 0.9148 0.7531 -0.3039 -0.1518 0.0043  75  MET A N   
346 C CA  . MET A 79  ? 1.0166 0.8616 0.7388 -0.2884 -0.1387 -0.0105 75  MET A CA  
347 C C   . MET A 79  ? 1.0526 0.8493 0.7283 -0.2966 -0.1354 -0.0209 75  MET A C   
348 O O   . MET A 79  ? 1.0453 0.8696 0.7276 -0.3008 -0.1413 -0.0168 75  MET A O   
349 C CB  . MET A 79  ? 0.9699 0.8254 0.7331 -0.2467 -0.1288 -0.0127 75  MET A CB  
350 C CG  . MET A 79  ? 0.9414 0.8377 0.7478 -0.2354 -0.1279 -0.0059 75  MET A CG  
351 S SD  . MET A 79  ? 0.8997 0.8201 0.7541 -0.1945 -0.1178 -0.0082 75  MET A SD  
352 C CE  . MET A 79  ? 0.8520 0.8303 0.7420 -0.1950 -0.1251 0.0036  75  MET A CE  
353 N N   . VAL A 80  ? 1.0939 0.8173 0.7230 -0.2966 -0.1245 -0.0339 76  VAL A N   
354 C CA  . VAL A 80  ? 1.1363 0.8071 0.7232 -0.2961 -0.1151 -0.0474 76  VAL A CA  
355 C C   . VAL A 80  ? 1.1322 0.7694 0.7289 -0.2551 -0.0995 -0.0563 76  VAL A C   
356 O O   . VAL A 80  ? 1.1417 0.7548 0.7384 -0.2429 -0.0951 -0.0558 76  VAL A O   
357 C CB  . VAL A 80  ? 1.2237 0.8275 0.7381 -0.3333 -0.1124 -0.0571 76  VAL A CB  
358 C CG1 . VAL A 80  ? 1.2648 0.8208 0.7361 -0.3358 -0.1013 -0.0724 76  VAL A CG1 
359 C CG2 . VAL A 80  ? 1.2146 0.8571 0.7196 -0.3793 -0.1292 -0.0466 76  VAL A CG2 
360 N N   . TRP A 81  ? 1.1168 0.7567 0.7220 -0.2353 -0.0919 -0.0632 77  TRP A N   
361 C CA  . TRP A 81  ? 1.1039 0.7246 0.7234 -0.1968 -0.0772 -0.0714 77  TRP A CA  
362 C C   . TRP A 81  ? 1.1732 0.7383 0.7486 -0.1948 -0.0621 -0.0879 77  TRP A C   
363 O O   . TRP A 81  ? 1.2013 0.7618 0.7483 -0.2196 -0.0640 -0.0923 77  TRP A O   
364 C CB  . TRP A 81  ? 1.0255 0.7078 0.7019 -0.1732 -0.0787 -0.0656 77  TRP A CB  
365 C CG  . TRP A 81  ? 0.9381 0.6676 0.6603 -0.1655 -0.0868 -0.0532 77  TRP A CG  
366 C CD1 . TRP A 81  ? 0.8837 0.6631 0.6322 -0.1806 -0.0992 -0.0408 77  TRP A CD1 
367 C CD2 . TRP A 81  ? 0.8619 0.5946 0.6078 -0.1412 -0.0818 -0.0524 77  TRP A CD2 
368 N NE1 . TRP A 81  ? 0.8228 0.6321 0.6082 -0.1672 -0.0996 -0.0347 77  TRP A NE1 
369 C CE2 . TRP A 81  ? 0.8142 0.5956 0.5965 -0.1452 -0.0901 -0.0415 77  TRP A CE2 
370 C CE3 . TRP A 81  ? 0.8779 0.5803 0.6180 -0.1160 -0.0712 -0.0588 77  TRP A CE3 
371 C CZ2 . TRP A 81  ? 0.7773 0.5741 0.5848 -0.1292 -0.0879 -0.0386 77  TRP A CZ2 
372 C CZ3 . TRP A 81  ? 0.8370 0.5599 0.6053 -0.0990 -0.0718 -0.0531 77  TRP A CZ3 
373 C CH2 . TRP A 81  ? 0.7911 0.5591 0.5900 -0.1077 -0.0800 -0.0439 77  TRP A CH2 
374 N N   . GLU A 82  ? 1.2027 0.7289 0.7733 -0.1647 -0.0468 -0.0965 78  GLU A N   
375 C CA  . GLU A 82  ? 1.2751 0.7442 0.8045 -0.1584 -0.0281 -0.1137 78  GLU A CA  
376 C C   . GLU A 82  ? 1.2559 0.7369 0.8159 -0.1168 -0.0132 -0.1204 78  GLU A C   
377 O O   . GLU A 82  ? 1.2262 0.7249 0.8211 -0.0879 -0.0131 -0.1136 78  GLU A O   
378 C CB  . GLU A 82  ? 1.3585 0.7470 0.8339 -0.1666 -0.0197 -0.1198 78  GLU A CB  
379 C CG  . GLU A 82  ? 1.4437 0.7636 0.8808 -0.1474 0.0052  -0.1382 78  GLU A CG  
380 C CD  . GLU A 82  ? 1.5648 0.7931 0.9423 -0.1563 0.0153  -0.1437 78  GLU A CD  
381 O OE1 . GLU A 82  ? 1.5844 0.7886 0.9220 -0.1987 0.0058  -0.1418 78  GLU A OE1 
382 O OE2 . GLU A 82  ? 1.6090 0.7900 0.9797 -0.1204 0.0333  -0.1493 78  GLU A OE2 
383 N N   . GLY A 83  ? 1.2754 0.7496 0.8204 -0.1166 -0.0008 -0.1336 79  GLY A N   
384 C CA  . GLY A 83  ? 1.2721 0.7525 0.8380 -0.0806 0.0171  -0.1432 79  GLY A CA  
385 C C   . GLY A 83  ? 1.2873 0.7724 0.8369 -0.0909 0.0277  -0.1561 79  GLY A C   
386 O O   . GLY A 83  ? 1.2909 0.7860 0.8210 -0.1246 0.0173  -0.1540 79  GLY A O   
387 N N   . ALA A 84  ? 1.2981 0.7803 0.8564 -0.0624 0.0482  -0.1685 80  ALA A N   
388 C CA  . ALA A 84  ? 1.3194 0.8094 0.8637 -0.0709 0.0610  -0.1818 80  ALA A CA  
389 C C   . ALA A 84  ? 1.2678 0.8187 0.8376 -0.0912 0.0431  -0.1697 80  ALA A C   
390 O O   . ALA A 84  ? 1.2139 0.8166 0.8339 -0.0772 0.0328  -0.1572 80  ALA A O   
391 C CB  . ALA A 84  ? 1.3205 0.8227 0.8896 -0.0326 0.0838  -0.1933 80  ALA A CB  
392 N N   . ASN A 85  ? 1.2971 0.8391 0.8300 -0.1249 0.0398  -0.1728 81  ASN A N   
393 C CA  . ASN A 85  ? 1.2514 0.8438 0.8022 -0.1422 0.0252  -0.1607 81  ASN A CA  
394 C C   . ASN A 85  ? 1.1910 0.8231 0.7784 -0.1466 0.0008  -0.1385 81  ASN A C   
395 O O   . ASN A 85  ? 1.1479 0.8252 0.7641 -0.1488 -0.0090 -0.1265 81  ASN A O   
396 C CB  . ASN A 85  ? 1.2252 0.8550 0.8087 -0.1211 0.0379  -0.1655 81  ASN A CB  
397 C CG  . ASN A 85  ? 1.2990 0.9023 0.8485 -0.1217 0.0624  -0.1867 81  ASN A CG  
398 O OD1 . ASN A 85  ? 1.3721 0.9415 0.8698 -0.1502 0.0652  -0.1945 81  ASN A OD1 
399 N ND2 . ASN A 85  ? 1.3040 0.9273 0.8824 -0.0921 0.0808  -0.1963 81  ASN A ND2 
400 N N   . VAL A 86  ? 1.1851 0.7985 0.7699 -0.1476 -0.0073 -0.1334 82  VAL A N   
401 C CA  . VAL A 86  ? 1.1248 0.7777 0.7475 -0.1484 -0.0267 -0.1145 82  VAL A CA  
402 C C   . VAL A 86  ? 1.1026 0.7908 0.7282 -0.1740 -0.0444 -0.0997 82  VAL A C   
403 O O   . VAL A 86  ? 1.0580 0.7905 0.7251 -0.1679 -0.0560 -0.0847 82  VAL A O   
404 C CB  . VAL A 86  ? 1.1500 0.7744 0.7612 -0.1525 -0.0326 -0.1114 82  VAL A CB  
405 C CG1 . VAL A 86  ? 1.2090 0.7928 0.7634 -0.1895 -0.0372 -0.1148 82  VAL A CG1 
406 C CG2 . VAL A 86  ? 1.0851 0.7564 0.7420 -0.1486 -0.0488 -0.0937 82  VAL A CG2 
407 N N   . VAL A 87  ? 1.1428 0.8119 0.7236 -0.2023 -0.0459 -0.1035 83  VAL A N   
408 C CA  . VAL A 87  ? 1.1309 0.8354 0.7116 -0.2282 -0.0660 -0.0857 83  VAL A CA  
409 C C   . VAL A 87  ? 1.0835 0.8287 0.6974 -0.2157 -0.0678 -0.0755 83  VAL A C   
410 O O   . VAL A 87  ? 1.0462 0.8331 0.6973 -0.2120 -0.0823 -0.0563 83  VAL A O   
411 C CB  . VAL A 87  ? 1.1967 0.8729 0.7154 -0.2671 -0.0691 -0.0911 83  VAL A CB  
412 C CG1 . VAL A 87  ? 1.1824 0.9054 0.7066 -0.2930 -0.0941 -0.0678 83  VAL A CG1 
413 C CG2 . VAL A 87  ? 1.2506 0.8757 0.7293 -0.2814 -0.0639 -0.1036 83  VAL A CG2 
414 N N   . SER A 88  ? 1.0864 0.8175 0.6855 -0.2097 -0.0516 -0.0886 84  SER A N   
415 C CA  . SER A 88  ? 1.0480 0.8107 0.6714 -0.2013 -0.0514 -0.0800 84  SER A CA  
416 C C   . SER A 88  ? 0.9878 0.7733 0.6630 -0.1697 -0.0444 -0.0795 84  SER A C   
417 O O   . SER A 88  ? 0.9542 0.7694 0.6584 -0.1638 -0.0502 -0.0659 84  SER A O   
418 C CB  . SER A 88  ? 1.0863 0.8300 0.6727 -0.2114 -0.0365 -0.0935 84  SER A CB  
419 O OG  . SER A 88  ? 1.0852 0.8134 0.6778 -0.1888 -0.0134 -0.1141 84  SER A OG  
420 N N   . ILE A 89  ? 0.9717 0.7421 0.6559 -0.1502 -0.0318 -0.0937 85  ILE A N   
421 C CA  . ILE A 89  ? 0.9157 0.7120 0.6467 -0.1240 -0.0272 -0.0927 85  ILE A CA  
422 C C   . ILE A 89  ? 0.8752 0.6984 0.6392 -0.1229 -0.0432 -0.0749 85  ILE A C   
423 O O   . ILE A 89  ? 0.8412 0.6920 0.6378 -0.1131 -0.0432 -0.0677 85  ILE A O   
424 C CB  . ILE A 89  ? 0.9182 0.6982 0.6546 -0.1025 -0.0142 -0.1067 85  ILE A CB  
425 C CG1 . ILE A 89  ? 0.9358 0.7021 0.6548 -0.0947 0.0063  -0.1247 85  ILE A CG1 
426 C CG2 . ILE A 89  ? 0.8605 0.6736 0.6441 -0.0818 -0.0151 -0.1015 85  ILE A CG2 
427 C CD1 . ILE A 89  ? 0.9526 0.6974 0.6716 -0.0718 0.0192  -0.1368 85  ILE A CD1 
428 N N   . SER A 90  ? 0.8794 0.6940 0.6331 -0.1345 -0.0551 -0.0687 86  SER A N   
429 C CA  . SER A 90  ? 0.8435 0.6875 0.6303 -0.1329 -0.0681 -0.0531 86  SER A CA  
430 C C   . SER A 90  ? 0.8272 0.7010 0.6291 -0.1397 -0.0786 -0.0356 86  SER A C   
431 O O   . SER A 90  ? 0.7969 0.6983 0.6356 -0.1295 -0.0827 -0.0245 86  SER A O   
432 C CB  . SER A 90  ? 0.8615 0.6926 0.6329 -0.1468 -0.0778 -0.0507 86  SER A CB  
433 O OG  . SER A 90  ? 0.9062 0.7254 0.6404 -0.1737 -0.0865 -0.0477 86  SER A OG  
434 N N   . ARG A 91  ? 0.8572 0.7239 0.6299 -0.1559 -0.0819 -0.0325 87  ARG A N   
435 C CA  . ARG A 91  ? 0.8463 0.7383 0.6311 -0.1597 -0.0918 -0.0130 87  ARG A CA  
436 C C   . ARG A 91  ? 0.8069 0.7048 0.6157 -0.1410 -0.0798 -0.0139 87  ARG A C   
437 O O   . ARG A 91  ? 0.7905 0.7088 0.6289 -0.1315 -0.0840 0.0014  87  ARG A O   
438 C CB  . ARG A 91  ? 0.8998 0.7837 0.6421 -0.1855 -0.1008 -0.0073 87  ARG A CB  
439 C CG  . ARG A 91  ? 0.9645 0.8608 0.6932 -0.2085 -0.1198 0.0040  87  ARG A CG  
440 C CD  . ARG A 91  ? 1.0854 0.9844 0.7742 -0.2379 -0.1328 0.0145  87  ARG A CD  
441 N NE  . ARG A 91  ? 1.1535 1.0879 0.8630 -0.2349 -0.1468 0.0415  87  ARG A NE  
442 C CZ  . ARG A 91  ? 1.1583 1.1361 0.9028 -0.2308 -0.1640 0.0657  87  ARG A CZ  
443 N NH1 . ARG A 91  ? 1.1403 1.1360 0.9043 -0.2323 -0.1696 0.0656  87  ARG A NH1 
444 N NH2 . ARG A 91  ? 1.1608 1.1647 0.9215 -0.2242 -0.1748 0.0912  87  ARG A NH2 
445 N N   . THR A 92  ? 0.7961 0.6757 0.5916 -0.1363 -0.0634 -0.0322 88  THR A N   
446 C CA  . THR A 92  ? 0.7567 0.6430 0.5732 -0.1219 -0.0496 -0.0374 88  THR A CA  
447 C C   . THR A 92  ? 0.7162 0.6198 0.5733 -0.1049 -0.0482 -0.0357 88  THR A C   
448 O O   . THR A 92  ? 0.6995 0.6132 0.5783 -0.0977 -0.0445 -0.0287 88  THR A O   
449 C CB  . THR A 92  ? 0.7674 0.6405 0.5684 -0.1186 -0.0318 -0.0594 88  THR A CB  
450 O OG1 . THR A 92  ? 0.8037 0.6575 0.5632 -0.1357 -0.0305 -0.0641 88  THR A OG1 
451 C CG2 . THR A 92  ? 0.7370 0.6224 0.5557 -0.1104 -0.0180 -0.0645 88  THR A CG2 
452 N N   . MET A 93  ? 0.6905 0.5932 0.5534 -0.1002 -0.0501 -0.0425 89  MET A N   
453 C CA  . MET A 93  ? 0.6544 0.5731 0.5504 -0.0873 -0.0489 -0.0421 89  MET A CA  
454 C C   . MET A 93  ? 0.6427 0.5804 0.5627 -0.0867 -0.0582 -0.0248 89  MET A C   
455 O O   . MET A 93  ? 0.6118 0.5625 0.5598 -0.0761 -0.0523 -0.0242 89  MET A O   
456 C CB  . MET A 93  ? 0.6534 0.5630 0.5439 -0.0849 -0.0507 -0.0499 89  MET A CB  
457 C CG  . MET A 93  ? 0.6630 0.5586 0.5411 -0.0763 -0.0386 -0.0663 89  MET A CG  
458 S SD  . MET A 93  ? 0.7202 0.5995 0.5925 -0.0700 -0.0414 -0.0706 89  MET A SD  
459 C CE  . MET A 93  ? 0.6791 0.5900 0.5916 -0.0601 -0.0430 -0.0649 89  MET A CE  
460 N N   . MET A 94  ? 0.6643 0.6056 0.5734 -0.0985 -0.0721 -0.0110 90  MET A N   
461 C CA  . MET A 94  ? 0.6711 0.6372 0.6071 -0.0951 -0.0812 0.0078  90  MET A CA  
462 C C   . MET A 94  ? 0.6864 0.6537 0.6343 -0.0859 -0.0759 0.0183  90  MET A C   
463 O O   . MET A 94  ? 0.6738 0.6548 0.6522 -0.0731 -0.0730 0.0272  90  MET A O   
464 C CB  . MET A 94  ? 0.6833 0.6626 0.6069 -0.1117 -0.0995 0.0218  90  MET A CB  
465 C CG  . MET A 94  ? 0.6879 0.6623 0.5977 -0.1239 -0.1045 0.0134  90  MET A CG  
466 S SD  . MET A 94  ? 0.7270 0.7217 0.6193 -0.1509 -0.1263 0.0296  90  MET A SD  
467 C CE  . MET A 94  ? 0.7269 0.6914 0.5668 -0.1701 -0.1281 0.0244  90  MET A CE  
468 N N   . GLY A 95  ? 0.7222 0.6716 0.6437 -0.0928 -0.0730 0.0170  91  GLY A N   
469 C CA  . GLY A 95  ? 0.7779 0.7224 0.7016 -0.0881 -0.0708 0.0310  91  GLY A CA  
470 C C   . GLY A 95  ? 0.8343 0.7903 0.7486 -0.0962 -0.0890 0.0552  91  GLY A C   
471 O O   . GLY A 95  ? 0.8446 0.8158 0.7506 -0.1084 -0.1036 0.0599  91  GLY A O   
472 N N   . VAL A 96  ? 0.8842 0.8322 0.7969 -0.0911 -0.0888 0.0718  92  VAL A N   
473 C CA  . VAL A 96  ? 0.9384 0.8995 0.8399 -0.0987 -0.1078 0.0986  92  VAL A CA  
474 C C   . VAL A 96  ? 0.9542 0.9512 0.8954 -0.0842 -0.1201 0.1209  92  VAL A C   
475 O O   . VAL A 96  ? 0.9332 0.9346 0.9101 -0.0640 -0.1088 0.1180  92  VAL A O   
476 C CB  . VAL A 96  ? 0.9645 0.9011 0.8451 -0.0989 -0.1043 0.1120  92  VAL A CB  
477 C CG1 . VAL A 96  ? 0.9681 0.8788 0.8061 -0.1186 -0.0948 0.0921  92  VAL A CG1 
478 C CG2 . VAL A 96  ? 0.9596 0.8788 0.8660 -0.0762 -0.0882 0.1156  92  VAL A CG2 
479 N N   . THR A 97  ? 1.0028 1.0284 0.9371 -0.0959 -0.1422 0.1427  93  THR A N   
480 C CA  . THR A 97  ? 1.0220 1.0954 0.9952 -0.0851 -0.1571 0.1668  93  THR A CA  
481 C C   . THR A 97  ? 1.0291 1.1043 1.0449 -0.0515 -0.1467 0.1815  93  THR A C   
482 O O   . THR A 97  ? 1.0189 1.1272 1.0761 -0.0365 -0.1467 0.1872  93  THR A O   
483 C CB  . THR A 97  ? 1.0592 1.1652 1.0158 -0.1028 -0.1838 0.1947  93  THR A CB  
484 O OG1 . THR A 97  ? 1.1028 1.1895 1.0060 -0.1357 -0.1889 0.1800  93  THR A OG1 
485 C CG2 . THR A 97  ? 1.0546 1.2214 1.0461 -0.1036 -0.2010 0.2111  93  THR A CG2 
486 N N   . LYS A 98  ? 1.0645 1.1011 1.0676 -0.0411 -0.1355 0.1860  94  LYS A N   
487 C CA  . LYS A 98  ? 1.0853 1.1108 1.1192 -0.0099 -0.1240 0.2022  94  LYS A CA  
488 C C   . LYS A 98  ? 1.0806 1.0664 1.1200 0.0007  -0.0954 0.1758  94  LYS A C   
489 O O   . LYS A 98  ? 1.1048 1.0450 1.1189 -0.0004 -0.0818 0.1707  94  LYS A O   
490 C CB  . LYS A 98  ? 1.1345 1.1387 1.1465 -0.0064 -0.1313 0.2296  94  LYS A CB  
491 N N   . PRO A 99  ? 1.0499 1.0541 1.1204 0.0088  -0.0860 0.1600  95  PRO A N   
492 C CA  . PRO A 99  ? 1.0317 1.0063 1.1067 0.0142  -0.0605 0.1332  95  PRO A CA  
493 C C   . PRO A 99  ? 1.0613 0.9883 1.1320 0.0296  -0.0394 0.1355  95  PRO A C   
494 O O   . PRO A 99  ? 1.0578 0.9563 1.1206 0.0257  -0.0185 0.1114  95  PRO A O   
495 C CB  . PRO A 99  ? 1.0024 1.0136 1.1182 0.0255  -0.0579 0.1292  95  PRO A CB  
496 C CG  . PRO A 99  ? 0.9954 1.0541 1.1163 0.0136  -0.0829 0.1423  95  PRO A CG  
497 C CD  . PRO A 99  ? 1.0318 1.0909 1.1366 0.0126  -0.0996 0.1698  95  PRO A CD  
498 N N   . ALA A 100 ? 1.0846 1.0022 1.1581 0.0452  -0.0448 0.1648  96  ALA A N   
499 C CA  . ALA A 100 ? 1.1180 0.9786 1.1746 0.0552  -0.0258 0.1686  96  ALA A CA  
500 C C   . ALA A 100 ? 1.1196 0.9438 1.1273 0.0280  -0.0210 0.1528  96  ALA A C   
501 O O   . ALA A 100 ? 1.1533 0.9276 1.1399 0.0266  -0.0013 0.1461  96  ALA A O   
502 C CB  . ALA A 100 ? 1.1641 1.0222 1.2316 0.0788  -0.0356 0.2080  96  ALA A CB  
503 N N   . GLU A 101 ? 1.0811 0.9310 1.0703 0.0053  -0.0373 0.1454  97  GLU A N   
504 C CA  . GLU A 101 ? 1.0819 0.9088 1.0262 -0.0200 -0.0368 0.1353  97  GLU A CA  
505 C C   . GLU A 101 ? 1.0101 0.8558 0.9486 -0.0381 -0.0345 0.1041  97  GLU A C   
506 O O   . GLU A 101 ? 1.0147 0.8462 0.9227 -0.0572 -0.0280 0.0876  97  GLU A O   
507 C CB  . GLU A 101 ? 1.1205 0.9615 1.0458 -0.0276 -0.0608 0.1623  97  GLU A CB  
508 C CG  . GLU A 101 ? 1.1965 1.0130 1.0719 -0.0527 -0.0620 0.1604  97  GLU A CG  
509 C CD  . GLU A 101 ? 1.2827 1.1240 1.1413 -0.0631 -0.0889 0.1862  97  GLU A CD  
510 O OE1 . GLU A 101 ? 1.3214 1.1760 1.1992 -0.0450 -0.1028 0.2190  97  GLU A OE1 
511 O OE2 . GLU A 101 ? 1.2914 1.1418 1.1191 -0.0888 -0.0959 0.1737  97  GLU A OE2 
512 N N   . SER A 102 ? 0.9322 0.8107 0.9010 -0.0307 -0.0392 0.0975  98  SER A N   
513 C CA  . SER A 102 ? 0.8584 0.7531 0.8261 -0.0424 -0.0375 0.0717  98  SER A CA  
514 C C   . SER A 102 ? 0.8136 0.6888 0.7761 -0.0466 -0.0159 0.0463  98  SER A C   
515 O O   . SER A 102 ? 0.8129 0.6717 0.7888 -0.0366 -0.0003 0.0441  98  SER A O   
516 C CB  . SER A 102 ? 0.8361 0.7652 0.8372 -0.0329 -0.0455 0.0734  98  SER A CB  
517 O OG  . SER A 102 ? 0.8649 0.8203 0.8616 -0.0406 -0.0678 0.0887  98  SER A OG  
518 N N   . ALA A 103 ? 0.7575 0.6360 0.7002 -0.0620 -0.0141 0.0272  99  ALA A N   
519 C CA  . ALA A 103 ? 0.7097 0.5790 0.6460 -0.0693 0.0043  0.0049  99  ALA A CA  
520 C C   . ALA A 103 ? 0.6546 0.5418 0.6163 -0.0628 0.0106  -0.0101 99  ALA A C   
521 O O   . ALA A 103 ? 0.6152 0.5251 0.5883 -0.0601 0.0001  -0.0129 99  ALA A O   
522 C CB  . ALA A 103 ? 0.7004 0.5727 0.6103 -0.0849 0.0049  -0.0082 99  ALA A CB  
523 N N   . PRO A 104 ? 0.6395 0.5140 0.6060 -0.0633 0.0282  -0.0198 100 PRO A N   
524 C CA  . PRO A 104 ? 0.6054 0.4978 0.5897 -0.0623 0.0351  -0.0358 100 PRO A CA  
525 C C   . PRO A 104 ? 0.5718 0.4901 0.5521 -0.0693 0.0294  -0.0499 100 PRO A C   
526 O O   . PRO A 104 ? 0.5716 0.4896 0.5335 -0.0789 0.0320  -0.0566 100 PRO A O   
527 C CB  . PRO A 104 ? 0.6298 0.4997 0.6057 -0.0707 0.0563  -0.0461 100 PRO A CB  
528 C CG  . PRO A 104 ? 0.6663 0.4992 0.6297 -0.0662 0.0600  -0.0290 100 PRO A CG  
529 C CD  . PRO A 104 ? 0.6742 0.5135 0.6245 -0.0677 0.0430  -0.0164 100 PRO A CD  
530 N N   . GLY A 105 ? 0.5378 0.4774 0.5347 -0.0634 0.0224  -0.0534 101 GLY A N   
531 C CA  . GLY A 105 ? 0.5098 0.4688 0.5035 -0.0649 0.0157  -0.0628 101 GLY A CA  
532 C C   . GLY A 105 ? 0.5049 0.4653 0.4978 -0.0600 -0.0006 -0.0527 101 GLY A C   
533 O O   . GLY A 105 ? 0.4979 0.4695 0.4942 -0.0574 -0.0069 -0.0569 101 GLY A O   
534 N N   . THR A 106 ? 0.5182 0.4669 0.5043 -0.0603 -0.0078 -0.0382 102 THR A N   
535 C CA  . THR A 106 ? 0.5115 0.4652 0.4960 -0.0602 -0.0242 -0.0268 102 THR A CA  
536 C C   . THR A 106 ? 0.4969 0.4651 0.5079 -0.0530 -0.0275 -0.0187 102 THR A C   
537 O O   . THR A 106 ? 0.4925 0.4607 0.5207 -0.0463 -0.0162 -0.0191 102 THR A O   
538 C CB  . THR A 106 ? 0.5373 0.4806 0.5048 -0.0656 -0.0327 -0.0117 102 THR A CB  
539 O OG1 . THR A 106 ? 0.5562 0.4963 0.5387 -0.0577 -0.0299 0.0031  102 THR A OG1 
540 C CG2 . THR A 106 ? 0.5449 0.4730 0.4842 -0.0748 -0.0261 -0.0202 102 THR A CG2 
541 N N   . ILE A 107 ? 0.4983 0.4778 0.5100 -0.0561 -0.0410 -0.0123 103 ILE A N   
542 C CA  . ILE A 107 ? 0.4824 0.4826 0.5192 -0.0519 -0.0450 -0.0044 103 ILE A CA  
543 C C   . ILE A 107 ? 0.5020 0.5097 0.5601 -0.0417 -0.0431 0.0116  103 ILE A C   
544 O O   . ILE A 107 ? 0.4932 0.5085 0.5756 -0.0319 -0.0323 0.0109  103 ILE A O   
545 C CB  . ILE A 107 ? 0.4823 0.4922 0.5098 -0.0623 -0.0608 0.0012  103 ILE A CB  
546 C CG1 . ILE A 107 ? 0.4872 0.4840 0.4962 -0.0676 -0.0598 -0.0141 103 ILE A CG1 
547 C CG2 . ILE A 107 ? 0.4477 0.4857 0.5025 -0.0602 -0.0650 0.0115  103 ILE A CG2 
548 C CD1 . ILE A 107 ? 0.4970 0.4840 0.4795 -0.0814 -0.0725 -0.0128 103 ILE A CD1 
549 N N   . ARG A 108 ? 0.5317 0.5363 0.5795 -0.0434 -0.0524 0.0265  104 ARG A N   
550 C CA  . ARG A 108 ? 0.5506 0.5604 0.6178 -0.0301 -0.0518 0.0458  104 ARG A CA  
551 C C   . ARG A 108 ? 0.5597 0.5403 0.6260 -0.0210 -0.0325 0.0399  104 ARG A C   
552 O O   . ARG A 108 ? 0.5688 0.5468 0.6568 -0.0052 -0.0231 0.0490  104 ARG A O   
553 C CB  . ARG A 108 ? 0.5769 0.5924 0.6293 -0.0366 -0.0693 0.0655  104 ARG A CB  
554 C CG  . ARG A 108 ? 0.5746 0.6222 0.6289 -0.0486 -0.0882 0.0734  104 ARG A CG  
555 C CD  . ARG A 108 ? 0.6198 0.6690 0.6471 -0.0630 -0.1052 0.0875  104 ARG A CD  
556 N NE  . ARG A 108 ? 0.6459 0.7280 0.6737 -0.0783 -0.1232 0.0959  104 ARG A NE  
557 C CZ  . ARG A 108 ? 0.6782 0.7577 0.6704 -0.1020 -0.1371 0.0968  104 ARG A CZ  
558 N NH1 . ARG A 108 ? 0.6898 0.7362 0.6452 -0.1107 -0.1338 0.0895  104 ARG A NH1 
559 N NH2 . ARG A 108 ? 0.6670 0.7766 0.6580 -0.1196 -0.1525 0.1036  104 ARG A NH2 
560 N N   . GLY A 109 ? 0.5635 0.5220 0.6042 -0.0311 -0.0251 0.0241  105 GLY A N   
561 C CA  . GLY A 109 ? 0.5739 0.5050 0.6088 -0.0288 -0.0058 0.0157  105 GLY A CA  
562 C C   . GLY A 109 ? 0.5601 0.4932 0.6132 -0.0241 0.0099  0.0016  105 GLY A C   
563 O O   . GLY A 109 ? 0.5847 0.4947 0.6387 -0.0196 0.0270  -0.0010 105 GLY A O   
564 N N   . ASP A 110 ? 0.5342 0.4912 0.5974 -0.0273 0.0053  -0.0078 106 ASP A N   
565 C CA  . ASP A 110 ? 0.5348 0.4968 0.6122 -0.0261 0.0194  -0.0211 106 ASP A CA  
566 C C   . ASP A 110 ? 0.5494 0.5281 0.6558 -0.0138 0.0207  -0.0118 106 ASP A C   
567 O O   . ASP A 110 ? 0.5686 0.5416 0.6863 -0.0095 0.0382  -0.0200 106 ASP A O   
568 C CB  . ASP A 110 ? 0.5040 0.4821 0.5745 -0.0368 0.0153  -0.0364 106 ASP A CB  
569 C CG  . ASP A 110 ? 0.5097 0.4791 0.5581 -0.0466 0.0185  -0.0483 106 ASP A CG  
570 O OD1 . ASP A 110 ? 0.4974 0.4468 0.5346 -0.0493 0.0282  -0.0491 106 ASP A OD1 
571 O OD2 . ASP A 110 ? 0.4586 0.4418 0.5011 -0.0510 0.0117  -0.0559 106 ASP A OD2 
572 N N   . PHE A 111 ? 1.3965 0.8290 0.7951 -0.0819 -0.2232 -0.0509 107 PHE A N   
573 C CA  . PHE A 111 ? 1.4351 0.8675 0.8171 -0.0199 -0.1814 -0.0610 107 PHE A CA  
574 C C   . PHE A 111 ? 1.4504 0.9128 0.8771 0.0349  -0.1537 -0.0397 107 PHE A C   
575 O O   . PHE A 111 ? 1.5006 0.9559 0.9078 0.0943  -0.1161 -0.0400 107 PHE A O   
576 C CB  . PHE A 111 ? 1.3252 0.8711 0.7620 -0.0225 -0.1693 -0.0600 107 PHE A CB  
577 C CG  . PHE A 111 ? 1.3004 0.8249 0.6939 -0.0648 -0.1889 -0.0765 107 PHE A CG  
578 C CD1 . PHE A 111 ? 1.4034 0.8305 0.6933 -0.0539 -0.1806 -0.1018 107 PHE A CD1 
579 C CD2 . PHE A 111 ? 1.1670 0.7691 0.6190 -0.1131 -0.2136 -0.0639 107 PHE A CD2 
580 C CE1 . PHE A 111 ? 1.3995 0.8120 0.6474 -0.1004 -0.2030 -0.1123 107 PHE A CE1 
581 C CE2 . PHE A 111 ? 1.1605 0.7553 0.5812 -0.1524 -0.2326 -0.0699 107 PHE A CE2 
582 C CZ  . PHE A 111 ? 1.2794 0.7825 0.5997 -0.1504 -0.2302 -0.0929 107 PHE A CZ  
583 N N   . GLY A 112 ? 1.4183 0.9251 0.9076 0.0165  -0.1705 -0.0160 108 GLY A N   
584 C CA  . GLY A 112 ? 1.4257 0.9871 0.9733 0.0591  -0.1493 0.0135  108 GLY A CA  
585 C C   . GLY A 112 ? 1.5884 1.0389 1.0711 0.1181  -0.1251 0.0140  108 GLY A C   
586 O O   . GLY A 112 ? 1.7104 1.0183 1.1003 0.1080  -0.1398 -0.0071 108 GLY A O   
587 N N   . ILE A 113 ? 1.6051 1.1192 1.1321 0.1793  -0.0884 0.0419  109 ILE A N   
588 C CA  . ILE A 113 ? 1.7626 1.1847 1.2393 0.2520  -0.0556 0.0522  109 ILE A CA  
589 C C   . ILE A 113 ? 1.7583 1.2082 1.2965 0.2544  -0.0663 0.0916  109 ILE A C   
590 O O   . ILE A 113 ? 1.8067 1.1696 1.3122 0.2176  -0.0987 0.0843  109 ILE A O   
591 C CB  . ILE A 113 ? 1.7851 1.2649 1.2705 0.3305  -0.0013 0.0687  109 ILE A CB  
592 C CG1 . ILE A 113 ? 1.7676 1.2676 1.2202 0.3174  0.0054  0.0388  109 ILE A CG1 
593 C CG2 . ILE A 113 ? 1.9598 1.3082 1.3621 0.4158  0.0394  0.0709  109 ILE A CG2 
594 C CD1 . ILE A 113 ? 1.9291 1.2590 1.2381 0.3414  0.0200  -0.0069 109 ILE A CD1 
595 N N   . ASP A 114 ? 1.7132 1.2894 1.3397 0.2929  -0.0423 0.1385  110 ASP A N   
596 C CA  . ASP A 114 ? 1.6811 1.3201 1.3825 0.2811  -0.0581 0.1820  110 ASP A CA  
597 C C   . ASP A 114 ? 1.5302 1.3415 1.3318 0.2300  -0.0771 0.2063  110 ASP A C   
598 O O   . ASP A 114 ? 1.4668 1.3314 1.2744 0.2032  -0.0799 0.1865  110 ASP A O   
599 C CB  . ASP A 114 ? 1.7701 1.3956 1.4823 0.3651  -0.0196 0.2261  110 ASP A CB  
600 C CG  . ASP A 114 ? 1.7533 1.5009 1.5172 0.4263  0.0254  0.2633  110 ASP A CG  
601 O OD1 . ASP A 114 ? 1.8685 1.5703 1.6050 0.5140  0.0709  0.2855  110 ASP A OD1 
602 O OD2 . ASP A 114 ? 1.6451 1.5329 1.4746 0.3890  0.0161  0.2751  110 ASP A OD2 
603 N N   . VAL A 115 ? 1.4902 1.3787 1.3610 0.2142  -0.0913 0.2489  111 VAL A N   
604 C CA  . VAL A 115 ? 1.3735 1.4040 1.3184 0.1592  -0.1130 0.2701  111 VAL A CA  
605 C C   . VAL A 115 ? 1.3288 1.4853 1.3247 0.1790  -0.0917 0.3030  111 VAL A C   
606 O O   . VAL A 115 ? 1.2466 1.4833 1.2684 0.1284  -0.1097 0.3004  111 VAL A O   
607 C CB  . VAL A 115 ? 1.3434 1.4181 1.3363 0.1267  -0.1389 0.3056  111 VAL A CB  
608 C CG1 . VAL A 115 ? 1.3775 1.5029 1.4204 0.1800  -0.1180 0.3679  111 VAL A CG1 
609 C CG2 . VAL A 115 ? 1.2375 1.4148 1.2689 0.0571  -0.1666 0.3081  111 VAL A CG2 
610 N N   . GLY A 116 ? 1.3922 1.5626 1.3980 0.2529  -0.0532 0.3371  112 GLY A N   
611 C CA  . GLY A 116 ? 1.3614 1.6473 1.4082 0.2791  -0.0288 0.3715  112 GLY A CA  
612 C C   . GLY A 116 ? 1.3442 1.6052 1.3463 0.2583  -0.0289 0.3220  112 GLY A C   
613 O O   . GLY A 116 ? 1.2658 1.6194 1.3018 0.2111  -0.0463 0.3294  112 GLY A O   
614 N N   . ARG A 117 ? 1.4234 1.5508 1.3421 0.2886  -0.0129 0.2720  113 ARG A N   
615 C CA  . ARG A 117 ? 1.4073 1.5076 1.2805 0.2698  -0.0132 0.2274  113 ARG A CA  
616 C C   . ARG A 117 ? 1.3730 1.3957 1.2075 0.2012  -0.0526 0.1756  113 ARG A C   
617 O O   . ARG A 117 ? 1.4451 1.3423 1.2013 0.2031  -0.0547 0.1328  113 ARG A O   
618 C CB  . ARG A 117 ? 1.5270 1.5433 1.3273 0.3437  0.0303  0.2105  113 ARG A CB  
619 C CG  . ARG A 117 ? 1.5748 1.6730 1.4165 0.4250  0.0768  0.2705  113 ARG A CG  
620 C CD  . ARG A 117 ? 1.7213 1.7417 1.4814 0.5052  0.1276  0.2527  113 ARG A CD  
621 N NE  . ARG A 117 ? 1.8837 1.7041 1.5308 0.5379  0.1373  0.2070  113 ARG A NE  
622 C CZ  . ARG A 117 ? 1.9897 1.7374 1.6182 0.5974  0.1593  0.2284  113 ARG A CZ  
623 N NH1 . ARG A 117 ? 1.9569 1.8303 1.6835 0.6334  0.1756  0.2994  113 ARG A NH1 
624 N NH2 . ARG A 117 ? 2.1309 1.6761 1.6388 0.6172  0.1622  0.1824  113 ARG A NH2 
625 N N   . ASN A 118 ? 1.2661 1.3656 1.1516 0.1403  -0.0837 0.1841  114 ASN A N   
626 C CA  . ASN A 118 ? 1.2202 1.2722 1.0828 0.0807  -0.1166 0.1469  114 ASN A CA  
627 C C   . ASN A 118 ? 1.1486 1.2298 1.0064 0.0449  -0.1256 0.1230  114 ASN A C   
628 O O   . ASN A 118 ? 1.0994 1.1848 0.9615 -0.0034 -0.1497 0.1080  114 ASN A O   
629 C CB  . ASN A 118 ? 1.1808 1.2723 1.0846 0.0422  -0.1419 0.1674  114 ASN A CB  
630 C CG  . ASN A 118 ? 1.1288 1.3370 1.0867 0.0110  -0.1513 0.1968  114 ASN A CG  
631 O OD1 . ASN A 118 ? 1.1533 1.4332 1.1380 0.0288  -0.1370 0.2238  114 ASN A OD1 
632 N ND2 . ASN A 118 ? 1.1097 1.3360 1.0769 -0.0380 -0.1764 0.1945  114 ASN A ND2 
633 N N   . ILE A 119 ? 1.1353 1.2417 0.9858 0.0733  -0.1035 0.1246  115 ILE A N   
634 C CA  . ILE A 119 ? 1.0901 1.1836 0.9122 0.0535  -0.1067 0.0946  115 ILE A CA  
635 C C   . ILE A 119 ? 0.9896 1.1566 0.8487 0.0062  -0.1258 0.1007  115 ILE A C   
636 O O   . ILE A 119 ? 0.9700 1.1764 0.8325 0.0035  -0.1205 0.1028  115 ILE A O   
637 C CB  . ILE A 119 ? 1.1373 1.1199 0.8964 0.0362  -0.1203 0.0531  115 ILE A CB  
638 C CG1 . ILE A 119 ? 1.2432 1.1284 0.9347 0.0831  -0.0992 0.0397  115 ILE A CG1 
639 C CG2 . ILE A 119 ? 1.1108 1.0959 0.8550 0.0023  -0.1320 0.0296  115 ILE A CG2 
640 C CD1 . ILE A 119 ? 1.3102 1.0836 0.9362 0.0558  -0.1209 0.0089  115 ILE A CD1 
641 N N   . ILE A 120 ? 0.9298 1.1084 0.8093 -0.0305 -0.1476 0.1042  116 ILE A N   
642 C CA  . ILE A 120 ? 0.8659 1.0690 0.7516 -0.0752 -0.1656 0.0962  116 ILE A CA  
643 C C   . ILE A 120 ? 0.8375 1.0769 0.7455 -0.1059 -0.1821 0.1155  116 ILE A C   
644 O O   . ILE A 120 ? 0.8423 1.0753 0.7599 -0.1003 -0.1848 0.1263  116 ILE A O   
645 C CB  . ILE A 120 ? 0.8636 1.0020 0.7156 -0.0911 -0.1736 0.0603  116 ILE A CB  
646 C CG1 . ILE A 120 ? 0.8106 0.9653 0.6644 -0.1250 -0.1850 0.0533  116 ILE A CG1 
647 C CG2 . ILE A 120 ? 0.8765 0.9629 0.7156 -0.0938 -0.1823 0.0525  116 ILE A CG2 
648 C CD1 . ILE A 120 ? 0.8171 0.9344 0.6491 -0.1318 -0.1870 0.0306  116 ILE A CD1 
649 N N   . HIS A 121 ? 0.8164 1.0872 0.7246 -0.1401 -0.1944 0.1210  117 HIS A N   
650 C CA  . HIS A 121 ? 0.8161 1.1003 0.7211 -0.1762 -0.2118 0.1311  117 HIS A CA  
651 C C   . HIS A 121 ? 0.8221 1.0608 0.6895 -0.2021 -0.2189 0.1021  117 HIS A C   
652 O O   . HIS A 121 ? 0.8273 1.0532 0.6829 -0.2038 -0.2166 0.0902  117 HIS A O   
653 C CB  . HIS A 121 ? 0.8225 1.1785 0.7467 -0.1997 -0.2236 0.1728  117 HIS A CB  
654 C CG  . HIS A 121 ? 0.8406 1.1907 0.7359 -0.2484 -0.2457 0.1765  117 HIS A CG  
655 N ND1 . HIS A 121 ? 0.8472 1.2162 0.7500 -0.2599 -0.2541 0.1946  117 HIS A ND1 
656 C CD2 . HIS A 121 ? 0.8664 1.1773 0.7124 -0.2865 -0.2594 0.1599  117 HIS A CD2 
657 C CE1 . HIS A 121 ? 0.8805 1.2260 0.7361 -0.3051 -0.2722 0.1884  117 HIS A CE1 
658 N NE2 . HIS A 121 ? 0.8961 1.1983 0.7119 -0.3199 -0.2746 0.1657  117 HIS A NE2 
659 N N   . GLY A 122 ? 0.8400 1.0564 0.6879 -0.2188 -0.2251 0.0942  118 GLY A N   
660 C CA  . GLY A 122 ? 0.8790 1.0502 0.6841 -0.2354 -0.2257 0.0708  118 GLY A CA  
661 C C   . GLY A 122 ? 0.9260 1.0934 0.6990 -0.2641 -0.2360 0.0776  118 GLY A C   
662 O O   . GLY A 122 ? 0.9219 1.1177 0.7139 -0.2655 -0.2402 0.0938  118 GLY A O   
663 N N   . SER A 123 ? 0.9832 1.1079 0.6997 -0.2879 -0.2407 0.0658  119 SER A N   
664 C CA  . SER A 123 ? 1.0445 1.1463 0.7049 -0.3203 -0.2511 0.0675  119 SER A CA  
665 C C   . SER A 123 ? 1.0454 1.1476 0.7043 -0.3061 -0.2400 0.0615  119 SER A C   
666 O O   . SER A 123 ? 1.0287 1.1166 0.6975 -0.2758 -0.2215 0.0461  119 SER A O   
667 C CB  . SER A 123 ? 1.1181 1.1392 0.6973 -0.3374 -0.2511 0.0455  119 SER A CB  
668 O OG  . SER A 123 ? 1.1398 1.1629 0.7117 -0.3667 -0.2707 0.0597  119 SER A OG  
669 N N   . ALA A 124 ? 1.0754 1.2028 0.7231 -0.3324 -0.2535 0.0800  120 ALA A N   
670 C CA  . ALA A 124 ? 1.0769 1.2194 0.7283 -0.3246 -0.2467 0.0828  120 ALA A CA  
671 C C   . ALA A 124 ? 1.1408 1.2280 0.7204 -0.3185 -0.2287 0.0578  120 ALA A C   
672 O O   . ALA A 124 ? 1.1248 1.2283 0.7210 -0.2954 -0.2138 0.0576  120 ALA A O   
673 C CB  . ALA A 124 ? 1.0796 1.2722 0.7427 -0.3561 -0.2676 0.1154  120 ALA A CB  
674 N N   . ASN A 125 ? 1.2328 1.2521 0.7274 -0.3386 -0.2299 0.0401  121 ASN A N   
675 C CA  . ASN A 125 ? 1.3271 1.2761 0.7318 -0.3266 -0.2072 0.0151  121 ASN A CA  
676 C C   . ASN A 125 ? 1.4230 1.2740 0.7391 -0.3402 -0.2083 -0.0077 121 ASN A C   
677 O O   . ASN A 125 ? 1.4056 1.2582 0.7365 -0.3674 -0.2318 0.0010  121 ASN A O   
678 C CB  . ASN A 125 ? 1.3775 1.3326 0.7311 -0.3539 -0.2138 0.0230  121 ASN A CB  
679 C CG  . ASN A 125 ? 1.4187 1.3789 0.7441 -0.4149 -0.2512 0.0416  121 ASN A CG  
680 O OD1 . ASN A 125 ? 1.5208 1.4043 0.7576 -0.4484 -0.2643 0.0288  121 ASN A OD1 
681 N ND2 . ASN A 125 ? 1.3433 1.3937 0.7440 -0.4315 -0.2708 0.0771  121 ASN A ND2 
682 N N   . LEU A 126 ? 1.5342 1.2989 0.7551 -0.3193 -0.1820 -0.0336 122 LEU A N   
683 C CA  . LEU A 126 ? 1.6563 1.3027 0.7801 -0.3224 -0.1776 -0.0583 122 LEU A CA  
684 C C   . LEU A 126 ? 1.7494 1.3389 0.7955 -0.3937 -0.2190 -0.0556 122 LEU A C   
685 O O   . LEU A 126 ? 1.7974 1.3242 0.8100 -0.4109 -0.2326 -0.0613 122 LEU A O   
686 C CB  . LEU A 126 ? 1.7685 1.3250 0.7923 -0.2781 -0.1353 -0.0845 122 LEU A CB  
687 C CG  . LEU A 126 ? 1.7098 1.3232 0.8046 -0.2068 -0.0930 -0.0781 122 LEU A CG  
688 C CD1 . LEU A 126 ? 1.8005 1.3884 0.8216 -0.1693 -0.0535 -0.0855 122 LEU A CD1 
689 C CD2 . LEU A 126 ? 1.7098 1.2817 0.8172 -0.1696 -0.0756 -0.0847 122 LEU A CD2 
690 N N   . ASP A 127 ? 1.7791 1.3976 0.8002 -0.4395 -0.2424 -0.0406 123 ASP A N   
691 C CA  . ASP A 127 ? 1.8596 1.4518 0.8209 -0.5182 -0.2894 -0.0237 123 ASP A CA  
692 C C   . ASP A 127 ? 1.7506 1.4482 0.8278 -0.5414 -0.3195 0.0154  123 ASP A C   
693 O O   . ASP A 127 ? 1.8033 1.4665 0.8477 -0.5847 -0.3483 0.0261  123 ASP A O   
694 C CB  . ASP A 127 ? 1.9159 1.5236 0.8227 -0.5635 -0.3074 -0.0108 123 ASP A CB  
695 C CG  . ASP A 127 ? 2.0971 1.5610 0.8318 -0.5681 -0.2908 -0.0493 123 ASP A CG  
696 O OD1 . ASP A 127 ? 2.1846 1.5372 0.8475 -0.5240 -0.2582 -0.0859 123 ASP A OD1 
697 O OD2 . ASP A 127 ? 2.1836 1.6438 0.8502 -0.6136 -0.3086 -0.0412 123 ASP A OD2 
698 N N   . ASP A 128 ? 2.1240 2.1431 1.1648 -0.9244 -0.4800 0.3087  124 ASP A N   
699 C CA  . ASP A 128 ? 2.0800 2.0167 1.2386 -0.8319 -0.5103 0.3418  124 ASP A CA  
700 C C   . ASP A 128 ? 1.9528 1.8496 1.1764 -0.7638 -0.4674 0.2367  124 ASP A C   
701 O O   . ASP A 128 ? 1.9027 1.7770 1.1981 -0.7039 -0.4809 0.2291  124 ASP A O   
702 C CB  . ASP A 128 ? 2.1640 1.9986 1.3851 -0.8171 -0.5292 0.4299  124 ASP A CB  
703 C CG  . ASP A 128 ? 2.3337 2.1886 1.5092 -0.8627 -0.5893 0.5749  124 ASP A CG  
704 O OD1 . ASP A 128 ? 2.4218 2.4017 1.4889 -0.9250 -0.6161 0.6004  124 ASP A OD1 
705 O OD2 . ASP A 128 ? 2.4576 2.2087 1.7094 -0.8398 -0.6089 0.6673  124 ASP A OD2 
706 N N   . ALA A 129 ? 1.9172 1.8187 1.1168 -0.7750 -0.4177 0.1583  125 ALA A N   
707 C CA  . ALA A 129 ? 1.8232 1.7042 1.0721 -0.7092 -0.3864 0.0774  125 ALA A CA  
708 C C   . ALA A 129 ? 1.7856 1.6942 1.0213 -0.6929 -0.3764 0.0403  125 ALA A C   
709 O O   . ALA A 129 ? 1.7442 1.6177 1.0251 -0.6398 -0.3814 0.0362  125 ALA A O   
710 C CB  . ALA A 129 ? 1.8014 1.7042 1.0456 -0.7163 -0.3453 0.0084  125 ALA A CB  
711 N N   . ALA A 130 ? 1.8137 1.7868 0.9926 -0.7491 -0.3532 0.0045  126 ALA A N   
712 C CA  . ALA A 130 ? 1.8022 1.7942 0.9808 -0.7470 -0.3269 -0.0448 126 ALA A CA  
713 C C   . ALA A 130 ? 1.8008 1.7949 0.9956 -0.7357 -0.3604 -0.0051 126 ALA A C   
714 O O   . ALA A 130 ? 1.7657 1.7233 0.9915 -0.6990 -0.3373 -0.0393 126 ALA A O   
715 C CB  . ALA A 130 ? 1.8423 1.9221 0.9717 -0.8298 -0.2887 -0.1035 126 ALA A CB  
716 N N   . ARG A 131 ? 1.8520 1.8893 1.0331 -0.7653 -0.4151 0.0718  127 ARG A N   
717 C CA  . ARG A 131 ? 1.8598 1.9269 1.0813 -0.7490 -0.4578 0.1113  127 ARG A CA  
718 C C   . ARG A 131 ? 1.8049 1.7843 1.1215 -0.6673 -0.4661 0.1184  127 ARG A C   
719 O O   . ARG A 131 ? 1.7741 1.7540 1.1288 -0.6441 -0.4552 0.0841  127 ARG A O   
720 C CB  . ARG A 131 ? 1.9455 2.0991 1.1380 -0.7951 -0.5245 0.2071  127 ARG A CB  
721 N N   . GLU A 132 ? 1.8037 1.7166 1.1591 -0.6367 -0.4746 0.1490  128 GLU A N   
722 C CA  . GLU A 132 ? 1.7586 1.6062 1.2088 -0.5744 -0.4698 0.1342  128 GLU A CA  
723 C C   . GLU A 132 ? 1.7035 1.5238 1.1416 -0.5450 -0.4219 0.0607  128 GLU A C   
724 O O   . GLU A 132 ? 1.6812 1.4874 1.1735 -0.5156 -0.4156 0.0390  128 GLU A O   
725 C CB  . GLU A 132 ? 1.7726 1.5643 1.2686 -0.5638 -0.4712 0.1589  128 GLU A CB  
726 C CG  . GLU A 132 ? 1.8418 1.6112 1.4255 -0.5563 -0.5176 0.2422  128 GLU A CG  
727 C CD  . GLU A 132 ? 1.9094 1.6075 1.5282 -0.5671 -0.5055 0.2708  128 GLU A CD  
728 O OE1 . GLU A 132 ? 1.8696 1.5459 1.4850 -0.5666 -0.4592 0.2019  128 GLU A OE1 
729 O OE2 . GLU A 132 ? 2.0193 1.6867 1.6731 -0.5782 -0.5421 0.3664  128 GLU A OE2 
730 N N   . ILE A 133 ? 1.7010 1.5178 1.0741 -0.5541 -0.3877 0.0259  129 ILE A N   
731 C CA  . ILE A 133 ? 1.6835 1.4682 1.0416 -0.5208 -0.3482 -0.0190 129 ILE A CA  
732 C C   . ILE A 133 ? 1.7020 1.4822 1.0530 -0.5311 -0.3292 -0.0370 129 ILE A C   
733 O O   . ILE A 133 ? 1.6959 1.4450 1.0644 -0.5074 -0.3136 -0.0499 129 ILE A O   
734 C CB  . ILE A 133 ? 1.6936 1.4814 1.0131 -0.5188 -0.3194 -0.0475 129 ILE A CB  
735 C CG1 . ILE A 133 ? 1.6764 1.4813 1.0126 -0.5064 -0.3298 -0.0482 129 ILE A CG1 
736 C CG2 . ILE A 133 ? 1.7031 1.4464 1.0128 -0.4798 -0.2825 -0.0704 129 ILE A CG2 
737 C CD1 . ILE A 133 ? 1.6815 1.5227 1.0000 -0.5164 -0.3092 -0.0823 129 ILE A CD1 
738 N N   . ALA A 134 ? 1.7380 1.5628 1.0605 -0.5795 -0.3249 -0.0463 130 ALA A N   
739 C CA  . ALA A 134 ? 1.7640 1.6004 1.0840 -0.6054 -0.2962 -0.0813 130 ALA A CA  
740 C C   . ALA A 134 ? 1.7538 1.6230 1.1284 -0.6000 -0.3261 -0.0698 130 ALA A C   
741 O O   . ALA A 134 ? 1.7634 1.6061 1.1494 -0.5990 -0.2907 -0.1054 130 ALA A O   
742 C CB  . ALA A 134 ? 1.7956 1.7056 1.0805 -0.6717 -0.2824 -0.1095 130 ALA A CB  
743 N N   . LEU A 135 ? 1.7534 1.6754 1.1725 -0.5957 -0.3872 -0.0197 131 LEU A N   
744 C CA  . LEU A 135 ? 1.7461 1.7009 1.2592 -0.5731 -0.4196 -0.0106 131 LEU A CA  
745 C C   . LEU A 135 ? 1.7166 1.6042 1.2697 -0.5367 -0.3835 -0.0497 131 LEU A C   
746 O O   . LEU A 135 ? 1.7148 1.6259 1.3105 -0.5423 -0.3662 -0.0901 131 LEU A O   
747 C CB  . LEU A 135 ? 1.7673 1.7488 1.3466 -0.5543 -0.4868 0.0645  131 LEU A CB  
748 C CG  . LEU A 135 ? 1.7865 1.8145 1.5063 -0.5202 -0.5345 0.0885  131 LEU A CG  
749 C CD1 . LEU A 135 ? 1.8510 1.8907 1.6148 -0.5082 -0.6021 0.1918  131 LEU A CD1 
750 C CD2 . LEU A 135 ? 1.7564 1.7243 1.5770 -0.4778 -0.5016 0.0349  131 LEU A CD2 
751 N N   . TRP A 136 ? 1.7021 1.5271 1.2375 -0.5097 -0.3699 -0.0445 132 TRP A N   
752 C CA  . TRP A 136 ? 1.6816 1.4759 1.2490 -0.4864 -0.3427 -0.0784 132 TRP A CA  
753 C C   . TRP A 136 ? 1.7130 1.4603 1.1936 -0.4901 -0.2896 -0.1036 132 TRP A C   
754 O O   . TRP A 136 ? 1.7185 1.4611 1.2070 -0.4900 -0.2633 -0.1322 132 TRP A O   
755 C CB  . TRP A 136 ? 1.6634 1.4437 1.2672 -0.4638 -0.3554 -0.0676 132 TRP A CB  
756 C CG  . TRP A 136 ? 1.6485 1.4453 1.3705 -0.4544 -0.3952 -0.0415 132 TRP A CG  
757 C CD1 . TRP A 136 ? 1.6644 1.4651 1.3901 -0.4612 -0.4368 0.0218  132 TRP A CD1 
758 C CD2 . TRP A 136 ? 1.6364 1.4442 1.5027 -0.4368 -0.3942 -0.0736 132 TRP A CD2 
759 N NE1 . TRP A 136 ? 1.6944 1.4913 1.5583 -0.4397 -0.4678 0.0505  132 TRP A NE1 
760 C CE2 . TRP A 136 ? 1.6686 1.4703 1.6386 -0.4206 -0.4404 -0.0156 132 TRP A CE2 
761 C CE3 . TRP A 136 ? 1.6211 1.4480 1.5449 -0.4382 -0.3545 -0.1483 132 TRP A CE3 
762 C CZ2 . TRP A 136 ? 1.6835 1.4837 1.8415 -0.3924 -0.4476 -0.0309 132 TRP A CZ2 
763 C CZ3 . TRP A 136 ? 1.6364 1.4790 1.7389 -0.4228 -0.3542 -0.1842 132 TRP A CZ3 
764 C CH2 . TRP A 136 ? 1.6596 1.4796 1.8895 -0.3941 -0.3991 -0.1263 132 TRP A CH2 
765 N N   . PHE A 137 ? 1.7505 1.4631 1.1545 -0.4962 -0.2703 -0.0917 133 PHE A N   
766 C CA  . PHE A 137 ? 1.8198 1.4651 1.1548 -0.4895 -0.2209 -0.0950 133 PHE A CA  
767 C C   . PHE A 137 ? 1.8837 1.4896 1.1920 -0.5232 -0.1745 -0.1164 133 PHE A C   
768 O O   . PHE A 137 ? 1.8750 1.5222 1.1979 -0.5538 -0.1809 -0.1334 133 PHE A O   
769 C CB  . PHE A 137 ? 1.8278 1.4518 1.1245 -0.4517 -0.2258 -0.0676 133 PHE A CB  
770 C CG  . PHE A 137 ? 1.8102 1.4765 1.1204 -0.4281 -0.2504 -0.0629 133 PHE A CG  
771 C CD1 . PHE A 137 ? 1.7619 1.4764 1.1280 -0.4301 -0.2850 -0.0684 133 PHE A CD1 
772 C CD2 . PHE A 137 ? 1.8638 1.5278 1.1288 -0.4129 -0.2343 -0.0534 133 PHE A CD2 
773 C CE1 . PHE A 137 ? 1.7462 1.5042 1.1398 -0.4200 -0.2935 -0.0842 133 PHE A CE1 
774 C CE2 . PHE A 137 ? 1.8491 1.5848 1.1271 -0.4057 -0.2512 -0.0673 133 PHE A CE2 
775 C CZ  . PHE A 137 ? 1.7843 1.5666 1.1354 -0.4105 -0.2761 -0.0927 133 PHE A CZ  
776 N N   . LYS A 138 ? 1.9702 1.5011 1.2365 -0.5270 -0.1225 -0.1173 134 LYS A N   
777 C CA  . LYS A 138 ? 2.0705 1.5194 1.3117 -0.5494 -0.0595 -0.1313 134 LYS A CA  
778 C C   . LYS A 138 ? 2.1096 1.5091 1.3397 -0.5025 -0.0593 -0.0978 134 LYS A C   
779 O O   . LYS A 138 ? 2.0900 1.5084 1.3074 -0.4542 -0.0989 -0.0575 134 LYS A O   
780 C CB  . LYS A 138 ? 2.1668 1.5298 1.3640 -0.5679 -0.0004 -0.1260 134 LYS A CB  
781 N N   . PRO A 139 ? 2.1731 1.5266 1.4245 -0.5201 -0.0114 -0.1281 135 PRO A N   
782 C CA  . PRO A 139 ? 2.1960 1.5282 1.4708 -0.4732 -0.0143 -0.1130 135 PRO A CA  
783 C C   . PRO A 139 ? 2.2986 1.5282 1.5592 -0.4034 0.0000  -0.0450 135 PRO A C   
784 O O   . PRO A 139 ? 2.2964 1.5437 1.5837 -0.3454 -0.0268 -0.0197 135 PRO A O   
785 C CB  . PRO A 139 ? 2.2390 1.5624 1.5610 -0.5249 0.0462  -0.1862 135 PRO A CB  
786 C CG  . PRO A 139 ? 2.2939 1.5742 1.6067 -0.5834 0.1031  -0.2218 135 PRO A CG  
787 C CD  . PRO A 139 ? 2.2238 1.5641 1.4963 -0.5888 0.0514  -0.1948 135 PRO A CD  
788 N N   . GLU A 140 ? 2.4020 1.5366 1.6209 -0.4123 0.0405  -0.0128 136 GLU A N   
789 C CA  . GLU A 140 ? 2.5297 1.5725 1.7112 -0.3518 0.0457  0.0787  136 GLU A CA  
790 C C   . GLU A 140 ? 2.4701 1.6225 1.6022 -0.3141 -0.0317 0.1256  136 GLU A C   
791 O O   . GLU A 140 ? 2.5271 1.6859 1.6532 -0.2460 -0.0627 0.1921  136 GLU A O   
792 C CB  . GLU A 140 ? 2.6630 1.5843 1.7895 -0.3931 0.1122  0.1035  136 GLU A CB  
793 N N   . GLU A 141 ? 2.3633 1.6140 1.4775 -0.3589 -0.0609 0.0832  137 GLU A N   
794 C CA  . GLU A 141 ? 2.2973 1.6628 1.3861 -0.3428 -0.1192 0.0963  137 GLU A CA  
795 C C   . GLU A 141 ? 2.2320 1.6798 1.3623 -0.2942 -0.1688 0.0966  137 GLU A C   
796 O O   . GLU A 141 ? 2.2157 1.7559 1.3251 -0.2728 -0.2085 0.1131  137 GLU A O   
797 C CB  . GLU A 141 ? 2.1969 1.6370 1.3069 -0.3978 -0.1299 0.0348  137 GLU A CB  
798 C CG  . GLU A 141 ? 2.2623 1.6646 1.3367 -0.4502 -0.0849 0.0199  137 GLU A CG  
799 C CD  . GLU A 141 ? 2.1688 1.6614 1.3024 -0.4915 -0.0996 -0.0476 137 GLU A CD  
800 O OE1 . GLU A 141 ? 2.0832 1.6178 1.2902 -0.4935 -0.1273 -0.0798 137 GLU A OE1 
801 O OE2 . GLU A 141 ? 2.1950 1.7213 1.3077 -0.5236 -0.0825 -0.0670 137 GLU A OE2 
802 N N   . VAL A 142 ? 2.2042 1.6346 1.3940 -0.2884 -0.1598 0.0657  138 VAL A N   
803 C CA  . VAL A 142 ? 2.1496 1.6619 1.3848 -0.2555 -0.1957 0.0505  138 VAL A CA  
804 C C   . VAL A 142 ? 2.2460 1.7152 1.5225 -0.1879 -0.1837 0.0837  138 VAL A C   
805 O O   . VAL A 142 ? 2.3277 1.6879 1.6372 -0.1866 -0.1315 0.0818  138 VAL A O   
806 C CB  . VAL A 142 ? 2.0601 1.6135 1.3344 -0.3067 -0.1968 -0.0127 138 VAL A CB  
807 C CG1 . VAL A 142 ? 2.0124 1.6472 1.3277 -0.2880 -0.2214 -0.0364 138 VAL A CG1 
808 C CG2 . VAL A 142 ? 1.9790 1.5737 1.2392 -0.3541 -0.2190 -0.0270 138 VAL A CG2 
809 N N   . ALA A 143 ? 2.2459 1.8091 1.5374 -0.1327 -0.2291 0.1071  139 ALA A N   
810 C CA  . ALA A 143 ? 2.3430 1.8960 1.6952 -0.0477 -0.2353 0.1515  139 ALA A CA  
811 C C   . ALA A 143 ? 2.3628 1.8611 1.8270 -0.0368 -0.1905 0.0966  139 ALA A C   
812 O O   . ALA A 143 ? 2.2871 1.7978 1.7698 -0.1039 -0.1634 0.0151  139 ALA A O   
813 C CB  . ALA A 143 ? 2.3083 2.0270 1.6693 -0.0022 -0.2994 0.1619  139 ALA A CB  
# 
loop_
_pdbx_poly_seq_scheme.asym_id 
_pdbx_poly_seq_scheme.entity_id 
_pdbx_poly_seq_scheme.seq_id 
_pdbx_poly_seq_scheme.mon_id 
_pdbx_poly_seq_scheme.ndb_seq_num 
_pdbx_poly_seq_scheme.pdb_seq_num 
_pdbx_poly_seq_scheme.auth_seq_num 
_pdbx_poly_seq_scheme.pdb_mon_id 
_pdbx_poly_seq_scheme.auth_mon_id 
_pdbx_poly_seq_scheme.pdb_strand_id 
_pdbx_poly_seq_scheme.pdb_ins_code 
_pdbx_poly_seq_scheme.hetero 
A 1 1   GLY 1   -3  ?   ?   ?   A . n 
A 1 2   PRO 2   -2  ?   ?   ?   A . n 
A 1 3   GLY 3   -1  ?   ?   ?   A . n 
A 1 4   SER 4   0   ?   ?   ?   A . n 
A 1 5   MET 5   1   1   MET MET A . n 
A 1 6   ALA 6   2   2   ALA ALA A . n 
A 1 7   ARG 7   3   3   ARG ARG A . n 
A 1 8   GLU 8   4   4   GLU GLU A . n 
A 1 9   ARG 9   5   5   ARG ARG A . n 
A 1 10  THR 10  6   6   THR THR A . n 
A 1 11  PHE 11  7   7   PHE PHE A . n 
A 1 12  LEU 12  8   8   LEU LEU A . n 
A 1 13  MET 13  9   9   MET MET A . n 
A 1 14  VAL 14  10  10  VAL VAL A . n 
A 1 15  LYS 15  11  11  LYS LYS A . n 
A 1 16  PRO 16  12  12  PRO PRO A . n 
A 1 17  ASP 17  13  13  ASP ASP A . n 
A 1 18  GLY 18  14  14  GLY GLY A . n 
A 1 19  VAL 19  15  15  VAL VAL A . n 
A 1 20  GLN 20  16  16  GLN GLN A . n 
A 1 21  ARG 21  17  17  ARG ARG A . n 
A 1 22  GLY 22  18  18  GLY GLY A . n 
A 1 23  LEU 23  19  19  LEU LEU A . n 
A 1 24  VAL 24  20  20  VAL VAL A . n 
A 1 25  GLY 25  21  21  GLY GLY A . n 
A 1 26  GLU 26  22  22  GLU GLU A . n 
A 1 27  ILE 27  23  23  ILE ILE A . n 
A 1 28  ILE 28  24  24  ILE ILE A . n 
A 1 29  SER 29  25  25  SER SER A . n 
A 1 30  ARG 30  26  26  ARG ARG A . n 
A 1 31  PHE 31  27  27  PHE PHE A . n 
A 1 32  GLU 32  28  28  GLU GLU A . n 
A 1 33  ARG 33  29  29  ARG ARG A . n 
A 1 34  ARG 34  30  30  ARG ARG A . n 
A 1 35  GLY 35  31  31  GLY GLY A . n 
A 1 36  PHE 36  32  32  PHE PHE A . n 
A 1 37  LYS 37  33  33  LYS LYS A . n 
A 1 38  LEU 38  34  34  LEU LEU A . n 
A 1 39  VAL 39  35  35  VAL VAL A . n 
A 1 40  ALA 40  36  36  ALA ALA A . n 
A 1 41  MET 41  37  37  MET MET A . n 
A 1 42  LYS 42  38  38  LYS LYS A . n 
A 1 43  PHE 43  39  39  PHE PHE A . n 
A 1 44  PHE 44  40  40  PHE PHE A . n 
A 1 45  VAL 45  41  ?   ?   ?   A . n 
A 1 46  PRO 46  42  ?   ?   ?   A . n 
A 1 47  SER 47  43  ?   ?   ?   A . n 
A 1 48  LYS 48  44  ?   ?   ?   A . n 
A 1 49  ASN 49  45  ?   ?   ?   A . n 
A 1 50  LEU 50  46  ?   ?   ?   A . n 
A 1 51  VAL 51  47  ?   ?   ?   A . n 
A 1 52  GLU 52  48  ?   ?   ?   A . n 
A 1 53  GLU 53  49  ?   ?   ?   A . n 
A 1 54  HIS 54  50  ?   ?   ?   A . n 
A 1 55  TYR 55  51  ?   ?   ?   A . n 
A 1 56  LYS 56  52  ?   ?   ?   A . n 
A 1 57  GLU 57  53  ?   ?   ?   A . n 
A 1 58  HIS 58  54  ?   ?   ?   A . n 
A 1 59  ALA 59  55  ?   ?   ?   A . n 
A 1 60  ALA 60  56  ?   ?   ?   A . n 
A 1 61  ARG 61  57  ?   ?   ?   A . n 
A 1 62  PRO 62  58  ?   ?   ?   A . n 
A 1 63  PHE 63  59  ?   ?   ?   A . n 
A 1 64  PHE 64  60  ?   ?   ?   A . n 
A 1 65  ALA 65  61  ?   ?   ?   A . n 
A 1 66  GLY 66  62  ?   ?   ?   A . n 
A 1 67  LEU 67  63  ?   ?   ?   A . n 
A 1 68  CYS 68  64  ?   ?   ?   A . n 
A 1 69  LYS 69  65  ?   ?   ?   A . n 
A 1 70  PHE 70  66  ?   ?   ?   A . n 
A 1 71  LEU 71  67  ?   ?   ?   A . n 
A 1 72  SER 72  68  68  SER SER A . n 
A 1 73  SER 73  69  69  SER SER A . n 
A 1 74  GLY 74  70  70  GLY GLY A . n 
A 1 75  PRO 75  71  71  PRO PRO A . n 
A 1 76  VAL 76  72  72  VAL VAL A . n 
A 1 77  CYS 77  73  73  CYS CYS A . n 
A 1 78  ALA 78  74  74  ALA ALA A . n 
A 1 79  MET 79  75  75  MET MET A . n 
A 1 80  VAL 80  76  76  VAL VAL A . n 
A 1 81  TRP 81  77  77  TRP TRP A . n 
A 1 82  GLU 82  78  78  GLU GLU A . n 
A 1 83  GLY 83  79  79  GLY GLY A . n 
A 1 84  ALA 84  80  80  ALA ALA A . n 
A 1 85  ASN 85  81  81  ASN ASN A . n 
A 1 86  VAL 86  82  82  VAL VAL A . n 
A 1 87  VAL 87  83  83  VAL VAL A . n 
A 1 88  SER 88  84  84  SER SER A . n 
A 1 89  ILE 89  85  85  ILE ILE A . n 
A 1 90  SER 90  86  86  SER SER A . n 
A 1 91  ARG 91  87  87  ARG ARG A . n 
A 1 92  THR 92  88  88  THR THR A . n 
A 1 93  MET 93  89  89  MET MET A . n 
A 1 94  MET 94  90  90  MET MET A . n 
A 1 95  GLY 95  91  91  GLY GLY A . n 
A 1 96  VAL 96  92  92  VAL VAL A . n 
A 1 97  THR 97  93  93  THR THR A . n 
A 1 98  LYS 98  94  94  LYS LYS A . n 
A 1 99  PRO 99  95  95  PRO PRO A . n 
A 1 100 ALA 100 96  96  ALA ALA A . n 
A 1 101 GLU 101 97  97  GLU GLU A . n 
A 1 102 SER 102 98  98  SER SER A . n 
A 1 103 ALA 103 99  99  ALA ALA A . n 
A 1 104 PRO 104 100 100 PRO PRO A . n 
A 1 105 GLY 105 101 101 GLY GLY A . n 
A 1 106 THR 106 102 102 THR THR A . n 
A 1 107 ILE 107 103 103 ILE ILE A . n 
A 1 108 ARG 108 104 104 ARG ARG A . n 
A 1 109 GLY 109 105 105 GLY GLY A . n 
A 1 110 ASP 110 106 106 ASP ASP A . n 
A 1 111 PHE 111 107 107 PHE PHE A . n 
A 1 112 GLY 112 108 108 GLY GLY A . n 
A 1 113 ILE 113 109 109 ILE ILE A . n 
A 1 114 ASP 114 110 110 ASP ASP A . n 
A 1 115 VAL 115 111 111 VAL VAL A . n 
A 1 116 GLY 116 112 112 GLY GLY A . n 
A 1 117 ARG 117 113 113 ARG ARG A . n 
A 1 118 ASN 118 114 114 ASN ASN A . n 
A 1 119 ILE 119 115 115 ILE ILE A . n 
A 1 120 ILE 120 116 116 ILE ILE A . n 
A 1 121 HIS 121 117 117 HIS HIS A . n 
A 1 122 GLY 122 118 118 GLY GLY A . n 
A 1 123 SER 123 119 119 SER SER A . n 
A 1 124 ALA 124 120 120 ALA ALA A . n 
A 1 125 ASN 125 121 121 ASN ASN A . n 
A 1 126 LEU 126 122 122 LEU LEU A . n 
A 1 127 ASP 127 123 123 ASP ASP A . n 
A 1 128 ASP 128 124 124 ASP ASP A . n 
A 1 129 ALA 129 125 125 ALA ALA A . n 
A 1 130 ALA 130 126 126 ALA ALA A . n 
A 1 131 ARG 131 127 127 ARG ARG A . n 
A 1 132 GLU 132 128 128 GLU GLU A . n 
A 1 133 ILE 133 129 129 ILE ILE A . n 
A 1 134 ALA 134 130 130 ALA ALA A . n 
A 1 135 LEU 135 131 131 LEU LEU A . n 
A 1 136 TRP 136 132 132 TRP TRP A . n 
A 1 137 PHE 137 133 133 PHE PHE A . n 
A 1 138 LYS 138 134 134 LYS LYS A . n 
A 1 139 PRO 139 135 135 PRO PRO A . n 
A 1 140 GLU 140 136 136 GLU GLU A . n 
A 1 141 GLU 141 137 137 GLU GLU A . n 
A 1 142 VAL 142 138 138 VAL VAL A . n 
A 1 143 ALA 143 139 139 ALA ALA A . n 
A 1 144 SER 144 140 ?   ?   ?   A . n 
A 1 145 TRP 145 141 ?   ?   ?   A . n 
A 1 146 SER 146 142 ?   ?   ?   A . n 
A 1 147 CYS 147 143 ?   ?   ?   A . n 
A 1 148 SER 148 144 ?   ?   ?   A . n 
A 1 149 LEU 149 145 ?   ?   ?   A . n 
A 1 150 GLU 150 146 ?   ?   ?   A . n 
A 1 151 SER 151 147 ?   ?   ?   A . n 
A 1 152 HIS 152 148 ?   ?   ?   A . n 
A 1 153 ILE 153 149 ?   ?   ?   A . n 
A 1 154 TYR 154 150 ?   ?   ?   A . n 
A 1 155 GLU 155 151 ?   ?   ?   A . n 
# 
_pdbx_SG_project.id                    1 
_pdbx_SG_project.project_name          ? 
_pdbx_SG_project.full_name_of_center   'Seattle Structural Genomics Center for Infectious Disease' 
_pdbx_SG_project.initial_of_center     SSGCID 
# 
loop_
_pdbx_nonpoly_scheme.asym_id 
_pdbx_nonpoly_scheme.entity_id 
_pdbx_nonpoly_scheme.mon_id 
_pdbx_nonpoly_scheme.ndb_seq_num 
_pdbx_nonpoly_scheme.pdb_seq_num 
_pdbx_nonpoly_scheme.auth_seq_num 
_pdbx_nonpoly_scheme.pdb_mon_id 
_pdbx_nonpoly_scheme.auth_mon_id 
_pdbx_nonpoly_scheme.pdb_strand_id 
_pdbx_nonpoly_scheme.pdb_ins_code 
B 2 CL  1  152 1  CL  CL  A . 
C 3 HOH 1  153 1  HOH HOH A . 
C 3 HOH 2  154 2  HOH HOH A . 
C 3 HOH 3  155 3  HOH HOH A . 
C 3 HOH 4  156 4  HOH HOH A . 
C 3 HOH 5  157 5  HOH HOH A . 
C 3 HOH 6  158 6  HOH HOH A . 
C 3 HOH 7  159 7  HOH HOH A . 
C 3 HOH 8  160 8  HOH HOH A . 
C 3 HOH 9  161 9  HOH HOH A . 
C 3 HOH 10 162 10 HOH HOH A . 
C 3 HOH 11 163 11 HOH HOH A . 
C 3 HOH 12 164 12 HOH HOH A . 
C 3 HOH 13 165 13 HOH HOH A . 
# 
_pdbx_struct_assembly.id                   1 
_pdbx_struct_assembly.details              author_and_software_defined_assembly 
_pdbx_struct_assembly.method_details       PISA 
_pdbx_struct_assembly.oligomeric_details   hexameric 
_pdbx_struct_assembly.oligomeric_count     6 
# 
_pdbx_struct_assembly_gen.assembly_id       1 
_pdbx_struct_assembly_gen.oper_expression   1,2,3,4,5,6 
_pdbx_struct_assembly_gen.asym_id_list      A,B,C 
# 
loop_
_pdbx_struct_assembly_prop.biol_id 
_pdbx_struct_assembly_prop.type 
_pdbx_struct_assembly_prop.value 
_pdbx_struct_assembly_prop.details 
1 'ABSA (A^2)' 8950  ? 
1 MORE         -83   ? 
1 'SSA (A^2)'  26860 ? 
# 
loop_
_pdbx_struct_oper_list.id 
_pdbx_struct_oper_list.type 
_pdbx_struct_oper_list.name 
_pdbx_struct_oper_list.symmetry_operation 
_pdbx_struct_oper_list.matrix[1][1] 
_pdbx_struct_oper_list.matrix[1][2] 
_pdbx_struct_oper_list.matrix[1][3] 
_pdbx_struct_oper_list.vector[1] 
_pdbx_struct_oper_list.matrix[2][1] 
_pdbx_struct_oper_list.matrix[2][2] 
_pdbx_struct_oper_list.matrix[2][3] 
_pdbx_struct_oper_list.vector[2] 
_pdbx_struct_oper_list.matrix[3][1] 
_pdbx_struct_oper_list.matrix[3][2] 
_pdbx_struct_oper_list.matrix[3][3] 
_pdbx_struct_oper_list.vector[3] 
1 'identity operation'         1_555  x,y,z           1.0000000000  0.0000000000  0.0000000000  0.0000000000   0.0000000000  1.0000000000  0.0000000000  0.0000000000   0.0000000000  0.0000000000  1.0000000000  0.0000000000   
2 'crystal symmetry operation' 2_545  -y,x-y-1,z      -0.4719982633 -0.7641619819 -0.4396295086 -29.0239598662 0.8801518107  -0.3798856610 -0.2846395522 -6.1294807319  0.0505017778  -0.5212900824 0.8518839243  -6.0041981106  
3 'crystal symmetry operation' 3_655  -x+y+1,-x,z     -0.4719982633 0.8801518107  0.0505017778  -8.0011624067  -0.7641619819 -0.3798856610 -0.5212900824 -27.6374374597 -0.4396295086 -0.2846395522 0.8518839243  -9.3896020160  
4 'crystal symmetry operation' 10_554 -y,-x,-z-1/2    0.8875529207  -0.4386265294 0.1409133800  -2.5342026256  -0.4386265294 -0.8980726685 -0.0327452259 -20.5921987269 0.1409133800  -0.0327452259 -0.9894802522 -30.1521622325 
5 'crystal symmetry operation' 11_654 -x+y+1,y,-z-1/2 -0.7978649950 -0.5850630173 -0.1453021524 -26.4520219636 -0.5850630173 0.6934164089  0.4205650362  -2.1601920016  -0.1453021524 0.4205650362  -0.8955514138 -28.1002798265 
6 'crystal symmetry operation' 12_544 x,x-y-1,-z-1/2  -0.1456913991 0.9076997179  0.3935165032  1.1637350307   0.9076997179  -0.0355724183 0.4181098242  8.0452152195   0.3935165032  0.4181098242  -0.8187361825 -21.0838131666 
# 
loop_
_pdbx_audit_revision_history.ordinal 
_pdbx_audit_revision_history.data_content_type 
_pdbx_audit_revision_history.major_revision 
_pdbx_audit_revision_history.minor_revision 
_pdbx_audit_revision_history.revision_date 
1 'Structure model' 1 0 2011-04-20 
2 'Structure model' 1 1 2011-07-13 
3 'Structure model' 1 2 2023-09-13 
# 
_pdbx_audit_revision_details.ordinal             1 
_pdbx_audit_revision_details.revision_ordinal    1 
_pdbx_audit_revision_details.data_content_type   'Structure model' 
_pdbx_audit_revision_details.provider            repository 
_pdbx_audit_revision_details.type                'Initial release' 
_pdbx_audit_revision_details.description         ? 
_pdbx_audit_revision_details.details             ? 
# 
loop_
_pdbx_audit_revision_group.ordinal 
_pdbx_audit_revision_group.revision_ordinal 
_pdbx_audit_revision_group.data_content_type 
_pdbx_audit_revision_group.group 
1 2 'Structure model' 'Version format compliance' 
2 3 'Structure model' 'Data collection'           
3 3 'Structure model' 'Database references'       
4 3 'Structure model' 'Derived calculations'      
5 3 'Structure model' 'Refinement description'    
# 
loop_
_pdbx_audit_revision_category.ordinal 
_pdbx_audit_revision_category.revision_ordinal 
_pdbx_audit_revision_category.data_content_type 
_pdbx_audit_revision_category.category 
1 3 'Structure model' chem_comp_atom                
2 3 'Structure model' chem_comp_bond                
3 3 'Structure model' database_2                    
4 3 'Structure model' pdbx_initial_refinement_model 
5 3 'Structure model' struct_ref_seq_dif            
6 3 'Structure model' struct_site                   
# 
loop_
_pdbx_audit_revision_item.ordinal 
_pdbx_audit_revision_item.revision_ordinal 
_pdbx_audit_revision_item.data_content_type 
_pdbx_audit_revision_item.item 
1 3 'Structure model' '_database_2.pdbx_DOI'                
2 3 'Structure model' '_database_2.pdbx_database_accession' 
3 3 'Structure model' '_struct_ref_seq_dif.details'         
4 3 'Structure model' '_struct_site.pdbx_auth_asym_id'      
5 3 'Structure model' '_struct_site.pdbx_auth_comp_id'      
6 3 'Structure model' '_struct_site.pdbx_auth_seq_id'       
# 
loop_
_pdbx_refine_tls.pdbx_refine_id 
_pdbx_refine_tls.id 
_pdbx_refine_tls.details 
_pdbx_refine_tls.method 
_pdbx_refine_tls.origin_x 
_pdbx_refine_tls.origin_y 
_pdbx_refine_tls.origin_z 
_pdbx_refine_tls.T[1][1] 
_pdbx_refine_tls.T[2][2] 
_pdbx_refine_tls.T[3][3] 
_pdbx_refine_tls.T[1][2] 
_pdbx_refine_tls.T[1][3] 
_pdbx_refine_tls.T[2][3] 
_pdbx_refine_tls.L[1][1] 
_pdbx_refine_tls.L[2][2] 
_pdbx_refine_tls.L[3][3] 
_pdbx_refine_tls.L[1][2] 
_pdbx_refine_tls.L[1][3] 
_pdbx_refine_tls.L[2][3] 
_pdbx_refine_tls.S[1][1] 
_pdbx_refine_tls.S[2][2] 
_pdbx_refine_tls.S[3][3] 
_pdbx_refine_tls.S[1][2] 
_pdbx_refine_tls.S[1][3] 
_pdbx_refine_tls.S[2][3] 
_pdbx_refine_tls.S[2][1] 
_pdbx_refine_tls.S[3][1] 
_pdbx_refine_tls.S[3][2] 
'X-RAY DIFFRACTION' 1 ? refined -2.7973 7.1634  4.0976  0.7867 0.3595 0.1977  -0.3484 0.0949  -0.1976 0.7338 -1.8710 9.0933  0.7150  -3.3561 -1.0783 -0.3126 -0.5274 0.8401  -0.2155 -0.6536 0.1863  0.1906  -1.1938 0.5593  
'X-RAY DIFFRACTION' 2 ? refined -1.7781 -2.2310 -2.3339 0.1319 0.1227 0.1103  -0.0832 -0.0337 -0.0094 0.7115 0.7512  2.0663  0.7542  -0.3249 -0.2295 0.0396  -0.1731 0.1335  -0.0989 -0.1032 -0.0338 0.1049  -0.1550 0.2452  
'X-RAY DIFFRACTION' 3 ? refined 2.6931  -6.3947 2.7460  0.2411 0.2953 0.3142  -0.0611 -0.1163 0.0505  1.1085 0.2426  1.8305  0.5124  1.1064  -3.0359 0.1092  -0.1591 0.0499  -0.2217 -0.5697 -0.3628 -0.0218 0.3136  0.3974  
'X-RAY DIFFRACTION' 4 ? refined 5.7282  10.8084 3.9374  0.6557 0.2748 -0.0316 -0.3642 -0.1843 -0.0319 5.7361 10.4696 -5.2170 12.5720 0.6823  5.0244  1.0700  -0.6791 -0.3910 -0.1088 -0.2128 -0.7255 1.4364  -0.2883 -0.0927 
# 
loop_
_pdbx_refine_tls_group.pdbx_refine_id 
_pdbx_refine_tls_group.id 
_pdbx_refine_tls_group.refine_tls_id 
_pdbx_refine_tls_group.beg_auth_asym_id 
_pdbx_refine_tls_group.beg_auth_seq_id 
_pdbx_refine_tls_group.end_auth_asym_id 
_pdbx_refine_tls_group.end_auth_seq_id 
_pdbx_refine_tls_group.selection_details 
_pdbx_refine_tls_group.beg_label_asym_id 
_pdbx_refine_tls_group.beg_label_seq_id 
_pdbx_refine_tls_group.end_label_asym_id 
_pdbx_refine_tls_group.end_label_seq_id 
_pdbx_refine_tls_group.selection 
'X-RAY DIFFRACTION' 1 1 A 1   A 9   ? . . . . ? 
'X-RAY DIFFRACTION' 2 2 A 10  A 106 ? . . . . ? 
'X-RAY DIFFRACTION' 3 3 A 107 A 123 ? . . . . ? 
'X-RAY DIFFRACTION' 4 4 A 124 A 139 ? . . . . ? 
# 
_pdbx_phasing_MR.entry_id                     3R9L 
_pdbx_phasing_MR.method_rotation              ? 
_pdbx_phasing_MR.method_translation           ? 
_pdbx_phasing_MR.model_details                'Phaser MODE: MR_AUTO' 
_pdbx_phasing_MR.R_factor                     48.980 
_pdbx_phasing_MR.R_rigid_body                 ? 
_pdbx_phasing_MR.correlation_coeff_Fo_to_Fc   ? 
_pdbx_phasing_MR.correlation_coeff_Io_to_Ic   ? 
_pdbx_phasing_MR.d_res_high_rotation          2.680 
_pdbx_phasing_MR.d_res_low_rotation           42.070 
_pdbx_phasing_MR.d_res_high_translation       2.680 
_pdbx_phasing_MR.d_res_low_translation        42.070 
_pdbx_phasing_MR.packing                      ? 
_pdbx_phasing_MR.reflns_percent_rotation      ? 
_pdbx_phasing_MR.reflns_percent_translation   ? 
_pdbx_phasing_MR.sigma_F_rotation             ? 
_pdbx_phasing_MR.sigma_F_translation          ? 
_pdbx_phasing_MR.sigma_I_rotation             ? 
_pdbx_phasing_MR.sigma_I_translation          ? 
# 
_phasing.method   MR 
# 
loop_
_software.pdbx_ordinal 
_software.name 
_software.version 
_software.date 
_software.type 
_software.contact_author 
_software.contact_author_email 
_software.classification 
_software.location 
_software.language 
_software.citation_id 
1 XSCALE      .     ?                          package 'Wolfgang Kabsch'    ?                           'data scaling'    
http://www.mpimf-heidelberg.mpg.de/~kabsch/xds/html_doc/xscale_program.html ?          ? 
2 PHASER      2.1.4 'Thu Nov 13 10:53:32 2008' program 'Randy J. Read'      cimr-phaser@lists.cam.ac.uk phasing           
http://www-structmed.cimr.cam.ac.uk/phaser/                                 ?          ? 
3 REFMAC      .     ?                          program 'Garib N. Murshudov' garib@ysbl.york.ac.uk       refinement        
http://www.ccp4.ac.uk/dist/html/refmac5.html                                Fortran_77 ? 
4 PDB_EXTRACT 3.10  'June 10, 2010'            package PDB                  deposit@deposit.rcsb.org    'data extraction' 
http://sw-tools.pdb.org/apps/PDB_EXTRACT/                                   C++        ? 
5 BOS         .     ?                          ?       ?                    ?                           'data collection' ? ? ? 
6 XDS         .     ?                          ?       ?                    ?                           'data reduction'  ? ? ? 
# 
loop_
_pdbx_validate_torsion.id 
_pdbx_validate_torsion.PDB_model_num 
_pdbx_validate_torsion.auth_comp_id 
_pdbx_validate_torsion.auth_asym_id 
_pdbx_validate_torsion.auth_seq_id 
_pdbx_validate_torsion.PDB_ins_code 
_pdbx_validate_torsion.label_alt_id 
_pdbx_validate_torsion.phi 
_pdbx_validate_torsion.psi 
1 1 PRO A 95  ? ? -45.69 -14.26 
2 1 ILE A 109 ? ? -98.32 -98.00 
3 1 ILE A 115 ? ? 76.20  -44.60 
# 
loop_
_pdbx_unobs_or_zero_occ_atoms.id 
_pdbx_unobs_or_zero_occ_atoms.PDB_model_num 
_pdbx_unobs_or_zero_occ_atoms.polymer_flag 
_pdbx_unobs_or_zero_occ_atoms.occupancy_flag 
_pdbx_unobs_or_zero_occ_atoms.auth_asym_id 
_pdbx_unobs_or_zero_occ_atoms.auth_comp_id 
_pdbx_unobs_or_zero_occ_atoms.auth_seq_id 
_pdbx_unobs_or_zero_occ_atoms.PDB_ins_code 
_pdbx_unobs_or_zero_occ_atoms.auth_atom_id 
_pdbx_unobs_or_zero_occ_atoms.label_alt_id 
_pdbx_unobs_or_zero_occ_atoms.label_asym_id 
_pdbx_unobs_or_zero_occ_atoms.label_comp_id 
_pdbx_unobs_or_zero_occ_atoms.label_seq_id 
_pdbx_unobs_or_zero_occ_atoms.label_atom_id 
1  1 Y 1 A MET 1   ? CG  ? A MET 5   CG  
2  1 Y 1 A MET 1   ? SD  ? A MET 5   SD  
3  1 Y 1 A MET 1   ? CE  ? A MET 5   CE  
4  1 Y 1 A ARG 3   ? CG  ? A ARG 7   CG  
5  1 Y 1 A ARG 3   ? CD  ? A ARG 7   CD  
6  1 Y 1 A ARG 3   ? NE  ? A ARG 7   NE  
7  1 Y 1 A ARG 3   ? CZ  ? A ARG 7   CZ  
8  1 Y 1 A ARG 3   ? NH1 ? A ARG 7   NH1 
9  1 Y 1 A ARG 3   ? NH2 ? A ARG 7   NH2 
10 1 Y 1 A GLN 16  ? CG  ? A GLN 20  CG  
11 1 Y 1 A GLN 16  ? CD  ? A GLN 20  CD  
12 1 Y 1 A GLN 16  ? OE1 ? A GLN 20  OE1 
13 1 Y 1 A GLN 16  ? NE2 ? A GLN 20  NE2 
14 1 Y 1 A LYS 33  ? CG  ? A LYS 37  CG  
15 1 Y 1 A LYS 33  ? CD  ? A LYS 37  CD  
16 1 Y 1 A LYS 33  ? CE  ? A LYS 37  CE  
17 1 Y 1 A LYS 33  ? NZ  ? A LYS 37  NZ  
18 1 Y 1 A LYS 38  ? CG  ? A LYS 42  CG  
19 1 Y 1 A LYS 38  ? CD  ? A LYS 42  CD  
20 1 Y 1 A LYS 38  ? CE  ? A LYS 42  CE  
21 1 Y 1 A LYS 38  ? NZ  ? A LYS 42  NZ  
22 1 Y 1 A PHE 40  ? CG  ? A PHE 44  CG  
23 1 Y 1 A PHE 40  ? CD1 ? A PHE 44  CD1 
24 1 Y 1 A PHE 40  ? CD2 ? A PHE 44  CD2 
25 1 Y 1 A PHE 40  ? CE1 ? A PHE 44  CE1 
26 1 Y 1 A PHE 40  ? CE2 ? A PHE 44  CE2 
27 1 Y 1 A PHE 40  ? CZ  ? A PHE 44  CZ  
28 1 Y 1 A LYS 94  ? CG  ? A LYS 98  CG  
29 1 Y 1 A LYS 94  ? CD  ? A LYS 98  CD  
30 1 Y 1 A LYS 94  ? CE  ? A LYS 98  CE  
31 1 Y 1 A LYS 94  ? NZ  ? A LYS 98  NZ  
32 1 Y 1 A ARG 127 ? CG  ? A ARG 131 CG  
33 1 Y 1 A ARG 127 ? CD  ? A ARG 131 CD  
34 1 Y 1 A ARG 127 ? NE  ? A ARG 131 NE  
35 1 Y 1 A ARG 127 ? CZ  ? A ARG 131 CZ  
36 1 Y 1 A ARG 127 ? NH1 ? A ARG 131 NH1 
37 1 Y 1 A ARG 127 ? NH2 ? A ARG 131 NH2 
38 1 Y 1 A LYS 134 ? CG  ? A LYS 138 CG  
39 1 Y 1 A LYS 134 ? CD  ? A LYS 138 CD  
40 1 Y 1 A LYS 134 ? CE  ? A LYS 138 CE  
41 1 Y 1 A LYS 134 ? NZ  ? A LYS 138 NZ  
42 1 Y 1 A GLU 136 ? CG  ? A GLU 140 CG  
43 1 Y 1 A GLU 136 ? CD  ? A GLU 140 CD  
44 1 Y 1 A GLU 136 ? OE1 ? A GLU 140 OE1 
45 1 Y 1 A GLU 136 ? OE2 ? A GLU 140 OE2 
# 
loop_
_pdbx_unobs_or_zero_occ_residues.id 
_pdbx_unobs_or_zero_occ_residues.PDB_model_num 
_pdbx_unobs_or_zero_occ_residues.polymer_flag 
_pdbx_unobs_or_zero_occ_residues.occupancy_flag 
_pdbx_unobs_or_zero_occ_residues.auth_asym_id 
_pdbx_unobs_or_zero_occ_residues.auth_comp_id 
_pdbx_unobs_or_zero_occ_residues.auth_seq_id 
_pdbx_unobs_or_zero_occ_residues.PDB_ins_code 
_pdbx_unobs_or_zero_occ_residues.label_asym_id 
_pdbx_unobs_or_zero_occ_residues.label_comp_id 
_pdbx_unobs_or_zero_occ_residues.label_seq_id 
1  1 Y 1 A GLY -3  ? A GLY 1   
2  1 Y 1 A PRO -2  ? A PRO 2   
3  1 Y 1 A GLY -1  ? A GLY 3   
4  1 Y 1 A SER 0   ? A SER 4   
5  1 Y 1 A VAL 41  ? A VAL 45  
6  1 Y 1 A PRO 42  ? A PRO 46  
7  1 Y 1 A SER 43  ? A SER 47  
8  1 Y 1 A LYS 44  ? A LYS 48  
9  1 Y 1 A ASN 45  ? A ASN 49  
10 1 Y 1 A LEU 46  ? A LEU 50  
11 1 Y 1 A VAL 47  ? A VAL 51  
12 1 Y 1 A GLU 48  ? A GLU 52  
13 1 Y 1 A GLU 49  ? A GLU 53  
14 1 Y 1 A HIS 50  ? A HIS 54  
15 1 Y 1 A TYR 51  ? A TYR 55  
16 1 Y 1 A LYS 52  ? A LYS 56  
17 1 Y 1 A GLU 53  ? A GLU 57  
18 1 Y 1 A HIS 54  ? A HIS 58  
19 1 Y 1 A ALA 55  ? A ALA 59  
20 1 Y 1 A ALA 56  ? A ALA 60  
21 1 Y 1 A ARG 57  ? A ARG 61  
22 1 Y 1 A PRO 58  ? A PRO 62  
23 1 Y 1 A PHE 59  ? A PHE 63  
24 1 Y 1 A PHE 60  ? A PHE 64  
25 1 Y 1 A ALA 61  ? A ALA 65  
26 1 Y 1 A GLY 62  ? A GLY 66  
27 1 Y 1 A LEU 63  ? A LEU 67  
28 1 Y 1 A CYS 64  ? A CYS 68  
29 1 Y 1 A LYS 65  ? A LYS 69  
30 1 Y 1 A PHE 66  ? A PHE 70  
31 1 Y 1 A LEU 67  ? A LEU 71  
32 1 Y 1 A SER 140 ? A SER 144 
33 1 Y 1 A TRP 141 ? A TRP 145 
34 1 Y 1 A SER 142 ? A SER 146 
35 1 Y 1 A CYS 143 ? A CYS 147 
36 1 Y 1 A SER 144 ? A SER 148 
37 1 Y 1 A LEU 145 ? A LEU 149 
38 1 Y 1 A GLU 146 ? A GLU 150 
39 1 Y 1 A SER 147 ? A SER 151 
40 1 Y 1 A HIS 148 ? A HIS 152 
41 1 Y 1 A ILE 149 ? A ILE 153 
42 1 Y 1 A TYR 150 ? A TYR 154 
43 1 Y 1 A GLU 151 ? A GLU 155 
# 
loop_
_chem_comp_atom.comp_id 
_chem_comp_atom.atom_id 
_chem_comp_atom.type_symbol 
_chem_comp_atom.pdbx_aromatic_flag 
_chem_comp_atom.pdbx_stereo_config 
_chem_comp_atom.pdbx_ordinal 
ALA N    N  N N 1   
ALA CA   C  N S 2   
ALA C    C  N N 3   
ALA O    O  N N 4   
ALA CB   C  N N 5   
ALA OXT  O  N N 6   
ALA H    H  N N 7   
ALA H2   H  N N 8   
ALA HA   H  N N 9   
ALA HB1  H  N N 10  
ALA HB2  H  N N 11  
ALA HB3  H  N N 12  
ALA HXT  H  N N 13  
ARG N    N  N N 14  
ARG CA   C  N S 15  
ARG C    C  N N 16  
ARG O    O  N N 17  
ARG CB   C  N N 18  
ARG CG   C  N N 19  
ARG CD   C  N N 20  
ARG NE   N  N N 21  
ARG CZ   C  N N 22  
ARG NH1  N  N N 23  
ARG NH2  N  N N 24  
ARG OXT  O  N N 25  
ARG H    H  N N 26  
ARG H2   H  N N 27  
ARG HA   H  N N 28  
ARG HB2  H  N N 29  
ARG HB3  H  N N 30  
ARG HG2  H  N N 31  
ARG HG3  H  N N 32  
ARG HD2  H  N N 33  
ARG HD3  H  N N 34  
ARG HE   H  N N 35  
ARG HH11 H  N N 36  
ARG HH12 H  N N 37  
ARG HH21 H  N N 38  
ARG HH22 H  N N 39  
ARG HXT  H  N N 40  
ASN N    N  N N 41  
ASN CA   C  N S 42  
ASN C    C  N N 43  
ASN O    O  N N 44  
ASN CB   C  N N 45  
ASN CG   C  N N 46  
ASN OD1  O  N N 47  
ASN ND2  N  N N 48  
ASN OXT  O  N N 49  
ASN H    H  N N 50  
ASN H2   H  N N 51  
ASN HA   H  N N 52  
ASN HB2  H  N N 53  
ASN HB3  H  N N 54  
ASN HD21 H  N N 55  
ASN HD22 H  N N 56  
ASN HXT  H  N N 57  
ASP N    N  N N 58  
ASP CA   C  N S 59  
ASP C    C  N N 60  
ASP O    O  N N 61  
ASP CB   C  N N 62  
ASP CG   C  N N 63  
ASP OD1  O  N N 64  
ASP OD2  O  N N 65  
ASP OXT  O  N N 66  
ASP H    H  N N 67  
ASP H2   H  N N 68  
ASP HA   H  N N 69  
ASP HB2  H  N N 70  
ASP HB3  H  N N 71  
ASP HD2  H  N N 72  
ASP HXT  H  N N 73  
CL  CL   CL N N 74  
CYS N    N  N N 75  
CYS CA   C  N R 76  
CYS C    C  N N 77  
CYS O    O  N N 78  
CYS CB   C  N N 79  
CYS SG   S  N N 80  
CYS OXT  O  N N 81  
CYS H    H  N N 82  
CYS H2   H  N N 83  
CYS HA   H  N N 84  
CYS HB2  H  N N 85  
CYS HB3  H  N N 86  
CYS HG   H  N N 87  
CYS HXT  H  N N 88  
GLN N    N  N N 89  
GLN CA   C  N S 90  
GLN C    C  N N 91  
GLN O    O  N N 92  
GLN CB   C  N N 93  
GLN CG   C  N N 94  
GLN CD   C  N N 95  
GLN OE1  O  N N 96  
GLN NE2  N  N N 97  
GLN OXT  O  N N 98  
GLN H    H  N N 99  
GLN H2   H  N N 100 
GLN HA   H  N N 101 
GLN HB2  H  N N 102 
GLN HB3  H  N N 103 
GLN HG2  H  N N 104 
GLN HG3  H  N N 105 
GLN HE21 H  N N 106 
GLN HE22 H  N N 107 
GLN HXT  H  N N 108 
GLU N    N  N N 109 
GLU CA   C  N S 110 
GLU C    C  N N 111 
GLU O    O  N N 112 
GLU CB   C  N N 113 
GLU CG   C  N N 114 
GLU CD   C  N N 115 
GLU OE1  O  N N 116 
GLU OE2  O  N N 117 
GLU OXT  O  N N 118 
GLU H    H  N N 119 
GLU H2   H  N N 120 
GLU HA   H  N N 121 
GLU HB2  H  N N 122 
GLU HB3  H  N N 123 
GLU HG2  H  N N 124 
GLU HG3  H  N N 125 
GLU HE2  H  N N 126 
GLU HXT  H  N N 127 
GLY N    N  N N 128 
GLY CA   C  N N 129 
GLY C    C  N N 130 
GLY O    O  N N 131 
GLY OXT  O  N N 132 
GLY H    H  N N 133 
GLY H2   H  N N 134 
GLY HA2  H  N N 135 
GLY HA3  H  N N 136 
GLY HXT  H  N N 137 
HIS N    N  N N 138 
HIS CA   C  N S 139 
HIS C    C  N N 140 
HIS O    O  N N 141 
HIS CB   C  N N 142 
HIS CG   C  Y N 143 
HIS ND1  N  Y N 144 
HIS CD2  C  Y N 145 
HIS CE1  C  Y N 146 
HIS NE2  N  Y N 147 
HIS OXT  O  N N 148 
HIS H    H  N N 149 
HIS H2   H  N N 150 
HIS HA   H  N N 151 
HIS HB2  H  N N 152 
HIS HB3  H  N N 153 
HIS HD1  H  N N 154 
HIS HD2  H  N N 155 
HIS HE1  H  N N 156 
HIS HE2  H  N N 157 
HIS HXT  H  N N 158 
HOH O    O  N N 159 
HOH H1   H  N N 160 
HOH H2   H  N N 161 
ILE N    N  N N 162 
ILE CA   C  N S 163 
ILE C    C  N N 164 
ILE O    O  N N 165 
ILE CB   C  N S 166 
ILE CG1  C  N N 167 
ILE CG2  C  N N 168 
ILE CD1  C  N N 169 
ILE OXT  O  N N 170 
ILE H    H  N N 171 
ILE H2   H  N N 172 
ILE HA   H  N N 173 
ILE HB   H  N N 174 
ILE HG12 H  N N 175 
ILE HG13 H  N N 176 
ILE HG21 H  N N 177 
ILE HG22 H  N N 178 
ILE HG23 H  N N 179 
ILE HD11 H  N N 180 
ILE HD12 H  N N 181 
ILE HD13 H  N N 182 
ILE HXT  H  N N 183 
LEU N    N  N N 184 
LEU CA   C  N S 185 
LEU C    C  N N 186 
LEU O    O  N N 187 
LEU CB   C  N N 188 
LEU CG   C  N N 189 
LEU CD1  C  N N 190 
LEU CD2  C  N N 191 
LEU OXT  O  N N 192 
LEU H    H  N N 193 
LEU H2   H  N N 194 
LEU HA   H  N N 195 
LEU HB2  H  N N 196 
LEU HB3  H  N N 197 
LEU HG   H  N N 198 
LEU HD11 H  N N 199 
LEU HD12 H  N N 200 
LEU HD13 H  N N 201 
LEU HD21 H  N N 202 
LEU HD22 H  N N 203 
LEU HD23 H  N N 204 
LEU HXT  H  N N 205 
LYS N    N  N N 206 
LYS CA   C  N S 207 
LYS C    C  N N 208 
LYS O    O  N N 209 
LYS CB   C  N N 210 
LYS CG   C  N N 211 
LYS CD   C  N N 212 
LYS CE   C  N N 213 
LYS NZ   N  N N 214 
LYS OXT  O  N N 215 
LYS H    H  N N 216 
LYS H2   H  N N 217 
LYS HA   H  N N 218 
LYS HB2  H  N N 219 
LYS HB3  H  N N 220 
LYS HG2  H  N N 221 
LYS HG3  H  N N 222 
LYS HD2  H  N N 223 
LYS HD3  H  N N 224 
LYS HE2  H  N N 225 
LYS HE3  H  N N 226 
LYS HZ1  H  N N 227 
LYS HZ2  H  N N 228 
LYS HZ3  H  N N 229 
LYS HXT  H  N N 230 
MET N    N  N N 231 
MET CA   C  N S 232 
MET C    C  N N 233 
MET O    O  N N 234 
MET CB   C  N N 235 
MET CG   C  N N 236 
MET SD   S  N N 237 
MET CE   C  N N 238 
MET OXT  O  N N 239 
MET H    H  N N 240 
MET H2   H  N N 241 
MET HA   H  N N 242 
MET HB2  H  N N 243 
MET HB3  H  N N 244 
MET HG2  H  N N 245 
MET HG3  H  N N 246 
MET HE1  H  N N 247 
MET HE2  H  N N 248 
MET HE3  H  N N 249 
MET HXT  H  N N 250 
PHE N    N  N N 251 
PHE CA   C  N S 252 
PHE C    C  N N 253 
PHE O    O  N N 254 
PHE CB   C  N N 255 
PHE CG   C  Y N 256 
PHE CD1  C  Y N 257 
PHE CD2  C  Y N 258 
PHE CE1  C  Y N 259 
PHE CE2  C  Y N 260 
PHE CZ   C  Y N 261 
PHE OXT  O  N N 262 
PHE H    H  N N 263 
PHE H2   H  N N 264 
PHE HA   H  N N 265 
PHE HB2  H  N N 266 
PHE HB3  H  N N 267 
PHE HD1  H  N N 268 
PHE HD2  H  N N 269 
PHE HE1  H  N N 270 
PHE HE2  H  N N 271 
PHE HZ   H  N N 272 
PHE HXT  H  N N 273 
PRO N    N  N N 274 
PRO CA   C  N S 275 
PRO C    C  N N 276 
PRO O    O  N N 277 
PRO CB   C  N N 278 
PRO CG   C  N N 279 
PRO CD   C  N N 280 
PRO OXT  O  N N 281 
PRO H    H  N N 282 
PRO HA   H  N N 283 
PRO HB2  H  N N 284 
PRO HB3  H  N N 285 
PRO HG2  H  N N 286 
PRO HG3  H  N N 287 
PRO HD2  H  N N 288 
PRO HD3  H  N N 289 
PRO HXT  H  N N 290 
SER N    N  N N 291 
SER CA   C  N S 292 
SER C    C  N N 293 
SER O    O  N N 294 
SER CB   C  N N 295 
SER OG   O  N N 296 
SER OXT  O  N N 297 
SER H    H  N N 298 
SER H2   H  N N 299 
SER HA   H  N N 300 
SER HB2  H  N N 301 
SER HB3  H  N N 302 
SER HG   H  N N 303 
SER HXT  H  N N 304 
THR N    N  N N 305 
THR CA   C  N S 306 
THR C    C  N N 307 
THR O    O  N N 308 
THR CB   C  N R 309 
THR OG1  O  N N 310 
THR CG2  C  N N 311 
THR OXT  O  N N 312 
THR H    H  N N 313 
THR H2   H  N N 314 
THR HA   H  N N 315 
THR HB   H  N N 316 
THR HG1  H  N N 317 
THR HG21 H  N N 318 
THR HG22 H  N N 319 
THR HG23 H  N N 320 
THR HXT  H  N N 321 
TRP N    N  N N 322 
TRP CA   C  N S 323 
TRP C    C  N N 324 
TRP O    O  N N 325 
TRP CB   C  N N 326 
TRP CG   C  Y N 327 
TRP CD1  C  Y N 328 
TRP CD2  C  Y N 329 
TRP NE1  N  Y N 330 
TRP CE2  C  Y N 331 
TRP CE3  C  Y N 332 
TRP CZ2  C  Y N 333 
TRP CZ3  C  Y N 334 
TRP CH2  C  Y N 335 
TRP OXT  O  N N 336 
TRP H    H  N N 337 
TRP H2   H  N N 338 
TRP HA   H  N N 339 
TRP HB2  H  N N 340 
TRP HB3  H  N N 341 
TRP HD1  H  N N 342 
TRP HE1  H  N N 343 
TRP HE3  H  N N 344 
TRP HZ2  H  N N 345 
TRP HZ3  H  N N 346 
TRP HH2  H  N N 347 
TRP HXT  H  N N 348 
TYR N    N  N N 349 
TYR CA   C  N S 350 
TYR C    C  N N 351 
TYR O    O  N N 352 
TYR CB   C  N N 353 
TYR CG   C  Y N 354 
TYR CD1  C  Y N 355 
TYR CD2  C  Y N 356 
TYR CE1  C  Y N 357 
TYR CE2  C  Y N 358 
TYR CZ   C  Y N 359 
TYR OH   O  N N 360 
TYR OXT  O  N N 361 
TYR H    H  N N 362 
TYR H2   H  N N 363 
TYR HA   H  N N 364 
TYR HB2  H  N N 365 
TYR HB3  H  N N 366 
TYR HD1  H  N N 367 
TYR HD2  H  N N 368 
TYR HE1  H  N N 369 
TYR HE2  H  N N 370 
TYR HH   H  N N 371 
TYR HXT  H  N N 372 
VAL N    N  N N 373 
VAL CA   C  N S 374 
VAL C    C  N N 375 
VAL O    O  N N 376 
VAL CB   C  N N 377 
VAL CG1  C  N N 378 
VAL CG2  C  N N 379 
VAL OXT  O  N N 380 
VAL H    H  N N 381 
VAL H2   H  N N 382 
VAL HA   H  N N 383 
VAL HB   H  N N 384 
VAL HG11 H  N N 385 
VAL HG12 H  N N 386 
VAL HG13 H  N N 387 
VAL HG21 H  N N 388 
VAL HG22 H  N N 389 
VAL HG23 H  N N 390 
VAL HXT  H  N N 391 
# 
loop_
_chem_comp_bond.comp_id 
_chem_comp_bond.atom_id_1 
_chem_comp_bond.atom_id_2 
_chem_comp_bond.value_order 
_chem_comp_bond.pdbx_aromatic_flag 
_chem_comp_bond.pdbx_stereo_config 
_chem_comp_bond.pdbx_ordinal 
ALA N   CA   sing N N 1   
ALA N   H    sing N N 2   
ALA N   H2   sing N N 3   
ALA CA  C    sing N N 4   
ALA CA  CB   sing N N 5   
ALA CA  HA   sing N N 6   
ALA C   O    doub N N 7   
ALA C   OXT  sing N N 8   
ALA CB  HB1  sing N N 9   
ALA CB  HB2  sing N N 10  
ALA CB  HB3  sing N N 11  
ALA OXT HXT  sing N N 12  
ARG N   CA   sing N N 13  
ARG N   H    sing N N 14  
ARG N   H2   sing N N 15  
ARG CA  C    sing N N 16  
ARG CA  CB   sing N N 17  
ARG CA  HA   sing N N 18  
ARG C   O    doub N N 19  
ARG C   OXT  sing N N 20  
ARG CB  CG   sing N N 21  
ARG CB  HB2  sing N N 22  
ARG CB  HB3  sing N N 23  
ARG CG  CD   sing N N 24  
ARG CG  HG2  sing N N 25  
ARG CG  HG3  sing N N 26  
ARG CD  NE   sing N N 27  
ARG CD  HD2  sing N N 28  
ARG CD  HD3  sing N N 29  
ARG NE  CZ   sing N N 30  
ARG NE  HE   sing N N 31  
ARG CZ  NH1  sing N N 32  
ARG CZ  NH2  doub N N 33  
ARG NH1 HH11 sing N N 34  
ARG NH1 HH12 sing N N 35  
ARG NH2 HH21 sing N N 36  
ARG NH2 HH22 sing N N 37  
ARG OXT HXT  sing N N 38  
ASN N   CA   sing N N 39  
ASN N   H    sing N N 40  
ASN N   H2   sing N N 41  
ASN CA  C    sing N N 42  
ASN CA  CB   sing N N 43  
ASN CA  HA   sing N N 44  
ASN C   O    doub N N 45  
ASN C   OXT  sing N N 46  
ASN CB  CG   sing N N 47  
ASN CB  HB2  sing N N 48  
ASN CB  HB3  sing N N 49  
ASN CG  OD1  doub N N 50  
ASN CG  ND2  sing N N 51  
ASN ND2 HD21 sing N N 52  
ASN ND2 HD22 sing N N 53  
ASN OXT HXT  sing N N 54  
ASP N   CA   sing N N 55  
ASP N   H    sing N N 56  
ASP N   H2   sing N N 57  
ASP CA  C    sing N N 58  
ASP CA  CB   sing N N 59  
ASP CA  HA   sing N N 60  
ASP C   O    doub N N 61  
ASP C   OXT  sing N N 62  
ASP CB  CG   sing N N 63  
ASP CB  HB2  sing N N 64  
ASP CB  HB3  sing N N 65  
ASP CG  OD1  doub N N 66  
ASP CG  OD2  sing N N 67  
ASP OD2 HD2  sing N N 68  
ASP OXT HXT  sing N N 69  
CYS N   CA   sing N N 70  
CYS N   H    sing N N 71  
CYS N   H2   sing N N 72  
CYS CA  C    sing N N 73  
CYS CA  CB   sing N N 74  
CYS CA  HA   sing N N 75  
CYS C   O    doub N N 76  
CYS C   OXT  sing N N 77  
CYS CB  SG   sing N N 78  
CYS CB  HB2  sing N N 79  
CYS CB  HB3  sing N N 80  
CYS SG  HG   sing N N 81  
CYS OXT HXT  sing N N 82  
GLN N   CA   sing N N 83  
GLN N   H    sing N N 84  
GLN N   H2   sing N N 85  
GLN CA  C    sing N N 86  
GLN CA  CB   sing N N 87  
GLN CA  HA   sing N N 88  
GLN C   O    doub N N 89  
GLN C   OXT  sing N N 90  
GLN CB  CG   sing N N 91  
GLN CB  HB2  sing N N 92  
GLN CB  HB3  sing N N 93  
GLN CG  CD   sing N N 94  
GLN CG  HG2  sing N N 95  
GLN CG  HG3  sing N N 96  
GLN CD  OE1  doub N N 97  
GLN CD  NE2  sing N N 98  
GLN NE2 HE21 sing N N 99  
GLN NE2 HE22 sing N N 100 
GLN OXT HXT  sing N N 101 
GLU N   CA   sing N N 102 
GLU N   H    sing N N 103 
GLU N   H2   sing N N 104 
GLU CA  C    sing N N 105 
GLU CA  CB   sing N N 106 
GLU CA  HA   sing N N 107 
GLU C   O    doub N N 108 
GLU C   OXT  sing N N 109 
GLU CB  CG   sing N N 110 
GLU CB  HB2  sing N N 111 
GLU CB  HB3  sing N N 112 
GLU CG  CD   sing N N 113 
GLU CG  HG2  sing N N 114 
GLU CG  HG3  sing N N 115 
GLU CD  OE1  doub N N 116 
GLU CD  OE2  sing N N 117 
GLU OE2 HE2  sing N N 118 
GLU OXT HXT  sing N N 119 
GLY N   CA   sing N N 120 
GLY N   H    sing N N 121 
GLY N   H2   sing N N 122 
GLY CA  C    sing N N 123 
GLY CA  HA2  sing N N 124 
GLY CA  HA3  sing N N 125 
GLY C   O    doub N N 126 
GLY C   OXT  sing N N 127 
GLY OXT HXT  sing N N 128 
HIS N   CA   sing N N 129 
HIS N   H    sing N N 130 
HIS N   H2   sing N N 131 
HIS CA  C    sing N N 132 
HIS CA  CB   sing N N 133 
HIS CA  HA   sing N N 134 
HIS C   O    doub N N 135 
HIS C   OXT  sing N N 136 
HIS CB  CG   sing N N 137 
HIS CB  HB2  sing N N 138 
HIS CB  HB3  sing N N 139 
HIS CG  ND1  sing Y N 140 
HIS CG  CD2  doub Y N 141 
HIS ND1 CE1  doub Y N 142 
HIS ND1 HD1  sing N N 143 
HIS CD2 NE2  sing Y N 144 
HIS CD2 HD2  sing N N 145 
HIS CE1 NE2  sing Y N 146 
HIS CE1 HE1  sing N N 147 
HIS NE2 HE2  sing N N 148 
HIS OXT HXT  sing N N 149 
HOH O   H1   sing N N 150 
HOH O   H2   sing N N 151 
ILE N   CA   sing N N 152 
ILE N   H    sing N N 153 
ILE N   H2   sing N N 154 
ILE CA  C    sing N N 155 
ILE CA  CB   sing N N 156 
ILE CA  HA   sing N N 157 
ILE C   O    doub N N 158 
ILE C   OXT  sing N N 159 
ILE CB  CG1  sing N N 160 
ILE CB  CG2  sing N N 161 
ILE CB  HB   sing N N 162 
ILE CG1 CD1  sing N N 163 
ILE CG1 HG12 sing N N 164 
ILE CG1 HG13 sing N N 165 
ILE CG2 HG21 sing N N 166 
ILE CG2 HG22 sing N N 167 
ILE CG2 HG23 sing N N 168 
ILE CD1 HD11 sing N N 169 
ILE CD1 HD12 sing N N 170 
ILE CD1 HD13 sing N N 171 
ILE OXT HXT  sing N N 172 
LEU N   CA   sing N N 173 
LEU N   H    sing N N 174 
LEU N   H2   sing N N 175 
LEU CA  C    sing N N 176 
LEU CA  CB   sing N N 177 
LEU CA  HA   sing N N 178 
LEU C   O    doub N N 179 
LEU C   OXT  sing N N 180 
LEU CB  CG   sing N N 181 
LEU CB  HB2  sing N N 182 
LEU CB  HB3  sing N N 183 
LEU CG  CD1  sing N N 184 
LEU CG  CD2  sing N N 185 
LEU CG  HG   sing N N 186 
LEU CD1 HD11 sing N N 187 
LEU CD1 HD12 sing N N 188 
LEU CD1 HD13 sing N N 189 
LEU CD2 HD21 sing N N 190 
LEU CD2 HD22 sing N N 191 
LEU CD2 HD23 sing N N 192 
LEU OXT HXT  sing N N 193 
LYS N   CA   sing N N 194 
LYS N   H    sing N N 195 
LYS N   H2   sing N N 196 
LYS CA  C    sing N N 197 
LYS CA  CB   sing N N 198 
LYS CA  HA   sing N N 199 
LYS C   O    doub N N 200 
LYS C   OXT  sing N N 201 
LYS CB  CG   sing N N 202 
LYS CB  HB2  sing N N 203 
LYS CB  HB3  sing N N 204 
LYS CG  CD   sing N N 205 
LYS CG  HG2  sing N N 206 
LYS CG  HG3  sing N N 207 
LYS CD  CE   sing N N 208 
LYS CD  HD2  sing N N 209 
LYS CD  HD3  sing N N 210 
LYS CE  NZ   sing N N 211 
LYS CE  HE2  sing N N 212 
LYS CE  HE3  sing N N 213 
LYS NZ  HZ1  sing N N 214 
LYS NZ  HZ2  sing N N 215 
LYS NZ  HZ3  sing N N 216 
LYS OXT HXT  sing N N 217 
MET N   CA   sing N N 218 
MET N   H    sing N N 219 
MET N   H2   sing N N 220 
MET CA  C    sing N N 221 
MET CA  CB   sing N N 222 
MET CA  HA   sing N N 223 
MET C   O    doub N N 224 
MET C   OXT  sing N N 225 
MET CB  CG   sing N N 226 
MET CB  HB2  sing N N 227 
MET CB  HB3  sing N N 228 
MET CG  SD   sing N N 229 
MET CG  HG2  sing N N 230 
MET CG  HG3  sing N N 231 
MET SD  CE   sing N N 232 
MET CE  HE1  sing N N 233 
MET CE  HE2  sing N N 234 
MET CE  HE3  sing N N 235 
MET OXT HXT  sing N N 236 
PHE N   CA   sing N N 237 
PHE N   H    sing N N 238 
PHE N   H2   sing N N 239 
PHE CA  C    sing N N 240 
PHE CA  CB   sing N N 241 
PHE CA  HA   sing N N 242 
PHE C   O    doub N N 243 
PHE C   OXT  sing N N 244 
PHE CB  CG   sing N N 245 
PHE CB  HB2  sing N N 246 
PHE CB  HB3  sing N N 247 
PHE CG  CD1  doub Y N 248 
PHE CG  CD2  sing Y N 249 
PHE CD1 CE1  sing Y N 250 
PHE CD1 HD1  sing N N 251 
PHE CD2 CE2  doub Y N 252 
PHE CD2 HD2  sing N N 253 
PHE CE1 CZ   doub Y N 254 
PHE CE1 HE1  sing N N 255 
PHE CE2 CZ   sing Y N 256 
PHE CE2 HE2  sing N N 257 
PHE CZ  HZ   sing N N 258 
PHE OXT HXT  sing N N 259 
PRO N   CA   sing N N 260 
PRO N   CD   sing N N 261 
PRO N   H    sing N N 262 
PRO CA  C    sing N N 263 
PRO CA  CB   sing N N 264 
PRO CA  HA   sing N N 265 
PRO C   O    doub N N 266 
PRO C   OXT  sing N N 267 
PRO CB  CG   sing N N 268 
PRO CB  HB2  sing N N 269 
PRO CB  HB3  sing N N 270 
PRO CG  CD   sing N N 271 
PRO CG  HG2  sing N N 272 
PRO CG  HG3  sing N N 273 
PRO CD  HD2  sing N N 274 
PRO CD  HD3  sing N N 275 
PRO OXT HXT  sing N N 276 
SER N   CA   sing N N 277 
SER N   H    sing N N 278 
SER N   H2   sing N N 279 
SER CA  C    sing N N 280 
SER CA  CB   sing N N 281 
SER CA  HA   sing N N 282 
SER C   O    doub N N 283 
SER C   OXT  sing N N 284 
SER CB  OG   sing N N 285 
SER CB  HB2  sing N N 286 
SER CB  HB3  sing N N 287 
SER OG  HG   sing N N 288 
SER OXT HXT  sing N N 289 
THR N   CA   sing N N 290 
THR N   H    sing N N 291 
THR N   H2   sing N N 292 
THR CA  C    sing N N 293 
THR CA  CB   sing N N 294 
THR CA  HA   sing N N 295 
THR C   O    doub N N 296 
THR C   OXT  sing N N 297 
THR CB  OG1  sing N N 298 
THR CB  CG2  sing N N 299 
THR CB  HB   sing N N 300 
THR OG1 HG1  sing N N 301 
THR CG2 HG21 sing N N 302 
THR CG2 HG22 sing N N 303 
THR CG2 HG23 sing N N 304 
THR OXT HXT  sing N N 305 
TRP N   CA   sing N N 306 
TRP N   H    sing N N 307 
TRP N   H2   sing N N 308 
TRP CA  C    sing N N 309 
TRP CA  CB   sing N N 310 
TRP CA  HA   sing N N 311 
TRP C   O    doub N N 312 
TRP C   OXT  sing N N 313 
TRP CB  CG   sing N N 314 
TRP CB  HB2  sing N N 315 
TRP CB  HB3  sing N N 316 
TRP CG  CD1  doub Y N 317 
TRP CG  CD2  sing Y N 318 
TRP CD1 NE1  sing Y N 319 
TRP CD1 HD1  sing N N 320 
TRP CD2 CE2  doub Y N 321 
TRP CD2 CE3  sing Y N 322 
TRP NE1 CE2  sing Y N 323 
TRP NE1 HE1  sing N N 324 
TRP CE2 CZ2  sing Y N 325 
TRP CE3 CZ3  doub Y N 326 
TRP CE3 HE3  sing N N 327 
TRP CZ2 CH2  doub Y N 328 
TRP CZ2 HZ2  sing N N 329 
TRP CZ3 CH2  sing Y N 330 
TRP CZ3 HZ3  sing N N 331 
TRP CH2 HH2  sing N N 332 
TRP OXT HXT  sing N N 333 
TYR N   CA   sing N N 334 
TYR N   H    sing N N 335 
TYR N   H2   sing N N 336 
TYR CA  C    sing N N 337 
TYR CA  CB   sing N N 338 
TYR CA  HA   sing N N 339 
TYR C   O    doub N N 340 
TYR C   OXT  sing N N 341 
TYR CB  CG   sing N N 342 
TYR CB  HB2  sing N N 343 
TYR CB  HB3  sing N N 344 
TYR CG  CD1  doub Y N 345 
TYR CG  CD2  sing Y N 346 
TYR CD1 CE1  sing Y N 347 
TYR CD1 HD1  sing N N 348 
TYR CD2 CE2  doub Y N 349 
TYR CD2 HD2  sing N N 350 
TYR CE1 CZ   doub Y N 351 
TYR CE1 HE1  sing N N 352 
TYR CE2 CZ   sing Y N 353 
TYR CE2 HE2  sing N N 354 
TYR CZ  OH   sing N N 355 
TYR OH  HH   sing N N 356 
TYR OXT HXT  sing N N 357 
VAL N   CA   sing N N 358 
VAL N   H    sing N N 359 
VAL N   H2   sing N N 360 
VAL CA  C    sing N N 361 
VAL CA  CB   sing N N 362 
VAL CA  HA   sing N N 363 
VAL C   O    doub N N 364 
VAL C   OXT  sing N N 365 
VAL CB  CG1  sing N N 366 
VAL CB  CG2  sing N N 367 
VAL CB  HB   sing N N 368 
VAL CG1 HG11 sing N N 369 
VAL CG1 HG12 sing N N 370 
VAL CG1 HG13 sing N N 371 
VAL CG2 HG21 sing N N 372 
VAL CG2 HG22 sing N N 373 
VAL CG2 HG23 sing N N 374 
VAL OXT HXT  sing N N 375 
# 
loop_
_pdbx_entity_nonpoly.entity_id 
_pdbx_entity_nonpoly.name 
_pdbx_entity_nonpoly.comp_id 
2 'CHLORIDE ION' CL  
3 water          HOH 
# 
_pdbx_initial_refinement_model.id               1 
_pdbx_initial_refinement_model.entity_id_list   ? 
_pdbx_initial_refinement_model.type             'experimental model' 
_pdbx_initial_refinement_model.source_name      PDB 
_pdbx_initial_refinement_model.accession_code   1NPK 
_pdbx_initial_refinement_model.details          'PDB ENTRY 1NPK' 
# 
